data_3UC8
# 
_entry.id   3UC8 
# 
_audit_conform.dict_name       mmcif_pdbx.dic 
_audit_conform.dict_version    5.397 
_audit_conform.dict_location   http://mmcif.pdb.org/dictionaries/ascii/mmcif_pdbx.dic 
# 
loop_
_database_2.database_id 
_database_2.database_code 
_database_2.pdbx_database_accession 
_database_2.pdbx_DOI 
PDB   3UC8         pdb_00003uc8 10.2210/pdb3uc8/pdb 
RCSB  RCSB068571   ?            ?                   
WWPDB D_1000068571 ?            ?                   
# 
loop_
_pdbx_audit_revision_history.ordinal 
_pdbx_audit_revision_history.data_content_type 
_pdbx_audit_revision_history.major_revision 
_pdbx_audit_revision_history.minor_revision 
_pdbx_audit_revision_history.revision_date 
1 'Structure model' 1 0 2012-07-18 
2 'Structure model' 1 1 2012-08-01 
3 'Structure model' 1 2 2012-08-15 
4 'Structure model' 1 3 2017-11-08 
5 'Structure model' 1 4 2023-09-13 
6 'Structure model' 1 5 2024-10-30 
# 
_pdbx_audit_revision_details.ordinal             1 
_pdbx_audit_revision_details.revision_ordinal    1 
_pdbx_audit_revision_details.data_content_type   'Structure model' 
_pdbx_audit_revision_details.provider            repository 
_pdbx_audit_revision_details.type                'Initial release' 
_pdbx_audit_revision_details.description         ? 
_pdbx_audit_revision_details.details             ? 
# 
loop_
_pdbx_audit_revision_group.ordinal 
_pdbx_audit_revision_group.revision_ordinal 
_pdbx_audit_revision_group.data_content_type 
_pdbx_audit_revision_group.group 
1 2 'Structure model' 'Database references'    
2 3 'Structure model' 'Database references'    
3 4 'Structure model' 'Refinement description' 
4 5 'Structure model' 'Data collection'        
5 5 'Structure model' 'Database references'    
6 5 'Structure model' 'Derived calculations'   
7 5 'Structure model' 'Refinement description' 
8 6 'Structure model' 'Structure summary'      
# 
loop_
_pdbx_audit_revision_category.ordinal 
_pdbx_audit_revision_category.revision_ordinal 
_pdbx_audit_revision_category.data_content_type 
_pdbx_audit_revision_category.category 
1 4 'Structure model' software                      
2 5 'Structure model' chem_comp_atom                
3 5 'Structure model' chem_comp_bond                
4 5 'Structure model' database_2                    
5 5 'Structure model' pdbx_initial_refinement_model 
6 5 'Structure model' struct_conn                   
7 5 'Structure model' struct_site                   
8 6 'Structure model' pdbx_entry_details            
9 6 'Structure model' pdbx_modification_feature     
# 
loop_
_pdbx_audit_revision_item.ordinal 
_pdbx_audit_revision_item.revision_ordinal 
_pdbx_audit_revision_item.data_content_type 
_pdbx_audit_revision_item.item 
1  4 'Structure model' '_software.classification'            
2  4 'Structure model' '_software.contact_author'            
3  4 'Structure model' '_software.contact_author_email'      
4  4 'Structure model' '_software.date'                      
5  4 'Structure model' '_software.language'                  
6  4 'Structure model' '_software.location'                  
7  4 'Structure model' '_software.name'                      
8  4 'Structure model' '_software.type'                      
9  4 'Structure model' '_software.version'                   
10 5 'Structure model' '_database_2.pdbx_DOI'                
11 5 'Structure model' '_database_2.pdbx_database_accession' 
12 5 'Structure model' '_struct_conn.pdbx_leaving_atom_flag' 
13 5 'Structure model' '_struct_site.pdbx_auth_asym_id'      
14 5 'Structure model' '_struct_site.pdbx_auth_comp_id'      
15 5 'Structure model' '_struct_site.pdbx_auth_seq_id'       
# 
_pdbx_database_status.entry_id                        3UC8 
_pdbx_database_status.deposit_site                    RCSB 
_pdbx_database_status.process_site                    RCSB 
_pdbx_database_status.recvd_initial_deposition_date   2011-10-26 
_pdbx_database_status.status_code                     REL 
_pdbx_database_status.status_code_sf                  REL 
_pdbx_database_status.status_code_mr                  ? 
_pdbx_database_status.SG_entry                        ? 
_pdbx_database_status.status_code_cs                  ? 
_pdbx_database_status.methods_development_category    ? 
_pdbx_database_status.pdb_format_compatible           Y 
_pdbx_database_status.status_code_nmr_data            ? 
# 
loop_
_pdbx_database_related.db_name 
_pdbx_database_related.db_id 
_pdbx_database_related.details 
_pdbx_database_related.content_type 
PDB 3UC7 . unspecified 
PDB 2LL5 . unspecified 
# 
loop_
_audit_author.name 
_audit_author.pdbx_ordinal 
'Scian, M.'      1 
'Le Trong, I.'   2 
'Stenkamp, R.E.' 3 
'Andersen, N.H.' 4 
# 
_citation.id                        primary 
_citation.title                     
'Crystal and NMR structures of a Trp-cage mini-protein benchmark for computational fold prediction.' 
_citation.journal_abbrev            Proc.Natl.Acad.Sci.USA 
_citation.journal_volume            109 
_citation.page_first                12521 
_citation.page_last                 12525 
_citation.year                      2012 
_citation.journal_id_ASTM           PNASA6 
_citation.country                   US 
_citation.journal_id_ISSN           0027-8424 
_citation.journal_id_CSD            0040 
_citation.book_publisher            ? 
_citation.pdbx_database_id_PubMed   22802678 
_citation.pdbx_database_id_DOI      10.1073/pnas.1121421109 
# 
loop_
_citation_author.citation_id 
_citation_author.name 
_citation_author.ordinal 
_citation_author.identifier_ORCID 
primary 'Scian, M.'        1 ? 
primary 'Lin, J.C.'        2 ? 
primary 'Le Trong, I.'     3 ? 
primary 'Makhatadze, G.I.' 4 ? 
primary 'Stenkamp, R.E.'   5 ? 
primary 'Andersen, N.H.'   6 ? 
# 
loop_
_entity.id 
_entity.type 
_entity.src_method 
_entity.pdbx_description 
_entity.formula_weight 
_entity.pdbx_number_of_molecules 
_entity.pdbx_ec 
_entity.pdbx_mutation 
_entity.pdbx_fragment 
_entity.details 
1 polymer     syn cyclo-TC1                                2144.240 3   ? ? ? ? 
2 non-polymer syn 2-AMINO-2-HYDROXYMETHYL-PROPANE-1,3-DIOL 122.143  1   ? ? ? ? 
3 water       nat water                                    18.015   102 ? ? ? ? 
# 
_entity_poly.entity_id                      1 
_entity_poly.type                           'polypeptide(L)' 
_entity_poly.nstd_linkage                   no 
_entity_poly.nstd_monomer                   no 
_entity_poly.pdbx_seq_one_letter_code       GDAYAQWLADGGPSSGRPPPSG 
_entity_poly.pdbx_seq_one_letter_code_can   GDAYAQWLADGGPSSGRPPPSG 
_entity_poly.pdbx_strand_id                 A,B,C 
_entity_poly.pdbx_target_identifier         ? 
# 
loop_
_pdbx_entity_nonpoly.entity_id 
_pdbx_entity_nonpoly.name 
_pdbx_entity_nonpoly.comp_id 
2 2-AMINO-2-HYDROXYMETHYL-PROPANE-1,3-DIOL TRS 
3 water                                    HOH 
# 
loop_
_entity_poly_seq.entity_id 
_entity_poly_seq.num 
_entity_poly_seq.mon_id 
_entity_poly_seq.hetero 
1 1  GLY n 
1 2  ASP n 
1 3  ALA n 
1 4  TYR n 
1 5  ALA n 
1 6  GLN n 
1 7  TRP n 
1 8  LEU n 
1 9  ALA n 
1 10 ASP n 
1 11 GLY n 
1 12 GLY n 
1 13 PRO n 
1 14 SER n 
1 15 SER n 
1 16 GLY n 
1 17 ARG n 
1 18 PRO n 
1 19 PRO n 
1 20 PRO n 
1 21 SER n 
1 22 GLY n 
# 
_pdbx_entity_src_syn.entity_id              1 
_pdbx_entity_src_syn.pdbx_src_id            1 
_pdbx_entity_src_syn.pdbx_alt_source_flag   sample 
_pdbx_entity_src_syn.pdbx_beg_seq_num       ? 
_pdbx_entity_src_syn.pdbx_end_seq_num       ? 
_pdbx_entity_src_syn.organism_scientific    ? 
_pdbx_entity_src_syn.organism_common_name   ? 
_pdbx_entity_src_syn.ncbi_taxonomy_id       ? 
_pdbx_entity_src_syn.details                'solid-phase synthesis and cyclization' 
# 
loop_
_chem_comp.id 
_chem_comp.type 
_chem_comp.mon_nstd_flag 
_chem_comp.name 
_chem_comp.pdbx_synonyms 
_chem_comp.formula 
_chem_comp.formula_weight 
ALA 'L-peptide linking' y ALANINE                                  ?             'C3 H7 N O2'     89.093  
ARG 'L-peptide linking' y ARGININE                                 ?             'C6 H15 N4 O2 1' 175.209 
ASP 'L-peptide linking' y 'ASPARTIC ACID'                          ?             'C4 H7 N O4'     133.103 
GLN 'L-peptide linking' y GLUTAMINE                                ?             'C5 H10 N2 O3'   146.144 
GLY 'peptide linking'   y GLYCINE                                  ?             'C2 H5 N O2'     75.067  
HOH non-polymer         . WATER                                    ?             'H2 O'           18.015  
LEU 'L-peptide linking' y LEUCINE                                  ?             'C6 H13 N O2'    131.173 
PRO 'L-peptide linking' y PROLINE                                  ?             'C5 H9 N O2'     115.130 
SER 'L-peptide linking' y SERINE                                   ?             'C3 H7 N O3'     105.093 
TRP 'L-peptide linking' y TRYPTOPHAN                               ?             'C11 H12 N2 O2'  204.225 
TRS non-polymer         . 2-AMINO-2-HYDROXYMETHYL-PROPANE-1,3-DIOL 'TRIS BUFFER' 'C4 H12 N O3 1'  122.143 
TYR 'L-peptide linking' y TYROSINE                                 ?             'C9 H11 N O3'    181.189 
# 
loop_
_pdbx_poly_seq_scheme.asym_id 
_pdbx_poly_seq_scheme.entity_id 
_pdbx_poly_seq_scheme.seq_id 
_pdbx_poly_seq_scheme.mon_id 
_pdbx_poly_seq_scheme.ndb_seq_num 
_pdbx_poly_seq_scheme.pdb_seq_num 
_pdbx_poly_seq_scheme.auth_seq_num 
_pdbx_poly_seq_scheme.pdb_mon_id 
_pdbx_poly_seq_scheme.auth_mon_id 
_pdbx_poly_seq_scheme.pdb_strand_id 
_pdbx_poly_seq_scheme.pdb_ins_code 
_pdbx_poly_seq_scheme.hetero 
A 1 1  GLY 1  -1 -1 GLY GLY A . n 
A 1 2  ASP 2  1  1  ASP ASP A . n 
A 1 3  ALA 3  2  2  ALA ALA A . n 
A 1 4  TYR 4  3  3  TYR TYR A . n 
A 1 5  ALA 5  4  4  ALA ALA A . n 
A 1 6  GLN 6  5  5  GLN GLN A . n 
A 1 7  TRP 7  6  6  TRP TRP A . n 
A 1 8  LEU 8  7  7  LEU LEU A . n 
A 1 9  ALA 9  8  8  ALA ALA A . n 
A 1 10 ASP 10 9  9  ASP ASP A . n 
A 1 11 GLY 11 10 10 GLY GLY A . n 
A 1 12 GLY 12 11 11 GLY GLY A . n 
A 1 13 PRO 13 12 12 PRO PRO A . n 
A 1 14 SER 14 13 13 SER SER A . n 
A 1 15 SER 15 14 14 SER SER A . n 
A 1 16 GLY 16 15 15 GLY GLY A . n 
A 1 17 ARG 17 16 16 ARG ARG A . n 
A 1 18 PRO 18 17 17 PRO PRO A . n 
A 1 19 PRO 19 18 18 PRO PRO A . n 
A 1 20 PRO 20 19 19 PRO PRO A . n 
A 1 21 SER 21 20 20 SER SER A . n 
A 1 22 GLY 22 21 21 GLY GLY A . n 
B 1 1  GLY 1  -1 -1 GLY GLY B . n 
B 1 2  ASP 2  1  1  ASP ASP B . n 
B 1 3  ALA 3  2  2  ALA ALA B . n 
B 1 4  TYR 4  3  3  TYR TYR B . n 
B 1 5  ALA 5  4  4  ALA ALA B . n 
B 1 6  GLN 6  5  5  GLN GLN B . n 
B 1 7  TRP 7  6  6  TRP TRP B . n 
B 1 8  LEU 8  7  7  LEU LEU B . n 
B 1 9  ALA 9  8  8  ALA ALA B . n 
B 1 10 ASP 10 9  9  ASP ASP B . n 
B 1 11 GLY 11 10 10 GLY GLY B . n 
B 1 12 GLY 12 11 11 GLY GLY B . n 
B 1 13 PRO 13 12 12 PRO PRO B . n 
B 1 14 SER 14 13 13 SER SER B . n 
B 1 15 SER 15 14 14 SER SER B . n 
B 1 16 GLY 16 15 15 GLY GLY B . n 
B 1 17 ARG 17 16 16 ARG ARG B . n 
B 1 18 PRO 18 17 17 PRO PRO B . n 
B 1 19 PRO 19 18 18 PRO PRO B . n 
B 1 20 PRO 20 19 19 PRO PRO B . n 
B 1 21 SER 21 20 20 SER SER B . n 
B 1 22 GLY 22 21 21 GLY GLY B . n 
C 1 1  GLY 1  -1 -1 GLY GLY C . n 
C 1 2  ASP 2  1  1  ASP ASP C . n 
C 1 3  ALA 3  2  2  ALA ALA C . n 
C 1 4  TYR 4  3  3  TYR TYR C . n 
C 1 5  ALA 5  4  4  ALA ALA C . n 
C 1 6  GLN 6  5  5  GLN GLN C . n 
C 1 7  TRP 7  6  6  TRP TRP C . n 
C 1 8  LEU 8  7  7  LEU LEU C . n 
C 1 9  ALA 9  8  8  ALA ALA C . n 
C 1 10 ASP 10 9  9  ASP ASP C . n 
C 1 11 GLY 11 10 10 GLY GLY C . n 
C 1 12 GLY 12 11 11 GLY GLY C . n 
C 1 13 PRO 13 12 12 PRO PRO C . n 
C 1 14 SER 14 13 13 SER SER C . n 
C 1 15 SER 15 14 14 SER SER C . n 
C 1 16 GLY 16 15 15 GLY GLY C . n 
C 1 17 ARG 17 16 16 ARG ARG C . n 
C 1 18 PRO 18 17 17 PRO PRO C . n 
C 1 19 PRO 19 18 18 PRO PRO C . n 
C 1 20 PRO 20 19 19 PRO PRO C . n 
C 1 21 SER 21 20 20 SER SER C . n 
C 1 22 GLY 22 21 21 GLY GLY C . n 
# 
loop_
_pdbx_nonpoly_scheme.asym_id 
_pdbx_nonpoly_scheme.entity_id 
_pdbx_nonpoly_scheme.mon_id 
_pdbx_nonpoly_scheme.ndb_seq_num 
_pdbx_nonpoly_scheme.pdb_seq_num 
_pdbx_nonpoly_scheme.auth_seq_num 
_pdbx_nonpoly_scheme.pdb_mon_id 
_pdbx_nonpoly_scheme.auth_mon_id 
_pdbx_nonpoly_scheme.pdb_strand_id 
_pdbx_nonpoly_scheme.pdb_ins_code 
D 2 TRS 1  22   1    TRS TRS C . 
E 3 HOH 1  1001 1001 HOH HOH A . 
E 3 HOH 2  1003 1003 HOH HOH A . 
E 3 HOH 3  1004 1004 HOH HOH A . 
E 3 HOH 4  1005 1005 HOH HOH A . 
E 3 HOH 5  1009 1009 HOH HOH A . 
E 3 HOH 6  1010 1010 HOH HOH A . 
E 3 HOH 7  1011 1011 HOH HOH A . 
E 3 HOH 8  1012 1012 HOH HOH A . 
E 3 HOH 9  1030 1030 HOH HOH A . 
E 3 HOH 10 1031 1031 HOH HOH A . 
E 3 HOH 11 1032 1032 HOH HOH A . 
E 3 HOH 12 1033 1033 HOH HOH A . 
E 3 HOH 13 1034 1034 HOH HOH A . 
E 3 HOH 14 1049 1049 HOH HOH A . 
E 3 HOH 15 1052 1052 HOH HOH A . 
E 3 HOH 16 1053 1053 HOH HOH A . 
E 3 HOH 17 1054 1054 HOH HOH A . 
E 3 HOH 18 1072 1072 HOH HOH A . 
E 3 HOH 19 1073 1073 HOH HOH A . 
E 3 HOH 20 1074 1074 HOH HOH A . 
E 3 HOH 21 1075 1075 HOH HOH A . 
E 3 HOH 22 1089 1089 HOH HOH A . 
E 3 HOH 23 1090 1090 HOH HOH A . 
E 3 HOH 24 1094 1094 HOH HOH A . 
E 3 HOH 25 1095 1095 HOH HOH A . 
E 3 HOH 26 1104 1104 HOH HOH A . 
E 3 HOH 27 1105 1105 HOH HOH A . 
F 3 HOH 1  1013 1013 HOH HOH B . 
F 3 HOH 2  1014 1014 HOH HOH B . 
F 3 HOH 3  1015 1015 HOH HOH B . 
F 3 HOH 4  1016 1016 HOH HOH B . 
F 3 HOH 5  1017 1017 HOH HOH B . 
F 3 HOH 6  1021 1021 HOH HOH B . 
F 3 HOH 7  1035 1035 HOH HOH B . 
F 3 HOH 8  1036 1036 HOH HOH B . 
F 3 HOH 9  1037 1037 HOH HOH B . 
F 3 HOH 10 1038 1038 HOH HOH B . 
F 3 HOH 11 1039 1039 HOH HOH B . 
F 3 HOH 12 1040 1040 HOH HOH B . 
F 3 HOH 13 1041 1041 HOH HOH B . 
F 3 HOH 14 1042 1042 HOH HOH B . 
F 3 HOH 15 1043 1043 HOH HOH B . 
F 3 HOH 16 1068 1068 HOH HOH B . 
F 3 HOH 17 1070 1070 HOH HOH B . 
F 3 HOH 18 1071 1071 HOH HOH B . 
F 3 HOH 19 1077 1077 HOH HOH B . 
F 3 HOH 20 1091 1091 HOH HOH B . 
G 3 HOH 1  1002 1002 HOH HOH C . 
G 3 HOH 2  1006 1006 HOH HOH C . 
G 3 HOH 3  1007 1007 HOH HOH C . 
G 3 HOH 4  1008 1008 HOH HOH C . 
G 3 HOH 5  1018 1018 HOH HOH C . 
G 3 HOH 6  1019 1019 HOH HOH C . 
G 3 HOH 7  1020 1020 HOH HOH C . 
G 3 HOH 8  1022 1022 HOH HOH C . 
G 3 HOH 9  1023 1023 HOH HOH C . 
G 3 HOH 10 1024 1024 HOH HOH C . 
G 3 HOH 11 1025 1025 HOH HOH C . 
G 3 HOH 12 1026 1026 HOH HOH C . 
G 3 HOH 13 1027 1027 HOH HOH C . 
G 3 HOH 14 1028 1028 HOH HOH C . 
G 3 HOH 15 1029 1029 HOH HOH C . 
G 3 HOH 16 1044 1044 HOH HOH C . 
G 3 HOH 17 1045 1045 HOH HOH C . 
G 3 HOH 18 1046 1046 HOH HOH C . 
G 3 HOH 19 1047 1047 HOH HOH C . 
G 3 HOH 20 1048 1048 HOH HOH C . 
G 3 HOH 21 1050 1050 HOH HOH C . 
G 3 HOH 22 1051 1051 HOH HOH C . 
G 3 HOH 23 1055 1055 HOH HOH C . 
G 3 HOH 24 1056 1056 HOH HOH C . 
G 3 HOH 25 1057 1057 HOH HOH C . 
G 3 HOH 26 1058 1058 HOH HOH C . 
G 3 HOH 27 1059 1059 HOH HOH C . 
G 3 HOH 28 1060 1060 HOH HOH C . 
G 3 HOH 29 1061 1061 HOH HOH C . 
G 3 HOH 30 1062 1062 HOH HOH C . 
G 3 HOH 31 1063 1063 HOH HOH C . 
G 3 HOH 32 1064 1064 HOH HOH C . 
G 3 HOH 33 1065 1065 HOH HOH C . 
G 3 HOH 34 1066 1066 HOH HOH C . 
G 3 HOH 35 1067 1067 HOH HOH C . 
G 3 HOH 36 1069 1069 HOH HOH C . 
G 3 HOH 37 1076 1076 HOH HOH C . 
G 3 HOH 38 1078 1078 HOH HOH C . 
G 3 HOH 39 1079 1079 HOH HOH C . 
G 3 HOH 40 1080 1080 HOH HOH C . 
G 3 HOH 41 1081 1081 HOH HOH C . 
G 3 HOH 42 1082 1082 HOH HOH C . 
G 3 HOH 43 1083 1083 HOH HOH C . 
G 3 HOH 44 1084 1084 HOH HOH C . 
G 3 HOH 45 1085 1085 HOH HOH C . 
G 3 HOH 46 1086 1086 HOH HOH C . 
G 3 HOH 47 1087 1087 HOH HOH C . 
G 3 HOH 48 1092 1092 HOH HOH C . 
G 3 HOH 49 1097 1097 HOH HOH C . 
G 3 HOH 50 1098 1098 HOH HOH C . 
G 3 HOH 51 1099 1099 HOH HOH C . 
G 3 HOH 52 1100 1100 HOH HOH C . 
G 3 HOH 53 1101 1101 HOH HOH C . 
G 3 HOH 54 1102 1102 HOH HOH C . 
G 3 HOH 55 1103 1103 HOH HOH C . 
# 
loop_
_software.pdbx_ordinal 
_software.name 
_software.version 
_software.date 
_software.type 
_software.contact_author 
_software.contact_author_email 
_software.classification 
_software.location 
_software.language 
_software.citation_id 
1 DENZO        .    ?               package 'Zbyszek Otwinowski' hkl@hkl-xray.com         'data reduction'  
http://www.hkl-xray.com/                     ?          ? 
2 SCALEPACK    .    ?               package 'Zbyszek Otwinowski' hkl@hkl-xray.com         'data scaling'    
http://www.hkl-xray.com/                     ?          ? 
3 MOLREP       .    ?               program 'Alexei Vaguine'     alexei@ysbl.york.ac.uk   phasing           
http://www.ccp4.ac.uk/dist/html/molrep.html  Fortran_77 ? 
4 REFMAC       .    ?               program 'Garib N. Murshudov' garib@ysbl.york.ac.uk    refinement        
http://www.ccp4.ac.uk/dist/html/refmac5.html Fortran_77 ? 
5 PDB_EXTRACT  3.10 'June 10, 2010' package PDB                  deposit@deposit.rcsb.org 'data extraction' 
http://sw-tools.pdb.org/apps/PDB_EXTRACT/    C++        ? 
6 CrystalClear .    ?               ?       ?                    ?                        'data collection' ? ?          ? 
# 
_cell.length_a           36.848 
_cell.length_b           36.848 
_cell.length_c           66.212 
_cell.angle_alpha        90.000 
_cell.angle_beta         90.000 
_cell.angle_gamma        90.000 
_cell.entry_id           3UC8 
_cell.pdbx_unique_axis   ? 
_cell.Z_PDB              24 
_cell.length_a_esd       ? 
_cell.length_b_esd       ? 
_cell.length_c_esd       ? 
_cell.angle_alpha_esd    ? 
_cell.angle_beta_esd     ? 
_cell.angle_gamma_esd    ? 
# 
_symmetry.space_group_name_H-M             'P 43 2 2' 
_symmetry.entry_id                         3UC8 
_symmetry.Int_Tables_number                95 
_symmetry.pdbx_full_space_group_name_H-M   ? 
_symmetry.cell_setting                     ? 
_symmetry.space_group_name_Hall            ? 
# 
_exptl.crystals_number   1 
_exptl.entry_id          3UC8 
_exptl.method            'X-RAY DIFFRACTION' 
# 
_exptl_crystal.id                    1 
_exptl_crystal.density_Matthews      1.75 
_exptl_crystal.density_meas          ? 
_exptl_crystal.density_percent_sol   29.59 
_exptl_crystal.description           ? 
_exptl_crystal.F_000                 ? 
_exptl_crystal.preparation           ? 
# 
_exptl_crystal_grow.crystal_id      1 
_exptl_crystal_grow.method          'VAPOR DIFFUSION, SITTING DROP' 
_exptl_crystal_grow.pH              2.5 
_exptl_crystal_grow.temp            298 
_exptl_crystal_grow.temp_details    ? 
_exptl_crystal_grow.pdbx_details    
'0.2 M Tris-HCl, 0.2 M magnesium chloride, 2.0 M sodium chloride, pH 2.5, VAPOR DIFFUSION, SITTING DROP, temperature 298K' 
_exptl_crystal_grow.pdbx_pH_range   ? 
# 
_diffrn.id                     1 
_diffrn.ambient_temp           100 
_diffrn.ambient_temp_details   ? 
_diffrn.crystal_id             1 
# 
_diffrn_detector.diffrn_id              1 
_diffrn_detector.detector               'IMAGE PLATE' 
_diffrn_detector.type                   'RIGAKU RAXIS IV++' 
_diffrn_detector.pdbx_collection_date   2008-10-31 
_diffrn_detector.details                mirrors 
# 
_diffrn_radiation.diffrn_id                        1 
_diffrn_radiation.wavelength_id                    1 
_diffrn_radiation.pdbx_diffrn_protocol             'SINGLE WAVELENGTH' 
_diffrn_radiation.monochromator                    ? 
_diffrn_radiation.pdbx_monochromatic_or_laue_m_l   M 
_diffrn_radiation.pdbx_scattering_type             x-ray 
# 
_diffrn_radiation_wavelength.id           1 
_diffrn_radiation_wavelength.wavelength   1.5418 
_diffrn_radiation_wavelength.wt           1.0 
# 
_diffrn_source.diffrn_id                   1 
_diffrn_source.source                      'ROTATING ANODE' 
_diffrn_source.type                        'RIGAKU MICROMAX-007' 
_diffrn_source.pdbx_wavelength             ? 
_diffrn_source.pdbx_wavelength_list        1.5418 
_diffrn_source.pdbx_synchrotron_site       ? 
_diffrn_source.pdbx_synchrotron_beamline   ? 
# 
_reflns.entry_id                     3UC8 
_reflns.d_resolution_high            1.320 
_reflns.d_resolution_low             50.0 
_reflns.number_obs                   9797 
_reflns.pdbx_Rmerge_I_obs            0.032 
_reflns.pdbx_netI_over_sigmaI        55.6 
_reflns.pdbx_chi_squared             1.112 
_reflns.pdbx_redundancy              10.0 
_reflns.percent_possible_obs         86.2 
_reflns.observed_criterion_sigma_F   0 
_reflns.observed_criterion_sigma_I   0 
_reflns.number_all                   9797 
_reflns.pdbx_Rsym_value              ? 
_reflns.B_iso_Wilson_estimate        ? 
_reflns.R_free_details               ? 
_reflns.limit_h_max                  ? 
_reflns.limit_h_min                  ? 
_reflns.limit_k_max                  ? 
_reflns.limit_k_min                  ? 
_reflns.limit_l_max                  ? 
_reflns.limit_l_min                  ? 
_reflns.observed_criterion_F_max     ? 
_reflns.observed_criterion_F_min     ? 
_reflns.pdbx_scaling_rejects         ? 
_reflns.pdbx_ordinal                 1 
_reflns.pdbx_diffrn_id               1 
# 
loop_
_reflns_shell.d_res_high 
_reflns_shell.d_res_low 
_reflns_shell.number_measured_obs 
_reflns_shell.number_measured_all 
_reflns_shell.number_unique_obs 
_reflns_shell.Rmerge_I_obs 
_reflns_shell.meanI_over_sigI_obs 
_reflns_shell.pdbx_Rsym_value 
_reflns_shell.pdbx_chi_squared 
_reflns_shell.pdbx_redundancy 
_reflns_shell.percent_possible_obs 
_reflns_shell.number_unique_all 
_reflns_shell.percent_possible_all 
_reflns_shell.pdbx_ordinal 
_reflns_shell.pdbx_diffrn_id 
1.320 1.370  ? ? ? 0.096 ? ? 1.106 2.50  ? 330  29.9 1  1 
1.370 1.420  ? ? ? 0.092 ? ? 1.251 5.40  ? 727  66.0 2  1 
1.420 1.490  ? ? ? 0.073 ? ? 1.089 9.70  ? 1014 91.8 3  1 
1.490 1.570  ? ? ? 0.055 ? ? 1.168 10.90 ? 1038 94.1 4  1 
1.570 1.660  ? ? ? 0.049 ? ? 1.055 11.00 ? 1066 95.3 5  1 
1.660 1.790  ? ? ? 0.044 ? ? 0.948 11.10 ? 1089 96.3 6  1 
1.790 1.970  ? ? ? 0.040 ? ? 1.127 11.10 ? 1093 97.4 7  1 
1.970 2.260  ? ? ? 0.043 ? ? 1.200 11.10 ? 1114 97.5 8  1 
2.260 2.840  ? ? ? 0.036 ? ? 1.180 11.00 ? 1155 98.2 9  1 
2.840 50.000 ? ? ? 0.025 ? ? 1.074 9.60  ? 1171 92.4 10 1 
# 
_refine.entry_id                                 3UC8 
_refine.ls_d_res_high                            1.330 
_refine.ls_d_res_low                             36.85 
_refine.pdbx_ls_sigma_F                          0.0 
_refine.pdbx_data_cutoff_high_absF               ? 
_refine.pdbx_data_cutoff_low_absF                ? 
_refine.ls_percent_reflns_obs                    87.5 
_refine.ls_number_reflns_obs                     9316 
_refine.ls_number_reflns_all                     9785 
_refine.pdbx_ls_cross_valid_method               THROUGHOUT 
_refine.pdbx_R_Free_selection_details            RANDOM 
_refine.details                                  
;HYDROGENS HAVE BEEN ADDED IN THE RIDING POSITIONS   
U VALUES      : REFINED INDIVIDUALLY
;
_refine.ls_R_factor_all                          ? 
_refine.ls_R_factor_obs                          0.1382 
_refine.ls_R_factor_R_work                       0.1355 
_refine.ls_wR_factor_R_work                      0.1694 
_refine.ls_R_factor_R_free                       0.1977 
_refine.ls_wR_factor_R_free                      0.2509 
_refine.ls_percent_reflns_R_free                 4.8 
_refine.ls_number_reflns_R_free                  469 
_refine.ls_R_factor_R_free_error                 ? 
_refine.B_iso_mean                               15.3019 
_refine.solvent_model_param_bsol                 ? 
_refine.solvent_model_param_ksol                 ? 
_refine.pdbx_isotropic_thermal_model             ? 
_refine.aniso_B[1][1]                            0.2400 
_refine.aniso_B[2][2]                            0.2400 
_refine.aniso_B[3][3]                            -0.4900 
_refine.aniso_B[1][2]                            0.0000 
_refine.aniso_B[1][3]                            0.0000 
_refine.aniso_B[2][3]                            0.0000 
_refine.correlation_coeff_Fo_to_Fc               0.9800 
_refine.correlation_coeff_Fo_to_Fc_free          0.9560 
_refine.overall_SU_R_Cruickshank_DPI             0.0745 
_refine.overall_SU_R_free                        0.0706 
_refine.pdbx_overall_ESU_R_Free                  0.0710 
_refine.overall_SU_ML                            0.0350 
_refine.overall_SU_B                             1.9470 
_refine.solvent_model_details                    MASK 
_refine.pdbx_solvent_vdw_probe_radii             1.4000 
_refine.pdbx_solvent_ion_probe_radii             0.8000 
_refine.pdbx_solvent_shrinkage_radii             0.8000 
_refine.ls_number_parameters                     ? 
_refine.ls_number_restraints                     ? 
_refine.pdbx_starting_model                      'PDB ENTRY 3UC7' 
_refine.pdbx_method_to_determine_struct          'MOLECULAR REPLACEMENT' 
_refine.pdbx_stereochemistry_target_values       'MAXIMUM LIKELIHOOD' 
_refine.pdbx_stereochem_target_val_spec_case     ? 
_refine.overall_FOM_work_R_set                   0.8821 
_refine.B_iso_max                                52.030 
_refine.B_iso_min                                6.140 
_refine.pdbx_overall_phase_error                 ? 
_refine.occupancy_max                            1.000 
_refine.occupancy_min                            0.200 
_refine.pdbx_ls_sigma_I                          0 
_refine.ls_redundancy_reflns_obs                 ? 
_refine.ls_R_factor_R_free_error_details         ? 
_refine.pdbx_data_cutoff_high_rms_absF           ? 
_refine.overall_FOM_free_R_set                   ? 
_refine.pdbx_diffrn_id                           1 
_refine.pdbx_refine_id                           'X-RAY DIFFRACTION' 
_refine.pdbx_overall_ESU_R                       0.075 
_refine.pdbx_TLS_residual_ADP_flag               ? 
_refine.pdbx_overall_SU_R_free_Cruickshank_DPI   ? 
_refine.pdbx_overall_SU_R_Blow_DPI               ? 
_refine.pdbx_overall_SU_R_free_Blow_DPI          ? 
# 
_refine_hist.pdbx_refine_id                   'X-RAY DIFFRACTION' 
_refine_hist.cycle_id                         LAST 
_refine_hist.pdbx_number_atoms_protein        453 
_refine_hist.pdbx_number_atoms_nucleic_acid   0 
_refine_hist.pdbx_number_atoms_ligand         8 
_refine_hist.number_atoms_solvent             102 
_refine_hist.number_atoms_total               563 
_refine_hist.d_res_high                       1.330 
_refine_hist.d_res_low                        36.85 
# 
loop_
_refine_ls_restr.type 
_refine_ls_restr.number 
_refine_ls_restr.dev_ideal 
_refine_ls_restr.dev_ideal_target 
_refine_ls_restr.weight 
_refine_ls_restr.pdbx_restraint_function 
_refine_ls_restr.pdbx_refine_id 
r_bond_refined_d       510 0.025  0.021  ? ? 'X-RAY DIFFRACTION' 
r_bond_other_d         375 0.001  0.020  ? ? 'X-RAY DIFFRACTION' 
r_angle_refined_deg    695 2.061  2.017  ? ? 'X-RAY DIFFRACTION' 
r_angle_other_deg      900 1.153  3.000  ? ? 'X-RAY DIFFRACTION' 
r_dihedral_angle_1_deg 62  4.241  5.000  ? ? 'X-RAY DIFFRACTION' 
r_dihedral_angle_2_deg 20  27.495 22.000 ? ? 'X-RAY DIFFRACTION' 
r_dihedral_angle_3_deg 52  13.681 15.000 ? ? 'X-RAY DIFFRACTION' 
r_dihedral_angle_4_deg 5   17.735 15.000 ? ? 'X-RAY DIFFRACTION' 
r_chiral_restr         60  0.123  0.200  ? ? 'X-RAY DIFFRACTION' 
r_gen_planes_refined   562 0.011  0.023  ? ? 'X-RAY DIFFRACTION' 
r_gen_planes_other     96  0.001  0.020  ? ? 'X-RAY DIFFRACTION' 
r_mcbond_it            340 3.129  4.000  ? ? 'X-RAY DIFFRACTION' 
r_mcbond_other         134 2.281  4.000  ? ? 'X-RAY DIFFRACTION' 
r_mcangle_it           529 4.147  6.000  ? ? 'X-RAY DIFFRACTION' 
r_scbond_it            170 5.175  6.000  ? ? 'X-RAY DIFFRACTION' 
r_scangle_it           165 6.345  10.000 ? ? 'X-RAY DIFFRACTION' 
r_rigid_bond_restr     885 2.579  3.000  ? ? 'X-RAY DIFFRACTION' 
r_sphericity_free      104 11.306 3.000  ? ? 'X-RAY DIFFRACTION' 
r_sphericity_bonded    870 4.586  3.000  ? ? 'X-RAY DIFFRACTION' 
# 
_refine_ls_shell.d_res_high                       1.330 
_refine_ls_shell.d_res_low                        1.360 
_refine_ls_shell.pdbx_total_number_of_bins_used   20 
_refine_ls_shell.percent_reflns_obs               31.55 
_refine_ls_shell.number_reflns_R_work             238 
_refine_ls_shell.R_factor_all                     ? 
_refine_ls_shell.R_factor_R_work                  0.7880 
_refine_ls_shell.R_factor_R_free                  0.012 
_refine_ls_shell.percent_reflns_R_free            ? 
_refine_ls_shell.number_reflns_R_free             16 
_refine_ls_shell.R_factor_R_free_error            ? 
_refine_ls_shell.number_reflns_all                254 
_refine_ls_shell.number_reflns_obs                ? 
_refine_ls_shell.redundancy_reflns_obs            ? 
_refine_ls_shell.pdbx_refine_id                   'X-RAY DIFFRACTION' 
# 
_struct.entry_id                  3UC8 
_struct.title                     'Trp-cage cyclo-TC1 - tetragonal crystal form' 
_struct.pdbx_model_details        ? 
_struct.pdbx_CASP_flag            ? 
_struct.pdbx_model_type_details   ? 
# 
_struct_keywords.entry_id        3UC8 
_struct_keywords.pdbx_keywords   'DE NOVO PROTEIN' 
_struct_keywords.text            'miniprotein, Trp-cage, cyclic peptide, multimer, protein-protein interaction, DE NOVO PROTEIN' 
# 
loop_
_struct_asym.id 
_struct_asym.pdbx_blank_PDB_chainid_flag 
_struct_asym.pdbx_modified 
_struct_asym.entity_id 
_struct_asym.details 
A N N 1 ? 
B N N 1 ? 
C N N 1 ? 
D N N 2 ? 
E N N 3 ? 
F N N 3 ? 
G N N 3 ? 
# 
_struct_ref.id                         1 
_struct_ref.db_name                    PDB 
_struct_ref.db_code                    3UC8 
_struct_ref.pdbx_db_accession          3UC8 
_struct_ref.entity_id                  1 
_struct_ref.pdbx_align_begin           ? 
_struct_ref.pdbx_seq_one_letter_code   GDAYAQWLADGGPSSGRPPPSG 
_struct_ref.pdbx_db_isoform            ? 
# 
loop_
_struct_ref_seq.align_id 
_struct_ref_seq.ref_id 
_struct_ref_seq.pdbx_PDB_id_code 
_struct_ref_seq.pdbx_strand_id 
_struct_ref_seq.seq_align_beg 
_struct_ref_seq.pdbx_seq_align_beg_ins_code 
_struct_ref_seq.seq_align_end 
_struct_ref_seq.pdbx_seq_align_end_ins_code 
_struct_ref_seq.pdbx_db_accession 
_struct_ref_seq.db_align_beg 
_struct_ref_seq.pdbx_db_align_beg_ins_code 
_struct_ref_seq.db_align_end 
_struct_ref_seq.pdbx_db_align_end_ins_code 
_struct_ref_seq.pdbx_auth_seq_align_beg 
_struct_ref_seq.pdbx_auth_seq_align_end 
1 1 3UC8 A 1 ? 22 ? 3UC8 -1 ? 21 ? -1 21 
2 1 3UC8 B 1 ? 22 ? 3UC8 -1 ? 21 ? -1 21 
3 1 3UC8 C 1 ? 22 ? 3UC8 -1 ? 21 ? -1 21 
# 
_pdbx_struct_assembly.id                   1 
_pdbx_struct_assembly.details              author_defined_assembly 
_pdbx_struct_assembly.method_details       ? 
_pdbx_struct_assembly.oligomeric_details   hexameric 
_pdbx_struct_assembly.oligomeric_count     6 
# 
_pdbx_struct_assembly_gen.assembly_id       1 
_pdbx_struct_assembly_gen.oper_expression   1,2 
_pdbx_struct_assembly_gen.asym_id_list      A,B,C,D,E,F,G 
# 
loop_
_pdbx_struct_oper_list.id 
_pdbx_struct_oper_list.type 
_pdbx_struct_oper_list.name 
_pdbx_struct_oper_list.symmetry_operation 
_pdbx_struct_oper_list.matrix[1][1] 
_pdbx_struct_oper_list.matrix[1][2] 
_pdbx_struct_oper_list.matrix[1][3] 
_pdbx_struct_oper_list.vector[1] 
_pdbx_struct_oper_list.matrix[2][1] 
_pdbx_struct_oper_list.matrix[2][2] 
_pdbx_struct_oper_list.matrix[2][3] 
_pdbx_struct_oper_list.vector[2] 
_pdbx_struct_oper_list.matrix[3][1] 
_pdbx_struct_oper_list.matrix[3][2] 
_pdbx_struct_oper_list.matrix[3][3] 
_pdbx_struct_oper_list.vector[3] 
1 'identity operation'         1_555 x,y,z   1.0000000000 0.0000000000  0.0000000000 0.0000000000  0.0000000000  1.0000000000  0.0000000000  0.0000000000   0.0000000000 0.0000000000  1.0000000000  0.0000000000 
2 'crystal symmetry operation' 5_555 -x,y,-z 0.9956955169 -0.0054431347 0.0925246449 -0.4824667377 -0.0054431347 -0.9999851542 -0.0002523552 -11.2819279464 0.0925246449 -0.0002523552 -0.9957103627 9.7427842413 
# 
_struct_biol.id        1 
_struct_biol.details   ? 
# 
loop_
_struct_conf.conf_type_id 
_struct_conf.id 
_struct_conf.pdbx_PDB_helix_id 
_struct_conf.beg_label_comp_id 
_struct_conf.beg_label_asym_id 
_struct_conf.beg_label_seq_id 
_struct_conf.pdbx_beg_PDB_ins_code 
_struct_conf.end_label_comp_id 
_struct_conf.end_label_asym_id 
_struct_conf.end_label_seq_id 
_struct_conf.pdbx_end_PDB_ins_code 
_struct_conf.beg_auth_comp_id 
_struct_conf.beg_auth_asym_id 
_struct_conf.beg_auth_seq_id 
_struct_conf.end_auth_comp_id 
_struct_conf.end_auth_asym_id 
_struct_conf.end_auth_seq_id 
_struct_conf.pdbx_PDB_helix_class 
_struct_conf.details 
_struct_conf.pdbx_PDB_helix_length 
HELX_P HELX_P1 1 GLY A 1  ? ASP A 10 ? GLY A -1 ASP A 9  1 ? 10 
HELX_P HELX_P2 2 GLY A 11 ? GLY A 16 ? GLY A 10 GLY A 15 5 ? 6  
HELX_P HELX_P3 3 ASP B 2  ? ASP B 10 ? ASP B 1  ASP B 9  1 ? 9  
HELX_P HELX_P4 4 GLY B 11 ? GLY B 16 ? GLY B 10 GLY B 15 5 ? 6  
HELX_P HELX_P5 5 ASP C 2  ? ASP C 10 ? ASP C 1  ASP C 9  1 ? 9  
HELX_P HELX_P6 6 GLY C 11 ? GLY C 16 ? GLY C 10 GLY C 15 5 ? 6  
# 
_struct_conf_type.id          HELX_P 
_struct_conf_type.criteria    ? 
_struct_conf_type.reference   ? 
# 
loop_
_struct_conn.id 
_struct_conn.conn_type_id 
_struct_conn.pdbx_leaving_atom_flag 
_struct_conn.pdbx_PDB_id 
_struct_conn.ptnr1_label_asym_id 
_struct_conn.ptnr1_label_comp_id 
_struct_conn.ptnr1_label_seq_id 
_struct_conn.ptnr1_label_atom_id 
_struct_conn.pdbx_ptnr1_label_alt_id 
_struct_conn.pdbx_ptnr1_PDB_ins_code 
_struct_conn.pdbx_ptnr1_standard_comp_id 
_struct_conn.ptnr1_symmetry 
_struct_conn.ptnr2_label_asym_id 
_struct_conn.ptnr2_label_comp_id 
_struct_conn.ptnr2_label_seq_id 
_struct_conn.ptnr2_label_atom_id 
_struct_conn.pdbx_ptnr2_label_alt_id 
_struct_conn.pdbx_ptnr2_PDB_ins_code 
_struct_conn.ptnr1_auth_asym_id 
_struct_conn.ptnr1_auth_comp_id 
_struct_conn.ptnr1_auth_seq_id 
_struct_conn.ptnr2_auth_asym_id 
_struct_conn.ptnr2_auth_comp_id 
_struct_conn.ptnr2_auth_seq_id 
_struct_conn.ptnr2_symmetry 
_struct_conn.pdbx_ptnr3_label_atom_id 
_struct_conn.pdbx_ptnr3_label_seq_id 
_struct_conn.pdbx_ptnr3_label_comp_id 
_struct_conn.pdbx_ptnr3_label_asym_id 
_struct_conn.pdbx_ptnr3_label_alt_id 
_struct_conn.pdbx_ptnr3_PDB_ins_code 
_struct_conn.details 
_struct_conn.pdbx_dist_value 
_struct_conn.pdbx_value_order 
_struct_conn.pdbx_role 
covale1 covale both ? A GLY 1 N ? ? ? 1_555 A GLY 22 C ? ? A GLY -1 A GLY 21 1_555 ? ? ? ? ? ? ? 1.472 ? ? 
covale2 covale both ? B GLY 1 N ? ? ? 1_555 B GLY 22 C ? ? B GLY -1 B GLY 21 1_555 ? ? ? ? ? ? ? 1.372 ? ? 
covale3 covale both ? C GLY 1 N ? ? ? 1_555 C GLY 22 C ? ? C GLY -1 C GLY 21 1_555 ? ? ? ? ? ? ? 1.353 ? ? 
# 
_struct_conn_type.id          covale 
_struct_conn_type.criteria    ? 
_struct_conn_type.reference   ? 
# 
loop_
_pdbx_modification_feature.ordinal 
_pdbx_modification_feature.label_comp_id 
_pdbx_modification_feature.label_asym_id 
_pdbx_modification_feature.label_seq_id 
_pdbx_modification_feature.label_alt_id 
_pdbx_modification_feature.modified_residue_label_comp_id 
_pdbx_modification_feature.modified_residue_label_asym_id 
_pdbx_modification_feature.modified_residue_label_seq_id 
_pdbx_modification_feature.modified_residue_label_alt_id 
_pdbx_modification_feature.auth_comp_id 
_pdbx_modification_feature.auth_asym_id 
_pdbx_modification_feature.auth_seq_id 
_pdbx_modification_feature.PDB_ins_code 
_pdbx_modification_feature.symmetry 
_pdbx_modification_feature.modified_residue_auth_comp_id 
_pdbx_modification_feature.modified_residue_auth_asym_id 
_pdbx_modification_feature.modified_residue_auth_seq_id 
_pdbx_modification_feature.modified_residue_PDB_ins_code 
_pdbx_modification_feature.modified_residue_symmetry 
_pdbx_modification_feature.comp_id_linking_atom 
_pdbx_modification_feature.modified_residue_id_linking_atom 
_pdbx_modification_feature.modified_residue_id 
_pdbx_modification_feature.ref_pcm_id 
_pdbx_modification_feature.ref_comp_id 
_pdbx_modification_feature.type 
_pdbx_modification_feature.category 
1 GLY A 1 ? GLY A 22 ? GLY A -1 ? 1_555 GLY A 21 ? 1_555 N C . . . None 'Non-standard linkage' 
2 GLY B 1 ? GLY B 22 ? GLY B -1 ? 1_555 GLY B 21 ? 1_555 N C . . . None 'Non-standard linkage' 
3 GLY C 1 ? GLY C 22 ? GLY C -1 ? 1_555 GLY C 21 ? 1_555 N C . . . None 'Non-standard linkage' 
# 
_struct_site.id                   AC1 
_struct_site.pdbx_evidence_code   Software 
_struct_site.pdbx_auth_asym_id    C 
_struct_site.pdbx_auth_comp_id    TRS 
_struct_site.pdbx_auth_seq_id     22 
_struct_site.pdbx_auth_ins_code   ? 
_struct_site.pdbx_num_residues    10 
_struct_site.details              'BINDING SITE FOR RESIDUE TRS C 22' 
# 
loop_
_struct_site_gen.id 
_struct_site_gen.site_id 
_struct_site_gen.pdbx_num_res 
_struct_site_gen.label_comp_id 
_struct_site_gen.label_asym_id 
_struct_site_gen.label_seq_id 
_struct_site_gen.pdbx_auth_ins_code 
_struct_site_gen.auth_comp_id 
_struct_site_gen.auth_asym_id 
_struct_site_gen.auth_seq_id 
_struct_site_gen.label_atom_id 
_struct_site_gen.label_alt_id 
_struct_site_gen.symmetry 
_struct_site_gen.details 
1  AC1 10 TYR A 4  ? TYR A 3    . ? 1_555 ? 
2  AC1 10 HOH E .  ? HOH A 1034 . ? 1_555 ? 
3  AC1 10 TYR B 4  ? TYR B 3    . ? 1_555 ? 
4  AC1 10 PRO B 20 ? PRO B 19   . ? 1_555 ? 
5  AC1 10 SER B 21 ? SER B 20   . ? 1_555 ? 
6  AC1 10 TYR C 4  ? TYR C 3    . ? 1_555 ? 
7  AC1 10 HOH G .  ? HOH C 1060 . ? 1_555 ? 
8  AC1 10 HOH G .  ? HOH C 1061 . ? 1_555 ? 
9  AC1 10 HOH G .  ? HOH C 1062 . ? 1_555 ? 
10 AC1 10 HOH G .  ? HOH C 1099 . ? 1_555 ? 
# 
_pdbx_entry_details.entry_id                   3UC8 
_pdbx_entry_details.compound_details           ? 
_pdbx_entry_details.source_details             ? 
_pdbx_entry_details.nonpolymer_details         ? 
_pdbx_entry_details.sequence_details           ? 
_pdbx_entry_details.has_ligand_of_interest     ? 
_pdbx_entry_details.has_protein_modification   Y 
# 
_pdbx_validate_close_contact.id               1 
_pdbx_validate_close_contact.PDB_model_num    1 
_pdbx_validate_close_contact.auth_atom_id_1   O 
_pdbx_validate_close_contact.auth_asym_id_1   C 
_pdbx_validate_close_contact.auth_comp_id_1   HOH 
_pdbx_validate_close_contact.auth_seq_id_1    1046 
_pdbx_validate_close_contact.PDB_ins_code_1   ? 
_pdbx_validate_close_contact.label_alt_id_1   ? 
_pdbx_validate_close_contact.auth_atom_id_2   O 
_pdbx_validate_close_contact.auth_asym_id_2   C 
_pdbx_validate_close_contact.auth_comp_id_2   HOH 
_pdbx_validate_close_contact.auth_seq_id_2    1047 
_pdbx_validate_close_contact.PDB_ins_code_2   ? 
_pdbx_validate_close_contact.label_alt_id_2   ? 
_pdbx_validate_close_contact.dist             2.00 
# 
_pdbx_validate_symm_contact.id                1 
_pdbx_validate_symm_contact.PDB_model_num     1 
_pdbx_validate_symm_contact.auth_atom_id_1    O 
_pdbx_validate_symm_contact.auth_asym_id_1    C 
_pdbx_validate_symm_contact.auth_comp_id_1    HOH 
_pdbx_validate_symm_contact.auth_seq_id_1     1048 
_pdbx_validate_symm_contact.PDB_ins_code_1    ? 
_pdbx_validate_symm_contact.label_alt_id_1    ? 
_pdbx_validate_symm_contact.site_symmetry_1   1_555 
_pdbx_validate_symm_contact.auth_atom_id_2    O 
_pdbx_validate_symm_contact.auth_asym_id_2    C 
_pdbx_validate_symm_contact.auth_comp_id_2    HOH 
_pdbx_validate_symm_contact.auth_seq_id_2     1048 
_pdbx_validate_symm_contact.PDB_ins_code_2    ? 
_pdbx_validate_symm_contact.label_alt_id_2    ? 
_pdbx_validate_symm_contact.site_symmetry_2   6_545 
_pdbx_validate_symm_contact.dist              1.22 
# 
loop_
_pdbx_validate_rmsd_angle.id 
_pdbx_validate_rmsd_angle.PDB_model_num 
_pdbx_validate_rmsd_angle.auth_atom_id_1 
_pdbx_validate_rmsd_angle.auth_asym_id_1 
_pdbx_validate_rmsd_angle.auth_comp_id_1 
_pdbx_validate_rmsd_angle.auth_seq_id_1 
_pdbx_validate_rmsd_angle.PDB_ins_code_1 
_pdbx_validate_rmsd_angle.label_alt_id_1 
_pdbx_validate_rmsd_angle.auth_atom_id_2 
_pdbx_validate_rmsd_angle.auth_asym_id_2 
_pdbx_validate_rmsd_angle.auth_comp_id_2 
_pdbx_validate_rmsd_angle.auth_seq_id_2 
_pdbx_validate_rmsd_angle.PDB_ins_code_2 
_pdbx_validate_rmsd_angle.label_alt_id_2 
_pdbx_validate_rmsd_angle.auth_atom_id_3 
_pdbx_validate_rmsd_angle.auth_asym_id_3 
_pdbx_validate_rmsd_angle.auth_comp_id_3 
_pdbx_validate_rmsd_angle.auth_seq_id_3 
_pdbx_validate_rmsd_angle.PDB_ins_code_3 
_pdbx_validate_rmsd_angle.label_alt_id_3 
_pdbx_validate_rmsd_angle.angle_value 
_pdbx_validate_rmsd_angle.angle_target_value 
_pdbx_validate_rmsd_angle.angle_deviation 
_pdbx_validate_rmsd_angle.angle_standard_deviation 
_pdbx_validate_rmsd_angle.linker_flag 
1 1 NE A ARG 16 ? ? CZ A ARG 16 ? ? NH2 A ARG 16 ? ? 123.36 120.30 3.06  0.50 N 
2 1 NE B ARG 16 ? B CZ B ARG 16 ? B NH1 B ARG 16 ? B 116.65 120.30 -3.65 0.50 N 
3 1 NE C ARG 16 ? A CZ C ARG 16 ? A NH2 C ARG 16 ? A 116.12 120.30 -4.18 0.50 N 
# 
_phasing.method   MR 
# 
loop_
_chem_comp_atom.comp_id 
_chem_comp_atom.atom_id 
_chem_comp_atom.type_symbol 
_chem_comp_atom.pdbx_aromatic_flag 
_chem_comp_atom.pdbx_stereo_config 
_chem_comp_atom.pdbx_ordinal 
ALA N    N N N 1   
ALA CA   C N S 2   
ALA C    C N N 3   
ALA O    O N N 4   
ALA CB   C N N 5   
ALA OXT  O N N 6   
ALA H    H N N 7   
ALA H2   H N N 8   
ALA HA   H N N 9   
ALA HB1  H N N 10  
ALA HB2  H N N 11  
ALA HB3  H N N 12  
ALA HXT  H N N 13  
ARG N    N N N 14  
ARG CA   C N S 15  
ARG C    C N N 16  
ARG O    O N N 17  
ARG CB   C N N 18  
ARG CG   C N N 19  
ARG CD   C N N 20  
ARG NE   N N N 21  
ARG CZ   C N N 22  
ARG NH1  N N N 23  
ARG NH2  N N N 24  
ARG OXT  O N N 25  
ARG H    H N N 26  
ARG H2   H N N 27  
ARG HA   H N N 28  
ARG HB2  H N N 29  
ARG HB3  H N N 30  
ARG HG2  H N N 31  
ARG HG3  H N N 32  
ARG HD2  H N N 33  
ARG HD3  H N N 34  
ARG HE   H N N 35  
ARG HH11 H N N 36  
ARG HH12 H N N 37  
ARG HH21 H N N 38  
ARG HH22 H N N 39  
ARG HXT  H N N 40  
ASP N    N N N 41  
ASP CA   C N S 42  
ASP C    C N N 43  
ASP O    O N N 44  
ASP CB   C N N 45  
ASP CG   C N N 46  
ASP OD1  O N N 47  
ASP OD2  O N N 48  
ASP OXT  O N N 49  
ASP H    H N N 50  
ASP H2   H N N 51  
ASP HA   H N N 52  
ASP HB2  H N N 53  
ASP HB3  H N N 54  
ASP HD2  H N N 55  
ASP HXT  H N N 56  
GLN N    N N N 57  
GLN CA   C N S 58  
GLN C    C N N 59  
GLN O    O N N 60  
GLN CB   C N N 61  
GLN CG   C N N 62  
GLN CD   C N N 63  
GLN OE1  O N N 64  
GLN NE2  N N N 65  
GLN OXT  O N N 66  
GLN H    H N N 67  
GLN H2   H N N 68  
GLN HA   H N N 69  
GLN HB2  H N N 70  
GLN HB3  H N N 71  
GLN HG2  H N N 72  
GLN HG3  H N N 73  
GLN HE21 H N N 74  
GLN HE22 H N N 75  
GLN HXT  H N N 76  
GLY N    N N N 77  
GLY CA   C N N 78  
GLY C    C N N 79  
GLY O    O N N 80  
GLY OXT  O N N 81  
GLY H    H N N 82  
GLY H2   H N N 83  
GLY HA2  H N N 84  
GLY HA3  H N N 85  
GLY HXT  H N N 86  
HOH O    O N N 87  
HOH H1   H N N 88  
HOH H2   H N N 89  
LEU N    N N N 90  
LEU CA   C N S 91  
LEU C    C N N 92  
LEU O    O N N 93  
LEU CB   C N N 94  
LEU CG   C N N 95  
LEU CD1  C N N 96  
LEU CD2  C N N 97  
LEU OXT  O N N 98  
LEU H    H N N 99  
LEU H2   H N N 100 
LEU HA   H N N 101 
LEU HB2  H N N 102 
LEU HB3  H N N 103 
LEU HG   H N N 104 
LEU HD11 H N N 105 
LEU HD12 H N N 106 
LEU HD13 H N N 107 
LEU HD21 H N N 108 
LEU HD22 H N N 109 
LEU HD23 H N N 110 
LEU HXT  H N N 111 
PRO N    N N N 112 
PRO CA   C N S 113 
PRO C    C N N 114 
PRO O    O N N 115 
PRO CB   C N N 116 
PRO CG   C N N 117 
PRO CD   C N N 118 
PRO OXT  O N N 119 
PRO H    H N N 120 
PRO HA   H N N 121 
PRO HB2  H N N 122 
PRO HB3  H N N 123 
PRO HG2  H N N 124 
PRO HG3  H N N 125 
PRO HD2  H N N 126 
PRO HD3  H N N 127 
PRO HXT  H N N 128 
SER N    N N N 129 
SER CA   C N S 130 
SER C    C N N 131 
SER O    O N N 132 
SER CB   C N N 133 
SER OG   O N N 134 
SER OXT  O N N 135 
SER H    H N N 136 
SER H2   H N N 137 
SER HA   H N N 138 
SER HB2  H N N 139 
SER HB3  H N N 140 
SER HG   H N N 141 
SER HXT  H N N 142 
TRP N    N N N 143 
TRP CA   C N S 144 
TRP C    C N N 145 
TRP O    O N N 146 
TRP CB   C N N 147 
TRP CG   C Y N 148 
TRP CD1  C Y N 149 
TRP CD2  C Y N 150 
TRP NE1  N Y N 151 
TRP CE2  C Y N 152 
TRP CE3  C Y N 153 
TRP CZ2  C Y N 154 
TRP CZ3  C Y N 155 
TRP CH2  C Y N 156 
TRP OXT  O N N 157 
TRP H    H N N 158 
TRP H2   H N N 159 
TRP HA   H N N 160 
TRP HB2  H N N 161 
TRP HB3  H N N 162 
TRP HD1  H N N 163 
TRP HE1  H N N 164 
TRP HE3  H N N 165 
TRP HZ2  H N N 166 
TRP HZ3  H N N 167 
TRP HH2  H N N 168 
TRP HXT  H N N 169 
TRS C    C N N 170 
TRS C1   C N N 171 
TRS C2   C N N 172 
TRS C3   C N N 173 
TRS N    N N N 174 
TRS O1   O N N 175 
TRS O2   O N N 176 
TRS O3   O N N 177 
TRS H11  H N N 178 
TRS H12  H N N 179 
TRS H21  H N N 180 
TRS H22  H N N 181 
TRS H31  H N N 182 
TRS H32  H N N 183 
TRS HN1  H N N 184 
TRS HN2  H N N 185 
TRS HN3  H N N 186 
TRS HO1  H N N 187 
TRS HO2  H N N 188 
TRS HO3  H N N 189 
TYR N    N N N 190 
TYR CA   C N S 191 
TYR C    C N N 192 
TYR O    O N N 193 
TYR CB   C N N 194 
TYR CG   C Y N 195 
TYR CD1  C Y N 196 
TYR CD2  C Y N 197 
TYR CE1  C Y N 198 
TYR CE2  C Y N 199 
TYR CZ   C Y N 200 
TYR OH   O N N 201 
TYR OXT  O N N 202 
TYR H    H N N 203 
TYR H2   H N N 204 
TYR HA   H N N 205 
TYR HB2  H N N 206 
TYR HB3  H N N 207 
TYR HD1  H N N 208 
TYR HD2  H N N 209 
TYR HE1  H N N 210 
TYR HE2  H N N 211 
TYR HH   H N N 212 
TYR HXT  H N N 213 
# 
loop_
_chem_comp_bond.comp_id 
_chem_comp_bond.atom_id_1 
_chem_comp_bond.atom_id_2 
_chem_comp_bond.value_order 
_chem_comp_bond.pdbx_aromatic_flag 
_chem_comp_bond.pdbx_stereo_config 
_chem_comp_bond.pdbx_ordinal 
ALA N   CA   sing N N 1   
ALA N   H    sing N N 2   
ALA N   H2   sing N N 3   
ALA CA  C    sing N N 4   
ALA CA  CB   sing N N 5   
ALA CA  HA   sing N N 6   
ALA C   O    doub N N 7   
ALA C   OXT  sing N N 8   
ALA CB  HB1  sing N N 9   
ALA CB  HB2  sing N N 10  
ALA CB  HB3  sing N N 11  
ALA OXT HXT  sing N N 12  
ARG N   CA   sing N N 13  
ARG N   H    sing N N 14  
ARG N   H2   sing N N 15  
ARG CA  C    sing N N 16  
ARG CA  CB   sing N N 17  
ARG CA  HA   sing N N 18  
ARG C   O    doub N N 19  
ARG C   OXT  sing N N 20  
ARG CB  CG   sing N N 21  
ARG CB  HB2  sing N N 22  
ARG CB  HB3  sing N N 23  
ARG CG  CD   sing N N 24  
ARG CG  HG2  sing N N 25  
ARG CG  HG3  sing N N 26  
ARG CD  NE   sing N N 27  
ARG CD  HD2  sing N N 28  
ARG CD  HD3  sing N N 29  
ARG NE  CZ   sing N N 30  
ARG NE  HE   sing N N 31  
ARG CZ  NH1  sing N N 32  
ARG CZ  NH2  doub N N 33  
ARG NH1 HH11 sing N N 34  
ARG NH1 HH12 sing N N 35  
ARG NH2 HH21 sing N N 36  
ARG NH2 HH22 sing N N 37  
ARG OXT HXT  sing N N 38  
ASP N   CA   sing N N 39  
ASP N   H    sing N N 40  
ASP N   H2   sing N N 41  
ASP CA  C    sing N N 42  
ASP CA  CB   sing N N 43  
ASP CA  HA   sing N N 44  
ASP C   O    doub N N 45  
ASP C   OXT  sing N N 46  
ASP CB  CG   sing N N 47  
ASP CB  HB2  sing N N 48  
ASP CB  HB3  sing N N 49  
ASP CG  OD1  doub N N 50  
ASP CG  OD2  sing N N 51  
ASP OD2 HD2  sing N N 52  
ASP OXT HXT  sing N N 53  
GLN N   CA   sing N N 54  
GLN N   H    sing N N 55  
GLN N   H2   sing N N 56  
GLN CA  C    sing N N 57  
GLN CA  CB   sing N N 58  
GLN CA  HA   sing N N 59  
GLN C   O    doub N N 60  
GLN C   OXT  sing N N 61  
GLN CB  CG   sing N N 62  
GLN CB  HB2  sing N N 63  
GLN CB  HB3  sing N N 64  
GLN CG  CD   sing N N 65  
GLN CG  HG2  sing N N 66  
GLN CG  HG3  sing N N 67  
GLN CD  OE1  doub N N 68  
GLN CD  NE2  sing N N 69  
GLN NE2 HE21 sing N N 70  
GLN NE2 HE22 sing N N 71  
GLN OXT HXT  sing N N 72  
GLY N   CA   sing N N 73  
GLY N   H    sing N N 74  
GLY N   H2   sing N N 75  
GLY CA  C    sing N N 76  
GLY CA  HA2  sing N N 77  
GLY CA  HA3  sing N N 78  
GLY C   O    doub N N 79  
GLY C   OXT  sing N N 80  
GLY OXT HXT  sing N N 81  
HOH O   H1   sing N N 82  
HOH O   H2   sing N N 83  
LEU N   CA   sing N N 84  
LEU N   H    sing N N 85  
LEU N   H2   sing N N 86  
LEU CA  C    sing N N 87  
LEU CA  CB   sing N N 88  
LEU CA  HA   sing N N 89  
LEU C   O    doub N N 90  
LEU C   OXT  sing N N 91  
LEU CB  CG   sing N N 92  
LEU CB  HB2  sing N N 93  
LEU CB  HB3  sing N N 94  
LEU CG  CD1  sing N N 95  
LEU CG  CD2  sing N N 96  
LEU CG  HG   sing N N 97  
LEU CD1 HD11 sing N N 98  
LEU CD1 HD12 sing N N 99  
LEU CD1 HD13 sing N N 100 
LEU CD2 HD21 sing N N 101 
LEU CD2 HD22 sing N N 102 
LEU CD2 HD23 sing N N 103 
LEU OXT HXT  sing N N 104 
PRO N   CA   sing N N 105 
PRO N   CD   sing N N 106 
PRO N   H    sing N N 107 
PRO CA  C    sing N N 108 
PRO CA  CB   sing N N 109 
PRO CA  HA   sing N N 110 
PRO C   O    doub N N 111 
PRO C   OXT  sing N N 112 
PRO CB  CG   sing N N 113 
PRO CB  HB2  sing N N 114 
PRO CB  HB3  sing N N 115 
PRO CG  CD   sing N N 116 
PRO CG  HG2  sing N N 117 
PRO CG  HG3  sing N N 118 
PRO CD  HD2  sing N N 119 
PRO CD  HD3  sing N N 120 
PRO OXT HXT  sing N N 121 
SER N   CA   sing N N 122 
SER N   H    sing N N 123 
SER N   H2   sing N N 124 
SER CA  C    sing N N 125 
SER CA  CB   sing N N 126 
SER CA  HA   sing N N 127 
SER C   O    doub N N 128 
SER C   OXT  sing N N 129 
SER CB  OG   sing N N 130 
SER CB  HB2  sing N N 131 
SER CB  HB3  sing N N 132 
SER OG  HG   sing N N 133 
SER OXT HXT  sing N N 134 
TRP N   CA   sing N N 135 
TRP N   H    sing N N 136 
TRP N   H2   sing N N 137 
TRP CA  C    sing N N 138 
TRP CA  CB   sing N N 139 
TRP CA  HA   sing N N 140 
TRP C   O    doub N N 141 
TRP C   OXT  sing N N 142 
TRP CB  CG   sing N N 143 
TRP CB  HB2  sing N N 144 
TRP CB  HB3  sing N N 145 
TRP CG  CD1  doub Y N 146 
TRP CG  CD2  sing Y N 147 
TRP CD1 NE1  sing Y N 148 
TRP CD1 HD1  sing N N 149 
TRP CD2 CE2  doub Y N 150 
TRP CD2 CE3  sing Y N 151 
TRP NE1 CE2  sing Y N 152 
TRP NE1 HE1  sing N N 153 
TRP CE2 CZ2  sing Y N 154 
TRP CE3 CZ3  doub Y N 155 
TRP CE3 HE3  sing N N 156 
TRP CZ2 CH2  doub Y N 157 
TRP CZ2 HZ2  sing N N 158 
TRP CZ3 CH2  sing Y N 159 
TRP CZ3 HZ3  sing N N 160 
TRP CH2 HH2  sing N N 161 
TRP OXT HXT  sing N N 162 
TRS C   C1   sing N N 163 
TRS C   C2   sing N N 164 
TRS C   C3   sing N N 165 
TRS C   N    sing N N 166 
TRS C1  O1   sing N N 167 
TRS C1  H11  sing N N 168 
TRS C1  H12  sing N N 169 
TRS C2  O2   sing N N 170 
TRS C2  H21  sing N N 171 
TRS C2  H22  sing N N 172 
TRS C3  O3   sing N N 173 
TRS C3  H31  sing N N 174 
TRS C3  H32  sing N N 175 
TRS N   HN1  sing N N 176 
TRS N   HN2  sing N N 177 
TRS N   HN3  sing N N 178 
TRS O1  HO1  sing N N 179 
TRS O2  HO2  sing N N 180 
TRS O3  HO3  sing N N 181 
TYR N   CA   sing N N 182 
TYR N   H    sing N N 183 
TYR N   H2   sing N N 184 
TYR CA  C    sing N N 185 
TYR CA  CB   sing N N 186 
TYR CA  HA   sing N N 187 
TYR C   O    doub N N 188 
TYR C   OXT  sing N N 189 
TYR CB  CG   sing N N 190 
TYR CB  HB2  sing N N 191 
TYR CB  HB3  sing N N 192 
TYR CG  CD1  doub Y N 193 
TYR CG  CD2  sing Y N 194 
TYR CD1 CE1  sing Y N 195 
TYR CD1 HD1  sing N N 196 
TYR CD2 CE2  doub Y N 197 
TYR CD2 HD2  sing N N 198 
TYR CE1 CZ   doub Y N 199 
TYR CE1 HE1  sing N N 200 
TYR CE2 CZ   sing Y N 201 
TYR CE2 HE2  sing N N 202 
TYR CZ  OH   sing N N 203 
TYR OH  HH   sing N N 204 
TYR OXT HXT  sing N N 205 
# 
_pdbx_initial_refinement_model.id               1 
_pdbx_initial_refinement_model.entity_id_list   ? 
_pdbx_initial_refinement_model.type             'experimental model' 
_pdbx_initial_refinement_model.source_name      PDB 
_pdbx_initial_refinement_model.accession_code   3UC7 
_pdbx_initial_refinement_model.details          'PDB ENTRY 3UC7' 
# 
_atom_sites.entry_id                    3UC8 
_atom_sites.fract_transf_matrix[1][1]   0.00125767 
_atom_sites.fract_transf_matrix[1][2]   0.00285223 
_atom_sites.fract_transf_matrix[1][3]   -0.02695938 
_atom_sites.fract_transf_matrix[2][1]   -0.02710978 
_atom_sites.fract_transf_matrix[2][2]   0.00007394 
_atom_sites.fract_transf_matrix[2][3]   -0.00125687 
_atom_sites.fract_transf_matrix[3][1]   -0.00003263 
_atom_sites.fract_transf_matrix[3][2]   0.01501930 
_atom_sites.fract_transf_matrix[3][3]   0.00158748 
_atom_sites.fract_transf_vector[1]      0.147722 
_atom_sites.fract_transf_vector[2]      -0.443344 
_atom_sites.fract_transf_vector[3]      0.076982 
# 
loop_
_atom_type.symbol 
C 
N 
O 
# 
loop_
_atom_site.group_PDB 
_atom_site.id 
_atom_site.type_symbol 
_atom_site.label_atom_id 
_atom_site.label_alt_id 
_atom_site.label_comp_id 
_atom_site.label_asym_id 
_atom_site.label_entity_id 
_atom_site.label_seq_id 
_atom_site.pdbx_PDB_ins_code 
_atom_site.Cartn_x 
_atom_site.Cartn_y 
_atom_site.Cartn_z 
_atom_site.occupancy 
_atom_site.B_iso_or_equiv 
_atom_site.pdbx_formal_charge 
_atom_site.auth_seq_id 
_atom_site.auth_comp_id 
_atom_site.auth_asym_id 
_atom_site.auth_atom_id 
_atom_site.pdbx_PDB_model_num 
ATOM   1   N N   . GLY A 1 1  ? -5.674  0.734   -7.128  1.00 15.24 ? -1   GLY A N   1 
ATOM   2   C CA  . GLY A 1 1  ? -5.543  1.046   -5.673  1.00 13.05 ? -1   GLY A CA  1 
ATOM   3   C C   . GLY A 1 1  ? -6.409  0.147   -4.874  1.00 12.06 ? -1   GLY A C   1 
ATOM   4   O O   . GLY A 1 1  ? -6.052  -0.298  -3.812  1.00 12.34 ? -1   GLY A O   1 
ATOM   5   N N   . ASP A 1 2  ? -7.682  -0.056  -5.355  1.00 11.90 ? 1    ASP A N   1 
ATOM   6   C CA  . ASP A 1 2  ? -8.557  -0.941  -4.627  1.00 12.06 ? 1    ASP A CA  1 
ATOM   7   C C   . ASP A 1 2  ? -8.060  -2.396  -4.581  1.00 11.15 ? 1    ASP A C   1 
ATOM   8   O O   . ASP A 1 2  ? -8.053  -3.041  -3.549  1.00 13.55 ? 1    ASP A O   1 
ATOM   9   C CB  . ASP A 1 2  ? -9.983  -0.839  -5.192  1.00 14.43 ? 1    ASP A CB  1 
ATOM   10  C CG  . ASP A 1 2  ? -10.600 0.500   -4.922  1.00 13.24 ? 1    ASP A CG  1 
ATOM   11  O OD1 . ASP A 1 2  ? -10.623 0.914   -3.784  1.00 15.35 ? 1    ASP A OD1 1 
ATOM   12  O OD2 . ASP A 1 2  ? -11.208 1.061   -5.861  1.00 16.02 ? 1    ASP A OD2 1 
ATOM   13  N N   . ALA A 1 3  ? -7.632  -2.859  -5.735  1.00 13.51 ? 2    ALA A N   1 
ATOM   14  C CA  . ALA A 1 3  ? -7.184  -4.265  -5.871  1.00 13.78 ? 2    ALA A CA  1 
ATOM   15  C C   . ALA A 1 3  ? -5.931  -4.486  -4.969  1.00 12.32 ? 2    ALA A C   1 
ATOM   16  O O   . ALA A 1 3  ? -5.823  -5.467  -4.222  1.00 13.93 ? 2    ALA A O   1 
ATOM   17  C CB  . ALA A 1 3  ? -6.850  -4.573  -7.298  1.00 15.28 ? 2    ALA A CB  1 
ATOM   18  N N   . TYR A 1 4  ? -5.047  -3.495  -5.003  1.00 12.39 ? 3    TYR A N   1 
ATOM   19  C CA  . TYR A 1 4  ? -3.814  -3.568  -4.213  1.00 11.46 ? 3    TYR A CA  1 
ATOM   20  C C   . TYR A 1 4  ? -4.139  -3.639  -2.733  1.00 11.14 ? 3    TYR A C   1 
ATOM   21  O O   . TYR A 1 4  ? -3.485  -4.366  -1.991  1.00 11.19 ? 3    TYR A O   1 
ATOM   22  C CB  . TYR A 1 4  ? -2.847  -2.411  -4.566  1.00 11.32 ? 3    TYR A CB  1 
ATOM   23  C CG  . TYR A 1 4  ? -1.498  -2.547  -3.905  1.00 11.18 ? 3    TYR A CG  1 
ATOM   24  C CD1 . TYR A 1 4  ? -0.493  -3.300  -4.499  1.00 10.78 ? 3    TYR A CD1 1 
ATOM   25  C CD2 . TYR A 1 4  ? -1.249  -1.978  -2.687  1.00 13.75 ? 3    TYR A CD2 1 
ATOM   26  C CE1 . TYR A 1 4  ? 0.761   -3.463  -3.868  1.00 10.96 ? 3    TYR A CE1 1 
ATOM   27  C CE2 . TYR A 1 4  ? -0.028  -2.092  -2.080  1.00 13.30 ? 3    TYR A CE2 1 
ATOM   28  C CZ  . TYR A 1 4  ? 1.006   -2.845  -2.669  1.00 11.70 ? 3    TYR A CZ  1 
ATOM   29  O OH  . TYR A 1 4  ? 2.184   -2.981  -1.998  1.00 12.42 ? 3    TYR A OH  1 
ATOM   30  N N   . ALA A 1 5  ? -5.120  -2.840  -2.287  1.00 9.85  ? 4    ALA A N   1 
ATOM   31  C CA  . ALA A 1 5  ? -5.536  -2.877  -0.917  1.00 10.96 ? 4    ALA A CA  1 
ATOM   32  C C   . ALA A 1 5  ? -5.924  -4.298  -0.453  1.00 10.28 ? 4    ALA A C   1 
ATOM   33  O O   . ALA A 1 5  ? -5.530  -4.727  0.649   1.00 11.88 ? 4    ALA A O   1 
ATOM   34  C CB  . ALA A 1 5  ? -6.722  -1.848  -0.621  1.00 12.28 ? 4    ALA A CB  1 
ATOM   35  N N   . GLN A 1 6  ? -6.709  -4.956  -1.268  1.00 11.43 ? 5    GLN A N   1 
ATOM   36  C CA  . GLN A 1 6  ? -7.104  -6.312  -0.947  1.00 12.83 ? 5    GLN A CA  1 
ATOM   37  C C   . GLN A 1 6  ? -5.940  -7.317  -0.920  1.00 13.16 ? 5    GLN A C   1 
ATOM   38  O O   . GLN A 1 6  ? -5.860  -8.186  -0.027  1.00 14.34 ? 5    GLN A O   1 
ATOM   39  C CB  . GLN A 1 6  ? -8.214  -6.805  -1.859  1.00 14.61 ? 5    GLN A CB  1 
ATOM   40  C CG  . GLN A 1 6  ? -8.912  -8.185  -1.233  1.00 19.10 ? 5    GLN A CG  1 
ATOM   41  C CD  . GLN A 1 6  ? -9.397  -8.049  0.330   1.00 24.08 ? 5    GLN A CD  1 
ATOM   42  O OE1 . GLN A 1 6  ? -10.299 -7.252  0.617   1.00 22.78 ? 5    GLN A OE1 1 
ATOM   43  N NE2 . GLN A 1 6  ? -8.861  -8.882  1.285   1.00 21.58 ? 5    GLN A NE2 1 
ATOM   44  N N   . TRP A 1 7  ? -5.055  -7.154  -1.878  1.00 11.66 ? 6    TRP A N   1 
ATOM   45  C CA  . TRP A 1 7  ? -3.841  -7.945  -1.900  1.00 12.23 ? 6    TRP A CA  1 
ATOM   46  C C   . TRP A 1 7  ? -2.996  -7.810  -0.597  1.00 11.11 ? 6    TRP A C   1 
ATOM   47  O O   . TRP A 1 7  ? -2.565  -8.802  -0.022  1.00 12.91 ? 6    TRP A O   1 
ATOM   48  C CB  . TRP A 1 7  ? -3.000  -7.618  -3.157  1.00 11.76 ? 6    TRP A CB  1 
ATOM   49  C CG  . TRP A 1 7  ? -1.724  -8.325  -3.329  1.00 11.04 ? 6    TRP A CG  1 
ATOM   50  C CD1 . TRP A 1 7  ? -1.515  -9.553  -3.890  1.00 13.04 ? 6    TRP A CD1 1 
ATOM   51  C CD2 . TRP A 1 7  ? -0.405  -7.825  -2.996  1.00 9.14  ? 6    TRP A CD2 1 
ATOM   52  N NE1 . TRP A 1 7  ? -0.176  -9.826  -3.929  1.00 11.67 ? 6    TRP A NE1 1 
ATOM   53  C CE2 . TRP A 1 7  ? 0.532   -8.775  -3.424  1.00 10.07 ? 6    TRP A CE2 1 
ATOM   54  C CE3 . TRP A 1 7  ? 0.057   -6.615  -2.467  1.00 9.67  ? 6    TRP A CE3 1 
ATOM   55  C CZ2 . TRP A 1 7  ? 1.898   -8.576  -3.254  1.00 10.55 ? 6    TRP A CZ2 1 
ATOM   56  C CZ3 . TRP A 1 7  ? 1.388   -6.439  -2.281  1.00 10.09 ? 6    TRP A CZ3 1 
ATOM   57  C CH2 . TRP A 1 7  ? 2.301   -7.386  -2.692  1.00 11.08 ? 6    TRP A CH2 1 
ATOM   58  N N   . LEU A 1 8  ? -2.844  -6.542  -0.167  1.00 10.44 ? 7    LEU A N   1 
ATOM   59  C CA  . LEU A 1 8  ? -2.175  -6.268  1.106   1.00 10.16 ? 7    LEU A CA  1 
ATOM   60  C C   . LEU A 1 8  ? -2.876  -6.945  2.287   1.00 10.39 ? 7    LEU A C   1 
ATOM   61  O O   . LEU A 1 8  ? -2.255  -7.559  3.182   1.00 11.90 ? 7    LEU A O   1 
ATOM   62  C CB  A LEU A 1 8  ? -2.125  -4.768  1.324   0.50 12.31 ? 7    LEU A CB  1 
ATOM   63  C CB  B LEU A 1 8  ? -2.074  -4.776  1.358   0.50 10.88 ? 7    LEU A CB  1 
ATOM   64  C CG  A LEU A 1 8  ? -0.905  -3.972  1.721   0.50 18.74 ? 7    LEU A CG  1 
ATOM   65  C CG  B LEU A 1 8  ? -1.164  -3.955  0.490   0.50 9.00  ? 7    LEU A CG  1 
ATOM   66  C CD1 A LEU A 1 8  ? -1.371  -2.898  2.719   0.50 14.21 ? 7    LEU A CD1 1 
ATOM   67  C CD1 B LEU A 1 8  ? -1.332  -2.431  0.840   0.50 10.65 ? 7    LEU A CD1 1 
ATOM   68  C CD2 A LEU A 1 8  ? 0.395   -4.752  2.148   0.50 11.56 ? 7    LEU A CD2 1 
ATOM   69  C CD2 B LEU A 1 8  ? 0.235   -4.441  0.725   0.50 9.64  ? 7    LEU A CD2 1 
ATOM   70  N N   . ALA A 1 9  ? -4.189  -6.775  2.311   1.00 11.71 ? 8    ALA A N   1 
ATOM   71  C CA  . ALA A 1 9  ? -5.035  -7.370  3.357   1.00 11.93 ? 8    ALA A CA  1 
ATOM   72  C C   . ALA A 1 9  ? -4.852  -8.905  3.426   1.00 11.47 ? 8    ALA A C   1 
ATOM   73  O O   . ALA A 1 9  ? -4.989  -9.502  4.515   1.00 14.22 ? 8    ALA A O   1 
ATOM   74  C CB  . ALA A 1 9  ? -6.543  -6.992  3.143   1.00 13.26 ? 8    ALA A CB  1 
ATOM   75  N N   . ASP A 1 10 ? -4.582  -9.496  2.251   1.00 12.87 ? 9    ASP A N   1 
ATOM   76  C CA  . ASP A 1 10 ? -4.372  -10.893 2.135   1.00 12.20 ? 9    ASP A CA  1 
ATOM   77  C C   . ASP A 1 10 ? -2.895  -11.321 2.367   1.00 9.88  ? 9    ASP A C   1 
ATOM   78  O O   . ASP A 1 10 ? -2.551  -12.503 2.122   1.00 12.43 ? 9    ASP A O   1 
ATOM   79  C CB  . ASP A 1 10 ? -4.823  -11.376 0.792   1.00 12.69 ? 9    ASP A CB  1 
ATOM   80  C CG  . ASP A 1 10 ? -6.353  -11.371 0.617   1.00 16.13 ? 9    ASP A CG  1 
ATOM   81  O OD1 . ASP A 1 10 ? -6.717  -11.752 -0.522  1.00 18.08 ? 9    ASP A OD1 1 
ATOM   82  O OD2 . ASP A 1 10 ? -7.104  -11.060 1.533   1.00 15.15 ? 9    ASP A OD2 1 
ATOM   83  N N   . GLY A 1 11 ? -2.053  -10.438 2.880   1.00 11.69 ? 10   GLY A N   1 
ATOM   84  C CA  . GLY A 1 11 ? -0.679  -10.750 3.237   1.00 11.57 ? 10   GLY A CA  1 
ATOM   85  C C   . GLY A 1 11 ? 0.341   -10.345 2.195   1.00 10.54 ? 10   GLY A C   1 
ATOM   86  O O   . GLY A 1 11 ? 1.489   -10.619 2.342   1.00 11.52 ? 10   GLY A O   1 
ATOM   87  N N   . GLY A 1 12 ? -0.089  -9.606  1.151   1.00 11.12 ? 11   GLY A N   1 
ATOM   88  C CA  . GLY A 1 12 ? 0.865   -9.120  0.174   1.00 10.04 ? 11   GLY A CA  1 
ATOM   89  C C   . GLY A 1 12 ? 1.616   -10.288 -0.451  1.00 9.95  ? 11   GLY A C   1 
ATOM   90  O O   . GLY A 1 12 ? 1.019   -11.267 -0.904  1.00 13.25 ? 11   GLY A O   1 
ATOM   91  N N   . PRO A 1 13 ? 2.943   -10.172 -0.490  1.00 10.86 ? 12   PRO A N   1 
ATOM   92  C CA  . PRO A 1 13 ? 3.722   -11.238 -1.087  1.00 13.62 ? 12   PRO A CA  1 
ATOM   93  C C   . PRO A 1 13 ? 3.506   -12.620 -0.480  1.00 14.78 ? 12   PRO A C   1 
ATOM   94  O O   . PRO A 1 13 ? 3.741   -13.630 -1.158  1.00 18.12 ? 12   PRO A O   1 
ATOM   95  C CB  . PRO A 1 13 ? 5.151   -10.781 -0.879  1.00 14.46 ? 12   PRO A CB  1 
ATOM   96  C CG  . PRO A 1 13 ? 5.075   -9.264  -0.871  1.00 14.85 ? 12   PRO A CG  1 
ATOM   97  C CD  . PRO A 1 13 ? 3.794   -9.033  -0.058  1.00 12.18 ? 12   PRO A CD  1 
ATOM   98  N N   . SER A 1 14 ? 3.067   -12.693 0.776   1.00 12.12 ? 13   SER A N   1 
ATOM   99  C CA  . SER A 1 14 ? 2.748   -13.960 1.416   1.00 13.07 ? 13   SER A CA  1 
ATOM   100 C C   . SER A 1 14 ? 1.522   -14.665 0.798   1.00 15.90 ? 13   SER A C   1 
ATOM   101 O O   . SER A 1 14 ? 1.358   -15.889 0.964   1.00 19.99 ? 13   SER A O   1 
ATOM   102 C CB  A SER A 1 14 ? 2.512   -13.696 2.936   0.50 11.72 ? 13   SER A CB  1 
ATOM   103 C CB  B SER A 1 14 ? 2.596   -13.822 2.911   0.50 11.76 ? 13   SER A CB  1 
ATOM   104 O OG  A SER A 1 14 ? 2.114   -14.824 3.702   0.50 12.53 ? 13   SER A OG  1 
ATOM   105 O OG  B SER A 1 14 ? 3.879   -13.537 3.391   0.50 13.50 ? 13   SER A OG  1 
ATOM   106 N N   . SER A 1 15 ? 0.709   -13.915 0.036   1.00 15.73 ? 14   SER A N   1 
ATOM   107 C CA  . SER A 1 15 ? -0.581  -14.435 -0.510  1.00 17.42 ? 14   SER A CA  1 
ATOM   108 C C   . SER A 1 15 ? -0.329  -15.471 -1.611  1.00 23.21 ? 14   SER A C   1 
ATOM   109 O O   . SER A 1 15 ? -1.229  -16.287 -1.943  1.00 26.31 ? 14   SER A O   1 
ATOM   110 C CB  . SER A 1 15 ? -1.440  -13.289 -1.037  1.00 19.03 ? 14   SER A CB  1 
ATOM   111 O OG  . SER A 1 15 ? -0.852  -12.798 -2.207  1.00 16.39 ? 14   SER A OG  1 
ATOM   112 N N   . GLY A 1 16 ? 0.869   -15.436 -2.187  1.00 18.50 ? 15   GLY A N   1 
ATOM   113 C CA  . GLY A 1 16 ? 1.155   -16.305 -3.300  1.00 22.87 ? 15   GLY A CA  1 
ATOM   114 C C   . GLY A 1 16 ? 0.722   -15.719 -4.645  1.00 22.67 ? 15   GLY A C   1 
ATOM   115 O O   . GLY A 1 16 ? 0.874   -16.380 -5.650  1.00 26.11 ? 15   GLY A O   1 
ATOM   116 N N   . ARG A 1 17 ? 0.230   -14.487 -4.682  1.00 18.84 ? 16   ARG A N   1 
ATOM   117 C CA  . ARG A 1 17 ? -0.267  -13.815 -5.905  1.00 17.44 ? 16   ARG A CA  1 
ATOM   118 C C   . ARG A 1 17 ? 0.590   -12.597 -6.193  1.00 13.83 ? 16   ARG A C   1 
ATOM   119 O O   . ARG A 1 17 ? 1.091   -11.937 -5.289  1.00 15.34 ? 16   ARG A O   1 
ATOM   120 C CB  . ARG A 1 17 ? -1.749  -13.443 -5.727  1.00 21.75 ? 16   ARG A CB  1 
ATOM   121 C CG  . ARG A 1 17 ? -2.636  -14.724 -5.379  1.00 24.98 ? 16   ARG A CG  1 
ATOM   122 C CD  . ARG A 1 17 ? -4.072  -14.377 -5.169  1.00 24.78 ? 16   ARG A CD  1 
ATOM   123 N NE  . ARG A 1 17 ? -4.475  -13.724 -3.912  1.00 25.68 ? 16   ARG A NE  1 
ATOM   124 C CZ  . ARG A 1 17 ? -4.780  -14.376 -2.730  1.00 25.01 ? 16   ARG A CZ  1 
ATOM   125 N NH1 . ARG A 1 17 ? -5.179  -13.723 -1.700  1.00 23.21 ? 16   ARG A NH1 1 
ATOM   126 N NH2 . ARG A 1 17 ? -4.661  -15.691 -2.569  1.00 27.66 ? 16   ARG A NH2 1 
ATOM   127 N N   . PRO A 1 18 ? 0.775   -12.251 -7.472  1.00 17.02 ? 17   PRO A N   1 
ATOM   128 C CA  . PRO A 1 18 ? 1.479   -10.993 -7.770  1.00 16.95 ? 17   PRO A CA  1 
ATOM   129 C C   . PRO A 1 18 ? 0.636   -9.744  -7.372  1.00 13.72 ? 17   PRO A C   1 
ATOM   130 O O   . PRO A 1 18 ? -0.573  -9.778  -7.352  1.00 16.99 ? 17   PRO A O   1 
ATOM   131 C CB  . PRO A 1 18 ? 1.649   -11.019 -9.308  1.00 20.57 ? 17   PRO A CB  1 
ATOM   132 C CG  . PRO A 1 18 ? 0.522   -11.845 -9.756  1.00 23.01 ? 17   PRO A CG  1 
ATOM   133 C CD  . PRO A 1 18 ? 0.345   -12.923 -8.724  1.00 19.97 ? 17   PRO A CD  1 
ATOM   134 N N   . PRO A 1 19 ? 1.325   -8.631  -7.129  1.00 13.44 ? 18   PRO A N   1 
ATOM   135 C CA  . PRO A 1 19 ? 0.627   -7.369  -6.692  1.00 14.26 ? 18   PRO A CA  1 
ATOM   136 C C   . PRO A 1 19 ? -0.112  -6.789  -7.902  1.00 15.68 ? 18   PRO A C   1 
ATOM   137 O O   . PRO A 1 19 ? 0.524   -6.567  -8.966  1.00 16.94 ? 18   PRO A O   1 
ATOM   138 C CB  . PRO A 1 19 ? 1.743   -6.411  -6.249  1.00 15.07 ? 18   PRO A CB  1 
ATOM   139 C CG  . PRO A 1 19 ? 3.000   -6.890  -6.955  1.00 14.29 ? 18   PRO A CG  1 
ATOM   140 C CD  . PRO A 1 19 ? 2.778   -8.453  -7.169  1.00 15.89 ? 18   PRO A CD  1 
ATOM   141 N N   . PRO A 1 20 ? -1.393  -6.484  -7.696  1.00 14.67 ? 19   PRO A N   1 
ATOM   142 C CA  . PRO A 1 20 ? -2.073  -5.759  -8.771  1.00 18.29 ? 19   PRO A CA  1 
ATOM   143 C C   . PRO A 1 20 ? -1.744  -4.292  -8.769  1.00 16.33 ? 19   PRO A C   1 
ATOM   144 O O   . PRO A 1 20 ? -1.141  -3.717  -7.827  1.00 18.86 ? 19   PRO A O   1 
ATOM   145 C CB  . PRO A 1 20 ? -3.552  -6.030  -8.492  1.00 22.13 ? 19   PRO A CB  1 
ATOM   146 C CG  . PRO A 1 20 ? -3.652  -6.301  -6.985  1.00 20.22 ? 19   PRO A CG  1 
ATOM   147 C CD  . PRO A 1 20 ? -2.267  -6.771  -6.528  1.00 17.97 ? 19   PRO A CD  1 
ATOM   148 N N   . SER A 1 21 ? -2.106  -3.607  -9.867  1.00 19.42 ? 20   SER A N   1 
ATOM   149 C CA  . SER A 1 21 ? -1.759  -2.158  -9.989  1.00 19.77 ? 20   SER A CA  1 
ATOM   150 C C   . SER A 1 21 ? -2.858  -1.234  -9.464  1.00 22.09 ? 20   SER A C   1 
ATOM   151 O O   . SER A 1 21 ? -2.512  -0.133  -8.915  1.00 24.95 ? 20   SER A O   1 
ATOM   152 C CB  . SER A 1 21 ? -1.465  -1.750  -11.437 1.00 21.22 ? 20   SER A CB  1 
ATOM   153 O OG  . SER A 1 21 ? -2.597  -2.050  -12.249 0.50 18.25 ? 20   SER A OG  1 
ATOM   154 N N   . GLY A 1 22 ? -4.126  -1.629  -9.615  1.00 18.65 ? 21   GLY A N   1 
ATOM   155 C CA  . GLY A 1 22 ? -5.199  -0.775  -9.135  1.00 17.26 ? 21   GLY A CA  1 
ATOM   156 C C   . GLY A 1 22 ? -5.128  -0.544  -7.614  1.00 14.48 ? 21   GLY A C   1 
ATOM   157 O O   . GLY A 1 22 ? -4.896  -1.413  -6.839  1.00 14.68 ? 21   GLY A O   1 
ATOM   158 N N   . GLY B 1 1  ? 5.289   -3.210  -6.271  1.00 9.80  ? -1   GLY B N   1 
ATOM   159 C CA  . GLY B 1 1  ? 4.296   -3.597  -5.235  1.00 9.37  ? -1   GLY B CA  1 
ATOM   160 C C   . GLY B 1 1  ? 4.827   -4.358  -4.062  1.00 8.71  ? -1   GLY B C   1 
ATOM   161 O O   . GLY B 1 1  ? 4.305   -4.260  -2.964  1.00 9.62  ? -1   GLY B O   1 
ATOM   162 N N   . ASP B 1 2  ? 5.752   -5.303  -4.422  1.00 10.27 ? 1    ASP B N   1 
ATOM   163 C CA  . ASP B 1 2  ? 6.306   -6.079  -3.317  1.00 8.97  ? 1    ASP B CA  1 
ATOM   164 C C   . ASP B 1 2  ? 7.170   -5.232  -2.363  1.00 8.56  ? 1    ASP B C   1 
ATOM   165 O O   . ASP B 1 2  ? 7.029   -5.272  -1.124  1.00 8.54  ? 1    ASP B O   1 
ATOM   166 C CB  . ASP B 1 2  ? 7.118   -7.274  -3.874  1.00 10.37 ? 1    ASP B CB  1 
ATOM   167 C CG  . ASP B 1 2  ? 6.253   -8.231  -4.722  1.00 13.15 ? 1    ASP B CG  1 
ATOM   168 O OD1 . ASP B 1 2  ? 5.259   -8.659  -4.255  1.00 17.99 ? 1    ASP B OD1 1 
ATOM   169 O OD2 . ASP B 1 2  ? 6.527   -8.537  -5.860  1.00 18.56 ? 1    ASP B OD2 1 
ATOM   170 N N   . ALA B 1 3  ? 8.027   -4.407  -2.972  1.00 9.16  ? 2    ALA B N   1 
ATOM   171 C CA  . ALA B 1 3  ? 8.818   -3.468  -2.210  1.00 8.53  ? 2    ALA B CA  1 
ATOM   172 C C   . ALA B 1 3  ? 7.934   -2.546  -1.359  1.00 7.64  ? 2    ALA B C   1 
ATOM   173 O O   . ALA B 1 3  ? 8.257   -2.169  -0.206  1.00 9.07  ? 2    ALA B O   1 
ATOM   174 C CB  . ALA B 1 3  ? 9.702   -2.639  -3.128  1.00 11.10 ? 2    ALA B CB  1 
ATOM   175 N N   . TYR B 1 4  ? 6.813   -2.148  -1.942  1.00 7.25  ? 3    TYR B N   1 
ATOM   176 C CA  . TYR B 1 4  ? 5.936   -1.167  -1.252  1.00 8.01  ? 3    TYR B CA  1 
ATOM   177 C C   . TYR B 1 4  ? 5.355   -1.806  0.033   1.00 7.34  ? 3    TYR B C   1 
ATOM   178 O O   . TYR B 1 4  ? 5.273   -1.166  1.062   1.00 8.85  ? 3    TYR B O   1 
ATOM   179 C CB  . TYR B 1 4  ? 4.802   -0.666  -2.165  1.00 9.20  ? 3    TYR B CB  1 
ATOM   180 C CG  . TYR B 1 4  ? 3.958   0.427   -1.580  1.00 8.31  ? 3    TYR B CG  1 
ATOM   181 C CD1 . TYR B 1 4  ? 4.303   1.767   -1.717  1.00 8.32  ? 3    TYR B CD1 1 
ATOM   182 C CD2 . TYR B 1 4  ? 2.812   0.135   -0.870  1.00 8.60  ? 3    TYR B CD2 1 
ATOM   183 C CE1 . TYR B 1 4  ? 3.536   2.759   -1.182  1.00 8.06  ? 3    TYR B CE1 1 
ATOM   184 C CE2 . TYR B 1 4  ? 2.073   1.124   -0.326  1.00 8.49  ? 3    TYR B CE2 1 
ATOM   185 C CZ  . TYR B 1 4  ? 2.366   2.452   -0.477  1.00 8.72  ? 3    TYR B CZ  1 
ATOM   186 O OH  . TYR B 1 4  ? 1.606   3.447   0.098   1.00 8.77  ? 3    TYR B OH  1 
ATOM   187 N N   . ALA B 1 5  ? 5.031   -3.086  -0.026  1.00 8.14  ? 4    ALA B N   1 
ATOM   188 C CA  . ALA B 1 5  ? 4.525   -3.770  1.120   1.00 8.94  ? 4    ALA B CA  1 
ATOM   189 C C   . ALA B 1 5  ? 5.575   -3.739  2.224   1.00 9.47  ? 4    ALA B C   1 
ATOM   190 O O   . ALA B 1 5  ? 5.257   -3.552  3.385   1.00 9.92  ? 4    ALA B O   1 
ATOM   191 C CB  . ALA B 1 5  ? 4.150   -5.185  0.776   1.00 9.57  ? 4    ALA B CB  1 
ATOM   192 N N   . GLN B 1 6  ? 6.841   -4.042  1.900   1.00 10.23 ? 5    GLN B N   1 
ATOM   193 C CA  . GLN B 1 6  ? 7.869   -4.020  2.922   1.00 11.38 ? 5    GLN B CA  1 
ATOM   194 C C   . GLN B 1 6  ? 8.077   -2.590  3.510   1.00 9.16  ? 5    GLN B C   1 
ATOM   195 O O   . GLN B 1 6  ? 8.323   -2.419  4.690   1.00 10.39 ? 5    GLN B O   1 
ATOM   196 C CB  . GLN B 1 6  ? 9.252   -4.508  2.416   1.00 12.63 ? 5    GLN B CB  1 
ATOM   197 C CG  . GLN B 1 6  ? 10.248  -4.679  3.585   1.00 19.61 ? 5    GLN B CG  1 
ATOM   198 C CD  . GLN B 1 6  ? 11.644  -4.917  3.187   1.00 30.91 ? 5    GLN B CD  1 
ATOM   199 O OE1 . GLN B 1 6  ? 12.194  -4.102  2.456   1.00 52.03 ? 5    GLN B OE1 1 
ATOM   200 N NE2 . GLN B 1 6  ? 12.263  -5.958  3.678   1.00 23.79 ? 5    GLN B NE2 1 
ATOM   201 N N   . TRP B 1 7  ? 7.968   -1.582  2.654   1.00 7.98  ? 6    TRP B N   1 
ATOM   202 C CA  . TRP B 1 7  ? 8.104   -0.194  3.059   1.00 8.72  ? 6    TRP B CA  1 
ATOM   203 C C   . TRP B 1 7  ? 6.993   0.184   4.057   1.00 9.01  ? 6    TRP B C   1 
ATOM   204 O O   . TRP B 1 7  ? 7.277   0.810   5.094   1.00 9.59  ? 6    TRP B O   1 
ATOM   205 C CB  . TRP B 1 7  ? 8.101   0.692   1.829   1.00 8.91  ? 6    TRP B CB  1 
ATOM   206 C CG  . TRP B 1 7  ? 8.038   2.193   2.152   1.00 10.75 ? 6    TRP B CG  1 
ATOM   207 C CD1 . TRP B 1 7  ? 9.079   3.044   2.459   1.00 8.56  ? 6    TRP B CD1 1 
ATOM   208 C CD2 . TRP B 1 7  ? 6.861   3.025   2.138   1.00 7.79  ? 6    TRP B CD2 1 
ATOM   209 N NE1 . TRP B 1 7  ? 8.629   4.315   2.658   1.00 9.13  ? 6    TRP B NE1 1 
ATOM   210 C CE2 . TRP B 1 7  ? 7.280   4.354   2.442   1.00 7.36  ? 6    TRP B CE2 1 
ATOM   211 C CE3 . TRP B 1 7  ? 5.510   2.777   1.910   1.00 8.47  ? 6    TRP B CE3 1 
ATOM   212 C CZ2 . TRP B 1 7  ? 6.408   5.421   2.478   1.00 8.34  ? 6    TRP B CZ2 1 
ATOM   213 C CZ3 . TRP B 1 7  ? 4.656   3.819   1.929   1.00 9.07  ? 6    TRP B CZ3 1 
ATOM   214 C CH2 . TRP B 1 7  ? 5.102   5.153   2.249   1.00 8.50  ? 6    TRP B CH2 1 
ATOM   215 N N   . LEU B 1 8  ? 5.754   -0.258  3.806   1.00 9.12  ? 7    LEU B N   1 
ATOM   216 C CA  . LEU B 1 8  ? 4.699   -0.099  4.808   1.00 9.09  ? 7    LEU B CA  1 
ATOM   217 C C   . LEU B 1 8  ? 5.083   -0.719  6.123   1.00 9.02  ? 7    LEU B C   1 
ATOM   218 O O   . LEU B 1 8  ? 4.802   -0.189  7.220   1.00 9.53  ? 7    LEU B O   1 
ATOM   219 C CB  . LEU B 1 8  ? 3.380   -0.677  4.287   1.00 9.12  ? 7    LEU B CB  1 
ATOM   220 C CG  . LEU B 1 8  ? 2.664   0.080   3.189   1.00 10.91 ? 7    LEU B CG  1 
ATOM   221 C CD1 . LEU B 1 8  ? 1.517   -0.884  2.650   1.00 10.69 ? 7    LEU B CD1 1 
ATOM   222 C CD2 . LEU B 1 8  ? 2.135   1.445   3.523   1.00 10.21 ? 7    LEU B CD2 1 
ATOM   223 N N   . ALA B 1 9  ? 5.536   -1.964  6.009   1.00 9.24  ? 8    ALA B N   1 
ATOM   224 C CA  . ALA B 1 9  ? 5.873   -2.746  7.213   1.00 10.71 ? 8    ALA B CA  1 
ATOM   225 C C   . ALA B 1 9  ? 6.953   -2.084  8.051   1.00 11.24 ? 8    ALA B C   1 
ATOM   226 O O   . ALA B 1 9  ? 7.027   -2.220  9.273   1.00 15.04 ? 8    ALA B O   1 
ATOM   227 C CB  . ALA B 1 9  ? 6.250   -4.204  6.818   1.00 12.58 ? 8    ALA B CB  1 
ATOM   228 N N   . ASP B 1 10 ? 7.797   -1.311  7.362   1.00 11.91 ? 9    ASP B N   1 
ATOM   229 C CA  . ASP B 1 10 ? 8.911   -0.638  8.001   1.00 11.14 ? 9    ASP B CA  1 
ATOM   230 C C   . ASP B 1 10 ? 8.585   0.716   8.565   1.00 13.46 ? 9    ASP B C   1 
ATOM   231 O O   . ASP B 1 10 ? 9.490   1.373   9.102   1.00 18.49 ? 9    ASP B O   1 
ATOM   232 C CB  . ASP B 1 10 ? 10.080  -0.526  7.030   1.00 15.85 ? 9    ASP B CB  1 
ATOM   233 C CG  . ASP B 1 10 ? 10.701  -1.846  6.761   1.00 22.36 ? 9    ASP B CG  1 
ATOM   234 O OD1 . ASP B 1 10 ? 11.366  -2.024  5.717   1.00 27.88 ? 9    ASP B OD1 1 
ATOM   235 O OD2 . ASP B 1 10 ? 10.558  -2.764  7.591   1.00 23.41 ? 9    ASP B OD2 1 
ATOM   236 N N   . GLY B 1 11 ? 7.316   1.135   8.418   1.00 12.14 ? 10   GLY B N   1 
ATOM   237 C CA  . GLY B 1 11 ? 6.835   2.374   8.933   1.00 12.37 ? 10   GLY B CA  1 
ATOM   238 C C   . GLY B 1 11 ? 6.304   3.388   7.941   1.00 11.08 ? 10   GLY B C   1 
ATOM   239 O O   . GLY B 1 11 ? 5.834   4.438   8.340   1.00 13.98 ? 10   GLY B O   1 
ATOM   240 N N   . GLY B 1 12 ? 6.435   3.101   6.641   1.00 11.48 ? 11   GLY B N   1 
ATOM   241 C CA  . GLY B 1 12 ? 5.845   3.922   5.651   1.00 10.79 ? 11   GLY B CA  1 
ATOM   242 C C   . GLY B 1 12 ? 6.411   5.342   5.704   1.00 9.90  ? 11   GLY B C   1 
ATOM   243 O O   . GLY B 1 12 ? 7.644   5.527   5.713   1.00 11.06 ? 11   GLY B O   1 
ATOM   244 N N   . PRO B 1 13 ? 5.539   6.348   5.631   1.00 10.44 ? 12   PRO B N   1 
ATOM   245 C CA  . PRO B 1 13 ? 6.020   7.740   5.556   1.00 10.70 ? 12   PRO B CA  1 
ATOM   246 C C   . PRO B 1 13 ? 7.010   8.102   6.649   1.00 10.52 ? 12   PRO B C   1 
ATOM   247 O O   . PRO B 1 13 ? 7.885   8.888   6.422   1.00 12.64 ? 12   PRO B O   1 
ATOM   248 C CB  . PRO B 1 13 ? 4.732   8.580   5.636   1.00 12.80 ? 12   PRO B CB  1 
ATOM   249 C CG  . PRO B 1 13 ? 3.716   7.683   4.957   1.00 13.77 ? 12   PRO B CG  1 
ATOM   250 C CD  . PRO B 1 13 ? 4.051   6.287   5.476   1.00 12.07 ? 12   PRO B CD  1 
ATOM   251 N N   . SER B 1 14 ? 6.818   7.551   7.821   1.00 12.57 ? 13   SER B N   1 
ATOM   252 C CA  . SER B 1 14 ? 7.718   7.858   8.960   1.00 13.90 ? 13   SER B CA  1 
ATOM   253 C C   . SER B 1 14 ? 9.082   7.162   8.967   1.00 13.91 ? 13   SER B C   1 
ATOM   254 O O   . SER B 1 14 ? 9.945   7.487   9.806   1.00 15.90 ? 13   SER B O   1 
ATOM   255 C CB  A SER B 1 14 ? 7.018   7.728   10.285  0.50 14.81 ? 13   SER B CB  1 
ATOM   256 C CB  B SER B 1 14 ? 7.039   7.378   10.266  0.50 13.97 ? 13   SER B CB  1 
ATOM   257 O OG  A SER B 1 14 ? 6.789   6.388   10.542  0.50 14.28 ? 13   SER B OG  1 
ATOM   258 O OG  B SER B 1 14 ? 5.762   7.957   10.500  0.50 16.48 ? 13   SER B OG  1 
ATOM   259 N N   . SER B 1 15 ? 9.302   6.269   8.015   1.00 12.96 ? 14   SER B N   1 
ATOM   260 C CA  . SER B 1 15 ? 10.474  5.431   8.027   1.00 13.02 ? 14   SER B CA  1 
ATOM   261 C C   . SER B 1 15 ? 11.853  6.063   7.602   1.00 14.45 ? 14   SER B C   1 
ATOM   262 O O   . SER B 1 15 ? 12.907  5.371   7.697   1.00 17.75 ? 14   SER B O   1 
ATOM   263 C CB  . SER B 1 15 ? 10.247  4.193   7.077   1.00 12.07 ? 14   SER B CB  1 
ATOM   264 O OG  . SER B 1 15 ? 10.221  4.616   5.737   1.00 12.72 ? 14   SER B OG  1 
ATOM   265 N N   . GLY B 1 16 ? 11.803  7.258   7.028   1.00 14.79 ? 15   GLY B N   1 
ATOM   266 C CA  . GLY B 1 16 ? 12.996  7.888   6.512   1.00 17.18 ? 15   GLY B CA  1 
ATOM   267 C C   . GLY B 1 16 ? 13.371  7.501   5.095   1.00 15.01 ? 15   GLY B C   1 
ATOM   268 O O   . GLY B 1 16 ? 14.375  7.987   4.570   1.00 17.67 ? 15   GLY B O   1 
ATOM   269 N N   A ARG B 1 17 ? 12.544  6.654   4.474   0.50 13.18 ? 16   ARG B N   1 
ATOM   270 N N   B ARG B 1 17 ? 12.539  6.625   4.494   0.50 13.13 ? 16   ARG B N   1 
ATOM   271 C CA  A ARG B 1 17 ? 12.800  6.258   3.114   0.50 11.52 ? 16   ARG B CA  1 
ATOM   272 C CA  B ARG B 1 17 ? 12.731  6.115   3.140   0.50 12.16 ? 16   ARG B CA  1 
ATOM   273 C C   A ARG B 1 17 ? 11.533  6.596   2.311   0.50 8.65  ? 16   ARG B C   1 
ATOM   274 C C   B ARG B 1 17 ? 11.516  6.577   2.312   0.50 8.55  ? 16   ARG B C   1 
ATOM   275 O O   A ARG B 1 17 ? 10.427  6.668   2.846   0.50 11.33 ? 16   ARG B O   1 
ATOM   276 O O   B ARG B 1 17 ? 10.396  6.469   2.770   0.50 9.52  ? 16   ARG B O   1 
ATOM   277 C CB  A ARG B 1 17 ? 13.135  4.768   3.017   0.50 11.77 ? 16   ARG B CB  1 
ATOM   278 C CB  B ARG B 1 17 ? 12.714  4.584   3.136   0.50 12.54 ? 16   ARG B CB  1 
ATOM   279 C CG  A ARG B 1 17 ? 14.409  4.376   3.706   0.50 15.45 ? 16   ARG B CG  1 
ATOM   280 C CG  B ARG B 1 17 ? 13.871  3.929   3.755   0.50 16.85 ? 16   ARG B CG  1 
ATOM   281 C CD  A ARG B 1 17 ? 14.646  2.860   3.632   0.50 15.28 ? 16   ARG B CD  1 
ATOM   282 C CD  B ARG B 1 17 ? 13.988  2.457   3.219   0.50 16.31 ? 16   ARG B CD  1 
ATOM   283 N NE  A ARG B 1 17 ? 13.735  2.134   4.558   0.50 15.43 ? 16   ARG B NE  1 
ATOM   284 N NE  B ARG B 1 17 ? 13.017  1.457   3.727   0.50 22.08 ? 16   ARG B NE  1 
ATOM   285 C CZ  A ARG B 1 17 ? 13.934  1.986   5.884   0.50 16.31 ? 16   ARG B CZ  1 
ATOM   286 C CZ  B ARG B 1 17 ? 12.209  0.692   2.982   0.50 19.77 ? 16   ARG B CZ  1 
ATOM   287 N NH1 A ARG B 1 17 ? 13.072  1.343   6.587   0.50 11.10 ? 16   ARG B NH1 1 
ATOM   288 N NH1 B ARG B 1 17 ? 11.477  -0.202  3.628   0.50 23.83 ? 16   ARG B NH1 1 
ATOM   289 N NH2 A ARG B 1 17 ? 14.987  2.483   6.459   0.50 16.42 ? 16   ARG B NH2 1 
ATOM   290 N NH2 B ARG B 1 17 ? 12.143  0.790   1.652   0.50 13.91 ? 16   ARG B NH2 1 
ATOM   291 N N   . PRO B 1 18 ? 11.687  6.798   0.990   1.00 9.91  ? 17   PRO B N   1 
ATOM   292 C CA  . PRO B 1 18 ? 10.546  7.145   0.101   1.00 9.48  ? 17   PRO B CA  1 
ATOM   293 C C   . PRO B 1 18 ? 9.744   5.898   -0.284  1.00 8.51  ? 17   PRO B C   1 
ATOM   294 O O   . PRO B 1 18 ? 10.254  4.777   -0.269  1.00 9.54  ? 17   PRO B O   1 
ATOM   295 C CB  . PRO B 1 18 ? 11.261  7.735   -1.116  1.00 10.09 ? 17   PRO B CB  1 
ATOM   296 C CG  . PRO B 1 18 ? 12.546  6.934   -1.195  1.00 10.02 ? 17   PRO B CG  1 
ATOM   297 C CD  . PRO B 1 18 ? 12.976  6.766   0.230   1.00 10.87 ? 17   PRO B CD  1 
ATOM   298 N N   . PRO B 1 19 ? 8.475   6.128   -0.650  1.00 8.78  ? 18   PRO B N   1 
ATOM   299 C CA  . PRO B 1 19 ? 7.696   5.002   -1.076  1.00 8.84  ? 18   PRO B CA  1 
ATOM   300 C C   . PRO B 1 19 ? 8.200   4.382   -2.382  1.00 7.30  ? 18   PRO B C   1 
ATOM   301 O O   . PRO B 1 19 ? 8.422   5.102   -3.353  1.00 9.20  ? 18   PRO B O   1 
ATOM   302 C CB  . PRO B 1 19 ? 6.296   5.583   -1.295  1.00 9.10  ? 18   PRO B CB  1 
ATOM   303 C CG  . PRO B 1 19 ? 6.481   7.059   -1.478  1.00 9.33  ? 18   PRO B CG  1 
ATOM   304 C CD  . PRO B 1 19 ? 7.698   7.359   -0.574  1.00 9.06  ? 18   PRO B CD  1 
ATOM   305 N N   . PRO B 1 20 ? 8.298   3.050   -2.411  1.00 8.20  ? 19   PRO B N   1 
ATOM   306 C CA  . PRO B 1 20 ? 8.714   2.364   -3.636  1.00 9.56  ? 19   PRO B CA  1 
ATOM   307 C C   . PRO B 1 20 ? 7.654   2.290   -4.706  1.00 8.28  ? 19   PRO B C   1 
ATOM   308 O O   . PRO B 1 20 ? 6.459   2.255   -4.422  1.00 9.29  ? 19   PRO B O   1 
ATOM   309 C CB  . PRO B 1 20 ? 9.051   0.933   -3.142  1.00 11.54 ? 19   PRO B CB  1 
ATOM   310 C CG  . PRO B 1 20 ? 9.146   1.038   -1.666  1.00 12.44 ? 19   PRO B CG  1 
ATOM   311 C CD  . PRO B 1 20 ? 8.280   2.125   -1.260  1.00 9.70  ? 19   PRO B CD  1 
ATOM   312 N N   . SER B 1 21 ? 8.122   2.144   -5.952  1.00 8.22  ? 20   SER B N   1 
ATOM   313 C CA  . SER B 1 21 ? 7.237   1.885   -7.049  1.00 8.45  ? 20   SER B CA  1 
ATOM   314 C C   . SER B 1 21 ? 6.748   0.433   -7.155  1.00 9.65  ? 20   SER B C   1 
ATOM   315 O O   . SER B 1 21 ? 5.634   0.191   -7.595  1.00 11.84 ? 20   SER B O   1 
ATOM   316 C CB  . SER B 1 21 ? 7.890   2.251   -8.360  1.00 9.33  ? 20   SER B CB  1 
ATOM   317 O OG  . SER B 1 21 ? 9.119   1.647   -8.545  1.00 9.86  ? 20   SER B OG  1 
ATOM   318 N N   . GLY B 1 22 ? 7.580   -0.532  -6.836  1.00 9.57  ? 21   GLY B N   1 
ATOM   319 C CA  . GLY B 1 22 ? 7.228   -1.907  -6.995  1.00 9.07  ? 21   GLY B CA  1 
ATOM   320 C C   . GLY B 1 22 ? 6.287   -2.352  -5.883  1.00 8.47  ? 21   GLY B C   1 
ATOM   321 O O   . GLY B 1 22 ? 6.428   -1.980  -4.729  1.00 9.54  ? 21   GLY B O   1 
ATOM   322 N N   . GLY C 1 1  ? 2.601   7.612   -3.322  1.00 10.55 ? -1   GLY C N   1 
ATOM   323 C CA  . GLY C 1 1  ? 2.822   6.555   -2.351  1.00 9.49  ? -1   GLY C CA  1 
ATOM   324 C C   . GLY C 1 1  ? 2.587   6.893   -0.950  1.00 8.43  ? -1   GLY C C   1 
ATOM   325 O O   . GLY C 1 1  ? 2.042   6.115   -0.160  1.00 9.43  ? -1   GLY C O   1 
ATOM   326 N N   . ASP C 1 2  ? 2.944   8.126   -0.507  1.00 8.87  ? 1    ASP C N   1 
ATOM   327 C CA  . ASP C 1 2  ? 2.639   8.503   0.860   1.00 8.77  ? 1    ASP C CA  1 
ATOM   328 C C   . ASP C 1 2  ? 1.157   8.773   1.044   1.00 8.23  ? 1    ASP C C   1 
ATOM   329 O O   . ASP C 1 2  ? 0.592   8.448   2.073   1.00 9.26  ? 1    ASP C O   1 
ATOM   330 C CB  . ASP C 1 2  ? 3.411   9.756   1.296   1.00 8.38  ? 1    ASP C CB  1 
ATOM   331 C CG  . ASP C 1 2  ? 4.865   9.457   1.620   1.00 10.28 ? 1    ASP C CG  1 
ATOM   332 O OD1 . ASP C 1 2  ? 5.275   8.291   1.710   1.00 11.59 ? 1    ASP C OD1 1 
ATOM   333 O OD2 . ASP C 1 2  ? 5.674   10.425  1.753   1.00 15.07 ? 1    ASP C OD2 1 
ATOM   334 N N   . ALA C 1 3  ? 0.520   9.378   0.044   1.00 9.34  ? 2    ALA C N   1 
ATOM   335 C CA  . ALA C 1 3  ? -0.944  9.573   0.087   1.00 7.99  ? 2    ALA C CA  1 
ATOM   336 C C   . ALA C 1 3  ? -1.618  8.206   0.186   1.00 9.24  ? 2    ALA C C   1 
ATOM   337 O O   . ALA C 1 3  ? -2.624  8.059   0.916   1.00 9.78  ? 2    ALA C O   1 
ATOM   338 C CB  . ALA C 1 3  ? -1.456  10.382  -1.104  1.00 9.78  ? 2    ALA C CB  1 
ATOM   339 N N   . TYR C 1 4  ? -1.141  7.233   -0.553  1.00 8.80  ? 3    TYR C N   1 
ATOM   340 C CA  . TYR C 1 4  ? -1.736  5.922   -0.543  1.00 9.32  ? 3    TYR C CA  1 
ATOM   341 C C   . TYR C 1 4  ? -1.608  5.273   0.856   1.00 8.02  ? 3    TYR C C   1 
ATOM   342 O O   . TYR C 1 4  ? -2.552  4.638   1.368   1.00 10.30 ? 3    TYR C O   1 
ATOM   343 C CB  . TYR C 1 4  ? -1.184  5.070   -1.666  1.00 9.71  ? 3    TYR C CB  1 
ATOM   344 C CG  . TYR C 1 4  ? -1.917  3.740   -1.797  1.00 9.94  ? 3    TYR C CG  1 
ATOM   345 C CD1 . TYR C 1 4  ? -3.077  3.658   -2.535  1.00 10.51 ? 3    TYR C CD1 1 
ATOM   346 C CD2 . TYR C 1 4  ? -1.494  2.600   -1.132  1.00 10.57 ? 3    TYR C CD2 1 
ATOM   347 C CE1 . TYR C 1 4  ? -3.701  2.481   -2.732  1.00 10.71 ? 3    TYR C CE1 1 
ATOM   348 C CE2 . TYR C 1 4  ? -2.188  1.386   -1.248  1.00 9.16  ? 3    TYR C CE2 1 
ATOM   349 C CZ  . TYR C 1 4  ? -3.290  1.301   -2.082  1.00 10.02 ? 3    TYR C CZ  1 
ATOM   350 O OH  . TYR C 1 4  ? -3.963  0.085   -2.172  1.00 11.46 ? 3    TYR C OH  1 
ATOM   351 N N   . ALA C 1 5  ? -0.470  5.484   1.531   1.00 8.24  ? 4    ALA C N   1 
ATOM   352 C CA  . ALA C 1 5  ? -0.285  4.975   2.915   1.00 8.89  ? 4    ALA C CA  1 
ATOM   353 C C   . ALA C 1 5  ? -1.367  5.577   3.820   1.00 8.35  ? 4    ALA C C   1 
ATOM   354 O O   . ALA C 1 5  ? -1.896  4.890   4.697   1.00 9.46  ? 4    ALA C O   1 
ATOM   355 C CB  . ALA C 1 5  ? 1.101   5.279   3.393   1.00 8.94  ? 4    ALA C CB  1 
ATOM   356 N N   . GLN C 1 6  ? -1.547  6.883   3.711   1.00 8.97  ? 5    GLN C N   1 
ATOM   357 C CA  . GLN C 1 6  ? -2.552  7.547   4.541   1.00 9.23  ? 5    GLN C CA  1 
ATOM   358 C C   . GLN C 1 6  ? -3.978  7.024   4.259   1.00 8.33  ? 5    GLN C C   1 
ATOM   359 O O   . GLN C 1 6  ? -4.787  6.869   5.185   1.00 10.83 ? 5    GLN C O   1 
ATOM   360 C CB  . GLN C 1 6  ? -2.518  9.084   4.349   1.00 10.61 ? 5    GLN C CB  1 
ATOM   361 C CG  . GLN C 1 6  ? -3.509  9.850   5.178   1.00 12.16 ? 5    GLN C CG  1 
ATOM   362 C CD  . GLN C 1 6  ? -3.218  9.755   6.694   1.00 13.49 ? 5    GLN C CD  1 
ATOM   363 O OE1 . GLN C 1 6  ? -2.057  9.968   7.112   1.00 16.14 ? 5    GLN C OE1 1 
ATOM   364 N NE2 . GLN C 1 6  ? -4.261  9.454   7.499   1.00 15.48 ? 5    GLN C NE2 1 
ATOM   365 N N   . TRP C 1 7  ? -4.267  6.800   2.988   1.00 8.79  ? 6    TRP C N   1 
ATOM   366 C CA  . TRP C 1 7  ? -5.553  6.249   2.586   1.00 8.68  ? 6    TRP C CA  1 
ATOM   367 C C   . TRP C 1 7  ? -5.799  4.848   3.226   1.00 8.35  ? 6    TRP C C   1 
ATOM   368 O O   . TRP C 1 7  ? -6.870  4.586   3.796   1.00 10.74 ? 6    TRP C O   1 
ATOM   369 C CB  . TRP C 1 7  ? -5.600  6.212   1.032   1.00 10.36 ? 6    TRP C CB  1 
ATOM   370 C CG  . TRP C 1 7  ? -6.807  5.643   0.425   1.00 9.85  ? 6    TRP C CG  1 
ATOM   371 C CD1 . TRP C 1 7  ? -7.981  6.275   0.214   1.00 12.06 ? 6    TRP C CD1 1 
ATOM   372 C CD2 . TRP C 1 7  ? -6.984  4.294   -0.056  1.00 9.77  ? 6    TRP C CD2 1 
ATOM   373 N NE1 . TRP C 1 7  ? -8.864  5.460   -0.434  1.00 10.76 ? 6    TRP C NE1 1 
ATOM   374 C CE2 . TRP C 1 7  ? -8.267  4.250   -0.644  1.00 9.60  ? 6    TRP C CE2 1 
ATOM   375 C CE3 . TRP C 1 7  ? -6.160  3.147   -0.164  1.00 11.08 ? 6    TRP C CE3 1 
ATOM   376 C CZ2 . TRP C 1 7  ? -8.745  3.115   -1.221  1.00 12.18 ? 6    TRP C CZ2 1 
ATOM   377 C CZ3 . TRP C 1 7  ? -6.661  2.026   -0.761  1.00 11.76 ? 6    TRP C CZ3 1 
ATOM   378 C CH2 . TRP C 1 7  ? -7.943  1.992   -1.233  1.00 11.89 ? 6    TRP C CH2 1 
ATOM   379 N N   . LEU C 1 8  ? -4.780  3.998   3.209   1.00 9.47  ? 7    LEU C N   1 
ATOM   380 C CA  . LEU C 1 8  ? -4.840  2.704   3.947   1.00 9.95  ? 7    LEU C CA  1 
ATOM   381 C C   . LEU C 1 8  ? -5.152  2.973   5.413   1.00 9.53  ? 7    LEU C C   1 
ATOM   382 O O   . LEU C 1 8  ? -6.019  2.296   5.991   1.00 10.81 ? 7    LEU C O   1 
ATOM   383 C CB  . LEU C 1 8  ? -3.566  1.890   3.766   1.00 9.57  ? 7    LEU C CB  1 
ATOM   384 C CG  . LEU C 1 8  ? -3.240  1.369   2.381   1.00 11.11 ? 7    LEU C CG  1 
ATOM   385 C CD1 . LEU C 1 8  ? -1.836  0.738   2.346   1.00 11.65 ? 7    LEU C CD1 1 
ATOM   386 C CD2 . LEU C 1 8  ? -4.311  0.382   1.879   1.00 10.00 ? 7    LEU C CD2 1 
ATOM   387 N N   . ALA C 1 9  ? -4.425  3.909   6.008   1.00 9.90  ? 8    ALA C N   1 
ATOM   388 C CA  . ALA C 1 9  ? -4.544  4.153   7.452   1.00 11.06 ? 8    ALA C CA  1 
ATOM   389 C C   . ALA C 1 9  ? -5.980  4.539   7.839   1.00 11.60 ? 8    ALA C C   1 
ATOM   390 O O   . ALA C 1 9  ? -6.484  4.199   8.872   1.00 14.76 ? 8    ALA C O   1 
ATOM   391 C CB  . ALA C 1 9  ? -3.533  5.233   7.953   1.00 10.95 ? 8    ALA C CB  1 
ATOM   392 N N   . ASP C 1 10 ? -6.583  5.252   6.903   1.00 11.52 ? 9    ASP C N   1 
ATOM   393 C CA  . ASP C 1 10 ? -7.933  5.751   7.041   1.00 11.92 ? 9    ASP C CA  1 
ATOM   394 C C   . ASP C 1 10 ? -8.996  4.747   6.658   1.00 12.57 ? 9    ASP C C   1 
ATOM   395 O O   . ASP C 1 10 ? -10.211 5.113   6.625   1.00 14.99 ? 9    ASP C O   1 
ATOM   396 C CB  . ASP C 1 10 ? -8.098  7.030   6.235   1.00 13.56 ? 9    ASP C CB  1 
ATOM   397 C CG  . ASP C 1 10 ? -7.345  8.192   6.800   1.00 14.43 ? 9    ASP C CG  1 
ATOM   398 O OD1 . ASP C 1 10 ? -7.135  9.145   6.057   1.00 20.90 ? 9    ASP C OD1 1 
ATOM   399 O OD2 . ASP C 1 10 ? -6.994  8.185   7.965   1.00 20.16 ? 9    ASP C OD2 1 
ATOM   400 N N   . GLY C 1 11 ? -8.601  3.508   6.398   1.00 12.79 ? 10   GLY C N   1 
ATOM   401 C CA  . GLY C 1 11 ? -9.591  2.480   6.089   1.00 14.06 ? 10   GLY C CA  1 
ATOM   402 C C   . GLY C 1 11 ? -9.688  2.042   4.625   1.00 13.43 ? 10   GLY C C   1 
ATOM   403 O O   . GLY C 1 11 ? -10.474 1.166   4.287   1.00 13.07 ? 10   GLY C O   1 
ATOM   404 N N   . GLY C 1 12 ? -8.828  2.592   3.777   1.00 11.90 ? 11   GLY C N   1 
ATOM   405 C CA  . GLY C 1 12 ? -8.795  2.132   2.429   1.00 11.87 ? 11   GLY C CA  1 
ATOM   406 C C   . GLY C 1 12 ? -10.131 2.373   1.761   1.00 11.84 ? 11   GLY C C   1 
ATOM   407 O O   . GLY C 1 12 ? -10.664 3.490   1.839   1.00 12.85 ? 11   GLY C O   1 
ATOM   408 N N   . PRO C 1 13 ? -10.655 1.336   1.080   1.00 11.17 ? 12   PRO C N   1 
ATOM   409 C CA  . PRO C 1 13 ? -11.924 1.574   0.413   1.00 13.41 ? 12   PRO C CA  1 
ATOM   410 C C   . PRO C 1 13 ? -13.007 2.207   1.337   1.00 13.95 ? 12   PRO C C   1 
ATOM   411 O O   . PRO C 1 13 ? -13.747 3.166   0.917   1.00 15.90 ? 12   PRO C O   1 
ATOM   412 C CB  . PRO C 1 13 ? -12.293 0.202   -0.177  1.00 14.10 ? 12   PRO C CB  1 
ATOM   413 C CG  . PRO C 1 13 ? -10.934 -0.467  -0.407  1.00 15.15 ? 12   PRO C CG  1 
ATOM   414 C CD  . PRO C 1 13 ? -10.119 -0.028  0.822   1.00 13.20 ? 12   PRO C CD  1 
ATOM   415 N N   . SER C 1 14 ? -13.066 1.761   2.587   1.00 13.35 ? 13   SER C N   1 
ATOM   416 C CA  . SER C 1 14 ? -14.092 2.231   3.476   1.00 13.95 ? 13   SER C CA  1 
ATOM   417 C C   . SER C 1 14 ? -13.891 3.702   3.934   1.00 14.73 ? 13   SER C C   1 
ATOM   418 O O   . SER C 1 14 ? -14.766 4.279   4.633   1.00 18.12 ? 13   SER C O   1 
ATOM   419 C CB  . SER C 1 14 ? -14.217 1.332   4.694   1.00 16.30 ? 13   SER C CB  1 
ATOM   420 O OG  . SER C 1 14 ? -13.120 1.405   5.473   1.00 19.81 ? 13   SER C OG  1 
ATOM   421 N N   . SER C 1 15 ? -12.766 4.312   3.547   1.00 13.92 ? 14   SER C N   1 
ATOM   422 C CA  . SER C 1 15 ? -12.525 5.734   3.824   1.00 14.49 ? 14   SER C CA  1 
ATOM   423 C C   . SER C 1 15 ? -13.492 6.593   3.036   1.00 13.49 ? 14   SER C C   1 
ATOM   424 O O   . SER C 1 15 ? -13.654 7.728   3.382   1.00 16.58 ? 14   SER C O   1 
ATOM   425 C CB  . SER C 1 15 ? -11.088 6.179   3.502   1.00 14.64 ? 14   SER C CB  1 
ATOM   426 O OG  . SER C 1 15 ? -10.873 6.182   2.124   1.00 13.97 ? 14   SER C OG  1 
ATOM   427 N N   . GLY C 1 16 ? -14.024 6.089   1.931   1.00 14.22 ? 15   GLY C N   1 
ATOM   428 C CA  . GLY C 1 16 ? -14.904 6.867   1.060   1.00 15.17 ? 15   GLY C CA  1 
ATOM   429 C C   . GLY C 1 16 ? -14.160 7.856   0.144   1.00 14.66 ? 15   GLY C C   1 
ATOM   430 O O   . GLY C 1 16 ? -14.801 8.637   -0.534  1.00 17.33 ? 15   GLY C O   1 
ATOM   431 N N   . ARG C 1 17 ? -12.821 7.782   0.128   1.00 13.03 ? 16   ARG C N   1 
ATOM   432 C CA  . ARG C 1 17 ? -12.001 8.645   -0.692  1.00 12.70 ? 16   ARG C CA  1 
ATOM   433 C C   . ARG C 1 17 ? -11.372 7.787   -1.772  1.00 10.53 ? 16   ARG C C   1 
ATOM   434 O O   . ARG C 1 17 ? -11.237 6.603   -1.610  1.00 11.12 ? 16   ARG C O   1 
ATOM   435 C CB  A ARG C 1 17 ? -10.873 9.302   0.088   0.80 15.18 ? 16   ARG C CB  1 
ATOM   436 C CB  B ARG C 1 17 ? -11.002 9.403   0.186   0.20 11.83 ? 16   ARG C CB  1 
ATOM   437 C CG  A ARG C 1 17 ? -11.248 10.150  1.257   0.80 17.10 ? 16   ARG C CG  1 
ATOM   438 C CG  B ARG C 1 17 ? -11.703 10.379  1.146   0.20 10.41 ? 16   ARG C CG  1 
ATOM   439 C CD  A ARG C 1 17 ? -10.019 11.028  1.660   0.80 17.73 ? 16   ARG C CD  1 
ATOM   440 C CD  B ARG C 1 17 ? -10.803 10.850  2.309   0.20 7.23  ? 16   ARG C CD  1 
ATOM   441 N NE  A ARG C 1 17 ? -9.057  10.387  2.576   0.80 24.87 ? 16   ARG C NE  1 
ATOM   442 N NE  B ARG C 1 17 ? -9.695  11.682  1.816   0.20 7.37  ? 16   ARG C NE  1 
ATOM   443 C CZ  A ARG C 1 17 ? -7.866  9.845   2.313   0.80 24.47 ? 16   ARG C CZ  1 
ATOM   444 C CZ  B ARG C 1 17 ? -8.646  12.068  2.536   0.20 6.82  ? 16   ARG C CZ  1 
ATOM   445 N NH1 A ARG C 1 17 ? -7.346  9.756   1.033   0.80 18.39 ? 16   ARG C NH1 1 
ATOM   446 N NH1 B ARG C 1 17 ? -8.568  11.743  3.810   0.20 6.14  ? 16   ARG C NH1 1 
ATOM   447 N NH2 A ARG C 1 17 ? -7.185  9.346   3.381   0.80 18.29 ? 16   ARG C NH2 1 
ATOM   448 N NH2 B ARG C 1 17 ? -7.707  12.811  1.984   0.20 7.16  ? 16   ARG C NH2 1 
ATOM   449 N N   . PRO C 1 18 ? -10.987 8.410   -2.902  1.00 12.84 ? 17   PRO C N   1 
ATOM   450 C CA  . PRO C 1 18 ? -10.381 7.645   -3.963  1.00 13.25 ? 17   PRO C CA  1 
ATOM   451 C C   . PRO C 1 18 ? -8.993  7.166   -3.526  1.00 10.74 ? 17   PRO C C   1 
ATOM   452 O O   . PRO C 1 18 ? -8.275  7.921   -2.884  1.00 11.98 ? 17   PRO C O   1 
ATOM   453 C CB  . PRO C 1 18 ? -10.154 8.743   -5.063  1.00 12.98 ? 17   PRO C CB  1 
ATOM   454 C CG  . PRO C 1 18 ? -10.920 9.791   -4.713  1.00 17.87 ? 17   PRO C CG  1 
ATOM   455 C CD  . PRO C 1 18 ? -11.065 9.841   -3.258  1.00 14.47 ? 17   PRO C CD  1 
ATOM   456 N N   . PRO C 1 19 ? -8.546  6.018   -3.983  1.00 11.95 ? 18   PRO C N   1 
ATOM   457 C CA  . PRO C 1 19 ? -7.139  5.616   -3.707  1.00 12.55 ? 18   PRO C CA  1 
ATOM   458 C C   . PRO C 1 19 ? -6.226  6.610   -4.434  1.00 10.54 ? 18   PRO C C   1 
ATOM   459 O O   . PRO C 1 19 ? -6.332  6.758   -5.662  1.00 13.07 ? 18   PRO C O   1 
ATOM   460 C CB  . PRO C 1 19 ? -6.990  4.198   -4.324  1.00 15.71 ? 18   PRO C CB  1 
ATOM   461 C CG  . PRO C 1 19 ? -8.208  3.974   -5.096  1.00 19.32 ? 18   PRO C CG  1 
ATOM   462 C CD  . PRO C 1 19 ? -9.277  5.034   -4.806  1.00 16.22 ? 18   PRO C CD  1 
ATOM   463 N N   . PRO C 1 20 ? -5.306  7.244   -3.713  1.00 10.71 ? 19   PRO C N   1 
ATOM   464 C CA  . PRO C 1 20 ? -4.387  8.169   -4.382  1.00 11.82 ? 19   PRO C CA  1 
ATOM   465 C C   . PRO C 1 20 ? -3.273  7.489   -5.135  1.00 12.30 ? 19   PRO C C   1 
ATOM   466 O O   . PRO C 1 20 ? -2.885  6.377   -4.844  1.00 13.49 ? 19   PRO C O   1 
ATOM   467 C CB  . PRO C 1 20 ? -3.821  9.009   -3.234  1.00 13.99 ? 19   PRO C CB  1 
ATOM   468 C CG  . PRO C 1 20 ? -4.479  8.591   -1.994  1.00 17.70 ? 19   PRO C CG  1 
ATOM   469 C CD  . PRO C 1 20 ? -5.207  7.319   -2.254  1.00 11.71 ? 19   PRO C CD  1 
ATOM   470 N N   . SER C 1 21 ? -2.731  8.207   -6.097  1.00 12.44 ? 20   SER C N   1 
ATOM   471 C CA  . SER C 1 21 ? -1.573  7.677   -6.913  1.00 14.34 ? 20   SER C CA  1 
ATOM   472 C C   . SER C 1 21 ? -0.254  7.809   -6.119  1.00 12.71 ? 20   SER C C   1 
ATOM   473 O O   . SER C 1 21 ? 0.604   6.905   -6.216  1.00 16.26 ? 20   SER C O   1 
ATOM   474 C CB  . SER C 1 21 ? -1.497  8.275   -8.338  1.00 18.40 ? 20   SER C CB  1 
ATOM   475 O OG  . SER C 1 21 ? -1.245  9.619   -8.143  1.00 27.79 ? 20   SER C OG  1 
ATOM   476 N N   . GLY C 1 22 ? -0.073  8.901   -5.351  1.00 11.21 ? 21   GLY C N   1 
ATOM   477 C CA  . GLY C 1 22 ? 1.181   9.069   -4.634  1.00 11.75 ? 21   GLY C CA  1 
ATOM   478 C C   . GLY C 1 22 ? 1.343   8.073   -3.500  1.00 10.96 ? 21   GLY C C   1 
ATOM   479 O O   . GLY C 1 22 ? 0.398   7.762   -2.805  1.00 11.53 ? 21   GLY C O   1 
HETATM 480 C C   A TRS D 2 .  ? 1.006   1.162   -5.110  0.70 24.63 ? 22   TRS C C   1 
HETATM 481 C C   B TRS D 2 .  ? 1.433   0.559   -5.272  0.30 24.80 ? 22   TRS C C   1 
HETATM 482 C C1  A TRS D 2 .  ? 1.623   2.070   -4.033  0.70 23.47 ? 22   TRS C C1  1 
HETATM 483 C C1  B TRS D 2 .  ? 1.593   1.840   -6.088  0.30 26.07 ? 22   TRS C C1  1 
HETATM 484 C C2  A TRS D 2 .  ? -0.457  1.028   -4.689  0.70 23.25 ? 22   TRS C C2  1 
HETATM 485 C C2  B TRS D 2 .  ? 0.885   0.846   -3.884  0.30 22.74 ? 22   TRS C C2  1 
HETATM 486 C C3  A TRS D 2 .  ? 1.734   -0.221  -5.215  0.70 23.83 ? 22   TRS C C3  1 
HETATM 487 C C3  B TRS D 2 .  ? 2.877   0.044   -5.176  0.30 21.70 ? 22   TRS C C3  1 
HETATM 488 N N   A TRS D 2 .  ? 1.031   1.821   -6.480  0.70 20.37 ? 22   TRS C N   1 
HETATM 489 N N   B TRS D 2 .  ? 0.495   -0.393  -5.915  0.30 22.66 ? 22   TRS C N   1 
HETATM 490 O O1  A TRS D 2 .  ? 1.106   3.417   -3.970  0.70 29.72 ? 22   TRS C O1  1 
HETATM 491 O O1  B TRS D 2 .  ? 0.468   2.212   -6.845  0.30 25.75 ? 22   TRS C O1  1 
HETATM 492 O O2  A TRS D 2 .  ? -0.989  2.296   -4.920  0.70 32.96 ? 22   TRS C O2  1 
HETATM 493 O O2  B TRS D 2 .  ? 0.342   2.139   -3.846  0.30 25.97 ? 22   TRS C O2  1 
HETATM 494 O O3  A TRS D 2 .  ? 2.882   -0.180  -6.094  0.70 28.09 ? 22   TRS C O3  1 
HETATM 495 O O3  B TRS D 2 .  ? 3.804   1.121   -5.257  0.30 18.44 ? 22   TRS C O3  1 
HETATM 496 O O   . HOH E 3 .  ? -12.120 3.051   -3.428  1.00 13.37 ? 1001 HOH A O   1 
HETATM 497 O O   . HOH E 3 .  ? -12.782 -2.271  -2.712  1.00 19.86 ? 1003 HOH A O   1 
HETATM 498 O O   . HOH E 3 .  ? -10.364 -3.527  -2.055  1.00 16.39 ? 1004 HOH A O   1 
HETATM 499 O O   . HOH E 3 .  ? -10.022 -4.491  0.489   1.00 17.27 ? 1005 HOH A O   1 
HETATM 500 O O   . HOH E 3 .  ? -8.462  -1.426  -8.334  1.00 15.99 ? 1009 HOH A O   1 
HETATM 501 O O   . HOH E 3 .  ? -5.303  -10.650 -3.633  0.50 11.63 ? 1010 HOH A O   1 
HETATM 502 O O   . HOH E 3 .  ? -0.682  -14.348 3.278   1.00 14.09 ? 1011 HOH A O   1 
HETATM 503 O O   . HOH E 3 .  ? 2.548   -8.028  2.959   1.00 16.24 ? 1012 HOH A O   1 
HETATM 504 O O   . HOH E 3 .  ? -9.309  -12.124 -0.765  1.00 29.93 ? 1030 HOH A O   1 
HETATM 505 O O   . HOH E 3 .  ? -6.817  -7.929  -5.172  1.00 26.68 ? 1031 HOH A O   1 
HETATM 506 O O   . HOH E 3 .  ? -5.800  -3.866  -10.574 1.00 24.46 ? 1032 HOH A O   1 
HETATM 507 O O   . HOH E 3 .  ? -8.958  1.293   -7.815  1.00 20.82 ? 1033 HOH A O   1 
HETATM 508 O O   . HOH E 3 .  ? 1.596   -2.806  -7.271  1.00 27.80 ? 1034 HOH A O   1 
HETATM 509 O O   . HOH E 3 .  ? -6.549  3.046   -8.858  1.00 26.77 ? 1049 HOH A O   1 
HETATM 510 O O   . HOH E 3 .  ? -6.396  -6.717  -10.101 1.00 30.89 ? 1052 HOH A O   1 
HETATM 511 O O   A HOH E 3 .  ? -0.091  -7.091  5.048   0.50 18.24 ? 1053 HOH A O   1 
HETATM 512 O O   B HOH E 3 .  ? 0.268   -6.808  3.619   0.50 17.46 ? 1053 HOH A O   1 
HETATM 513 O O   . HOH E 3 .  ? 5.750   -15.692 -0.791  1.00 25.52 ? 1054 HOH A O   1 
HETATM 514 O O   . HOH E 3 .  ? -8.514  -14.527 -3.814  1.00 28.35 ? 1072 HOH A O   1 
HETATM 515 O O   . HOH E 3 .  ? -4.873  -10.913 -4.814  0.50 20.71 ? 1073 HOH A O   1 
HETATM 516 O O   . HOH E 3 .  ? -4.524  -9.723  -6.374  0.50 21.35 ? 1074 HOH A O   1 
HETATM 517 O O   . HOH E 3 .  ? -3.001  -10.266 -8.408  0.50 21.38 ? 1075 HOH A O   1 
HETATM 518 O O   . HOH E 3 .  ? -3.294  0.783   -12.612 1.00 36.43 ? 1089 HOH A O   1 
HETATM 519 O O   . HOH E 3 .  ? -6.248  -1.093  -12.789 1.00 35.29 ? 1090 HOH A O   1 
HETATM 520 O O   . HOH E 3 .  ? -3.865  -13.322 -8.692  0.50 26.51 ? 1094 HOH A O   1 
HETATM 521 O O   . HOH E 3 .  ? -2.875  -2.180  -15.064 1.00 35.39 ? 1095 HOH A O   1 
HETATM 522 O O   . HOH E 3 .  ? -12.649 -9.048  2.375   1.00 34.41 ? 1104 HOH A O   1 
HETATM 523 O O   . HOH E 3 .  ? -0.079  -17.244 -8.105  1.00 33.71 ? 1105 HOH A O   1 
HETATM 524 O O   . HOH F 3 .  ? 12.915  -3.733  -0.648  1.00 17.35 ? 1013 HOH B O   1 
HETATM 525 O O   . HOH F 3 .  ? 10.906  -1.804  0.610   1.00 13.39 ? 1014 HOH B O   1 
HETATM 526 O O   . HOH F 3 .  ? 11.876  0.649   1.688   0.50 7.49  ? 1015 HOH B O   1 
HETATM 527 O O   . HOH F 3 .  ? 12.287  2.991   -0.020  1.00 14.13 ? 1016 HOH B O   1 
HETATM 528 O O   . HOH F 3 .  ? 8.974   7.887   -3.854  1.00 10.07 ? 1017 HOH B O   1 
HETATM 529 O O   . HOH F 3 .  ? 4.747   4.415   -4.235  1.00 11.28 ? 1021 HOH B O   1 
HETATM 530 O O   . HOH F 3 .  ? 4.668   -4.164  -9.081  1.00 29.03 ? 1035 HOH B O   1 
HETATM 531 O O   . HOH F 3 .  ? 6.879   -5.946  -7.254  1.00 16.91 ? 1036 HOH B O   1 
HETATM 532 O O   . HOH F 3 .  ? 8.847   -4.946  -6.016  1.00 10.85 ? 1037 HOH B O   1 
HETATM 533 O O   . HOH F 3 .  ? 9.223   -4.833  -9.218  1.00 18.59 ? 1038 HOH B O   1 
HETATM 534 O O   . HOH F 3 .  ? 4.061   -11.264 -4.784  1.00 24.59 ? 1039 HOH B O   1 
HETATM 535 O O   . HOH F 3 .  ? 2.951   -4.354  4.733   1.00 16.12 ? 1040 HOH B O   1 
HETATM 536 O O   . HOH F 3 .  ? 10.155  1.817   5.139   1.00 24.95 ? 1041 HOH B O   1 
HETATM 537 O O   . HOH F 3 .  ? 9.334   8.761   4.023   1.00 16.74 ? 1042 HOH B O   1 
HETATM 538 O O   . HOH F 3 .  ? 14.907  -0.162  1.970   1.00 29.64 ? 1043 HOH B O   1 
HETATM 539 O O   . HOH F 3 .  ? 3.773   6.799   8.993   1.00 31.09 ? 1068 HOH B O   1 
HETATM 540 O O   . HOH F 3 .  ? 6.875   -0.917  -11.263 1.00 30.80 ? 1070 HOH B O   1 
HETATM 541 O O   . HOH F 3 .  ? 4.682   -1.091  -9.935  1.00 33.92 ? 1071 HOH B O   1 
HETATM 542 O O   . HOH F 3 .  ? 16.410  0.201   4.211   1.00 33.95 ? 1077 HOH B O   1 
HETATM 543 O O   A HOH F 3 .  ? 15.528  8.662   2.177   0.50 20.83 ? 1091 HOH B O   1 
HETATM 544 O O   B HOH F 3 .  ? 16.209  9.260   0.883   0.50 23.04 ? 1091 HOH B O   1 
HETATM 545 O O   . HOH G 3 .  ? -13.157 4.679   -1.398  1.00 18.17 ? 1002 HOH C O   1 
HETATM 546 O O   . HOH G 3 .  ? -8.696  -3.719  2.854   1.00 16.63 ? 1006 HOH C O   1 
HETATM 547 O O   . HOH G 3 .  ? -6.065  -3.077  2.672   1.00 15.01 ? 1007 HOH C O   1 
HETATM 548 O O   . HOH G 3 .  ? -7.167  0.015   4.438   1.00 14.39 ? 1008 HOH C O   1 
HETATM 549 O O   . HOH G 3 .  ? 8.091   10.467  -2.710  1.00 11.07 ? 1018 HOH C O   1 
HETATM 550 O O   . HOH G 3 .  ? 9.591   10.726  -0.245  1.00 16.11 ? 1019 HOH C O   1 
HETATM 551 O O   . HOH G 3 .  ? 8.257   10.151  2.089   1.00 13.72 ? 1020 HOH C O   1 
HETATM 552 O O   . HOH G 3 .  ? 4.796   8.498   -5.202  1.00 12.74 ? 1022 HOH C O   1 
HETATM 553 O O   . HOH G 3 .  ? -4.690  9.778   1.589   1.00 14.58 ? 1023 HOH C O   1 
HETATM 554 O O   . HOH G 3 .  ? 0.486   9.101   6.608   1.00 17.68 ? 1024 HOH C O   1 
HETATM 555 O O   . HOH G 3 .  ? -0.177  6.494   7.376   1.00 26.38 ? 1025 HOH C O   1 
HETATM 556 O O   . HOH G 3 .  ? -10.383 9.918   5.574   1.00 21.17 ? 1026 HOH C O   1 
HETATM 557 O O   . HOH G 3 .  ? -12.270 -1.301  3.307   1.00 19.55 ? 1027 HOH C O   1 
HETATM 558 O O   . HOH G 3 .  ? -9.466  -1.755  4.554   1.00 20.29 ? 1028 HOH C O   1 
HETATM 559 O O   . HOH G 3 .  ? -9.896  -5.290  4.719   0.50 15.09 ? 1029 HOH C O   1 
HETATM 560 O O   . HOH G 3 .  ? -7.991  11.932  -1.145  1.00 21.43 ? 1044 HOH C O   1 
HETATM 561 O O   . HOH G 3 .  ? -7.487  10.409  -3.427  1.00 23.17 ? 1045 HOH C O   1 
HETATM 562 O O   . HOH G 3 .  ? -1.253  13.312  -3.544  1.00 25.13 ? 1046 HOH C O   1 
HETATM 563 O O   . HOH G 3 .  ? 0.012   13.558  -2.019  1.00 24.84 ? 1047 HOH C O   1 
HETATM 564 O O   . HOH G 3 .  ? 2.601   11.252  -1.871  1.00 11.49 ? 1048 HOH C O   1 
HETATM 565 O O   . HOH G 3 .  ? -5.057  4.870   -7.507  1.00 25.87 ? 1050 HOH C O   1 
HETATM 566 O O   . HOH G 3 .  ? -3.479  3.882   -6.221  1.00 26.85 ? 1051 HOH C O   1 
HETATM 567 O O   . HOH G 3 .  ? 0.863   10.260  4.186   1.00 20.20 ? 1055 HOH C O   1 
HETATM 568 O O   . HOH G 3 .  ? -6.871  11.844  6.542   1.00 22.40 ? 1056 HOH C O   1 
HETATM 569 O O   . HOH G 3 .  ? -17.600 1.767   1.708   1.00 27.33 ? 1057 HOH C O   1 
HETATM 570 O O   . HOH G 3 .  ? -15.881 0.062   0.637   1.00 33.49 ? 1058 HOH C O   1 
HETATM 571 O O   . HOH G 3 .  ? -14.247 -2.957  -0.480  1.00 28.68 ? 1059 HOH C O   1 
HETATM 572 O O   . HOH G 3 .  ? -0.612  4.620   -5.166  0.50 22.56 ? 1060 HOH C O   1 
HETATM 573 O O   . HOH G 3 .  ? 2.249   4.626   -5.330  0.50 21.56 ? 1061 HOH C O   1 
HETATM 574 O O   . HOH G 3 .  ? -2.008  1.222   -6.176  0.50 20.46 ? 1062 HOH C O   1 
HETATM 575 O O   . HOH G 3 .  ? -17.472 8.470   -0.674  1.00 29.98 ? 1063 HOH C O   1 
HETATM 576 O O   . HOH G 3 .  ? -7.157  10.507  9.485   1.00 29.70 ? 1064 HOH C O   1 
HETATM 577 O O   . HOH G 3 .  ? -6.004  6.960   10.256  1.00 26.23 ? 1065 HOH C O   1 
HETATM 578 O O   . HOH G 3 .  ? -8.971  3.989   9.927   1.00 26.05 ? 1066 HOH C O   1 
HETATM 579 O O   . HOH G 3 .  ? -1.079  10.803  9.417   1.00 26.58 ? 1067 HOH C O   1 
HETATM 580 O O   . HOH G 3 .  ? -12.385 -3.335  1.541   1.00 25.35 ? 1069 HOH C O   1 
HETATM 581 O O   . HOH G 3 .  ? 2.139   9.099   8.671   1.00 31.66 ? 1076 HOH C O   1 
HETATM 582 O O   . HOH G 3 .  ? -1.146  7.353   9.724   1.00 27.38 ? 1078 HOH C O   1 
HETATM 583 O O   . HOH G 3 .  ? -9.099  9.273   10.871  1.00 31.91 ? 1079 HOH C O   1 
HETATM 584 O O   . HOH G 3 .  ? -7.928  7.407   12.170  1.00 31.48 ? 1080 HOH C O   1 
HETATM 585 O O   . HOH G 3 .  ? -12.947 4.125   7.076   1.00 32.51 ? 1081 HOH C O   1 
HETATM 586 O O   . HOH G 3 .  ? -13.788 2.001   8.605   0.50 29.21 ? 1082 HOH C O   1 
HETATM 587 O O   . HOH G 3 .  ? -7.823  5.985   -7.657  1.00 32.17 ? 1083 HOH C O   1 
HETATM 588 O O   . HOH G 3 .  ? -4.102  6.329   -9.499  1.00 30.33 ? 1084 HOH C O   1 
HETATM 589 O O   . HOH G 3 .  ? 4.790   3.899   -9.433  0.50 20.70 ? 1085 HOH C O   1 
HETATM 590 O O   . HOH G 3 .  ? 2.941   6.513   -7.708  1.00 37.63 ? 1086 HOH C O   1 
HETATM 591 O O   . HOH G 3 .  ? 1.517   10.205  -8.284  1.00 29.08 ? 1087 HOH C O   1 
HETATM 592 O O   . HOH G 3 .  ? -11.687 -0.283  7.636   1.00 33.86 ? 1092 HOH C O   1 
HETATM 593 O O   . HOH G 3 .  ? -11.756 7.087   7.394   1.00 36.58 ? 1097 HOH C O   1 
HETATM 594 O O   . HOH G 3 .  ? -11.152 6.178   9.624   1.00 43.23 ? 1098 HOH C O   1 
HETATM 595 O O   . HOH G 3 .  ? 3.487   3.619   -7.285  1.00 39.18 ? 1099 HOH C O   1 
HETATM 596 O O   . HOH G 3 .  ? -1.807  5.113   -9.877  1.00 45.57 ? 1100 HOH C O   1 
HETATM 597 O O   . HOH G 3 .  ? -14.876 10.184  2.876   1.00 33.89 ? 1101 HOH C O   1 
HETATM 598 O O   . HOH G 3 .  ? -14.233 6.382   7.170   1.00 37.40 ? 1102 HOH C O   1 
HETATM 599 O O   . HOH G 3 .  ? -16.337 6.424   5.003   1.00 36.40 ? 1103 HOH C O   1 
# 
loop_
_atom_site_anisotrop.id 
_atom_site_anisotrop.type_symbol 
_atom_site_anisotrop.pdbx_label_atom_id 
_atom_site_anisotrop.pdbx_label_alt_id 
_atom_site_anisotrop.pdbx_label_comp_id 
_atom_site_anisotrop.pdbx_label_asym_id 
_atom_site_anisotrop.pdbx_label_seq_id 
_atom_site_anisotrop.pdbx_PDB_ins_code 
_atom_site_anisotrop.U[1][1] 
_atom_site_anisotrop.U[2][2] 
_atom_site_anisotrop.U[3][3] 
_atom_site_anisotrop.U[1][2] 
_atom_site_anisotrop.U[1][3] 
_atom_site_anisotrop.U[2][3] 
_atom_site_anisotrop.pdbx_auth_seq_id 
_atom_site_anisotrop.pdbx_auth_comp_id 
_atom_site_anisotrop.pdbx_auth_asym_id 
_atom_site_anisotrop.pdbx_auth_atom_id 
1   N N   . GLY A 1  ? 0.1405 0.1996 0.2387 0.0053  -0.0175 0.0128  -1   GLY A N   
2   C CA  . GLY A 1  ? 0.1503 0.1627 0.1826 0.0022  -0.0052 -0.0208 -1   GLY A CA  
3   C C   . GLY A 1  ? 0.1172 0.1495 0.1912 0.0144  -0.0315 0.0021  -1   GLY A C   
4   O O   . GLY A 1  ? 0.1232 0.1502 0.1954 0.0035  -0.0346 -0.0105 -1   GLY A O   
5   N N   . ASP A 2  ? 0.1460 0.1365 0.1698 -0.0034 -0.0349 -0.0004 1    ASP A N   
6   C CA  . ASP A 2  ? 0.1209 0.1535 0.1838 0.0066  -0.0295 -0.0043 1    ASP A CA  
7   C C   . ASP A 2  ? 0.1095 0.1442 0.1700 0.0100  -0.0468 0.0114  1    ASP A C   
8   O O   . ASP A 2  ? 0.1418 0.1738 0.1990 0.0015  -0.0080 0.0145  1    ASP A O   
9   C CB  . ASP A 2  ? 0.1431 0.1738 0.2315 0.0037  -0.0405 -0.0096 1    ASP A CB  
10  C CG  . ASP A 2  ? 0.1137 0.1822 0.2071 0.0117  -0.0347 -0.0024 1    ASP A CG  
11  O OD1 . ASP A 2  ? 0.1916 0.1796 0.2120 0.0258  -0.0361 -0.0006 1    ASP A OD1 
12  O OD2 . ASP A 2  ? 0.2080 0.1973 0.2033 0.0333  -0.0047 -0.0006 1    ASP A OD2 
13  N N   . ALA A 3  ? 0.1617 0.1292 0.2225 0.0109  -0.0268 -0.0133 2    ALA A N   
14  C CA  . ALA A 3  ? 0.1645 0.1404 0.2184 0.0184  -0.0554 -0.0103 2    ALA A CA  
15  C C   . ALA A 3  ? 0.1388 0.1498 0.1795 0.0023  -0.0357 0.0027  2    ALA A C   
16  O O   . ALA A 3  ? 0.1548 0.1448 0.2298 0.0105  -0.0568 0.0077  2    ALA A O   
17  C CB  . ALA A 3  ? 0.2101 0.1675 0.2031 0.0532  -0.0624 -0.0515 2    ALA A CB  
18  N N   . TYR A 4  ? 0.1427 0.1351 0.1929 0.0102  -0.0277 -0.0025 3    TYR A N   
19  C CA  . TYR A 4  ? 0.1247 0.1320 0.1786 0.0231  -0.0231 0.0014  3    TYR A CA  
20  C C   . TYR A 4  ? 0.1189 0.1172 0.1871 0.0030  -0.0179 0.0030  3    TYR A C   
21  O O   . TYR A 4  ? 0.1049 0.1322 0.1880 0.0096  -0.0174 0.0283  3    TYR A O   
22  C CB  . TYR A 4  ? 0.1393 0.1389 0.1516 0.0123  -0.0171 0.0083  3    TYR A CB  
23  C CG  . TYR A 4  ? 0.1152 0.1345 0.1752 0.0090  -0.0115 -0.0094 3    TYR A CG  
24  C CD1 . TYR A 4  ? 0.1397 0.1264 0.1434 0.0117  -0.0132 0.0022  3    TYR A CD1 
25  C CD2 . TYR A 4  ? 0.1251 0.1746 0.2225 0.0087  0.0026  -0.0333 3    TYR A CD2 
26  C CE1 . TYR A 4  ? 0.1389 0.1220 0.1553 -0.0080 0.0034  0.0146  3    TYR A CE1 
27  C CE2 . TYR A 4  ? 0.1524 0.1819 0.1708 0.0335  -0.0274 -0.0609 3    TYR A CE2 
28  C CZ  . TYR A 4  ? 0.1284 0.1334 0.1824 -0.0018 -0.0245 -0.0080 3    TYR A CZ  
29  O OH  . TYR A 4  ? 0.1090 0.1456 0.2171 0.0030  -0.0193 -0.0418 3    TYR A OH  
30  N N   . ALA A 5  ? 0.0870 0.1069 0.1803 0.0088  -0.0068 0.0074  4    ALA A N   
31  C CA  . ALA A 5  ? 0.1258 0.1016 0.1888 -0.0173 -0.0183 0.0074  4    ALA A CA  
32  C C   . ALA A 5  ? 0.0952 0.0946 0.2007 0.0080  -0.0149 0.0076  4    ALA A C   
33  O O   . ALA A 5  ? 0.1163 0.1310 0.2040 0.0193  0.0040  0.0390  4    ALA A O   
34  C CB  . ALA A 5  ? 0.1411 0.1150 0.2104 0.0091  0.0202  0.0116  4    ALA A CB  
35  N N   . GLN A 6  ? 0.1238 0.1201 0.1904 -0.0012 -0.0231 0.0033  5    GLN A N   
36  C CA  . GLN A 6  ? 0.1272 0.1311 0.2290 -0.0036 -0.0149 0.0122  5    GLN A CA  
37  C C   . GLN A 6  ? 0.1209 0.1371 0.2420 0.0005  -0.0126 0.0107  5    GLN A C   
38  O O   . GLN A 6  ? 0.1460 0.1430 0.2557 -0.0037 0.0012  0.0272  5    GLN A O   
39  C CB  . GLN A 6  ? 0.1324 0.1608 0.2617 0.0265  -0.0237 0.0182  5    GLN A CB  
40  C CG  . GLN A 6  ? 0.1516 0.2000 0.3741 -0.0198 -0.0376 0.0035  5    GLN A CG  
41  C CD  . GLN A 6  ? 0.2142 0.3112 0.3895 -0.0306 -0.0131 0.0188  5    GLN A CD  
42  O OE1 . GLN A 6  ? 0.2185 0.2465 0.4002 0.0439  -0.0114 0.0156  5    GLN A OE1 
43  N NE2 . GLN A 6  ? 0.2076 0.2288 0.3833 0.0317  -0.0530 -0.0129 5    GLN A NE2 
44  N N   . TRP A 7  ? 0.1210 0.1330 0.1887 0.0059  -0.0179 0.0100  6    TRP A N   
45  C CA  . TRP A 7  ? 0.1212 0.1484 0.1949 -0.0002 -0.0155 0.0011  6    TRP A CA  
46  C C   . TRP A 7  ? 0.1229 0.1226 0.1764 -0.0043 -0.0249 0.0118  6    TRP A C   
47  O O   . TRP A 7  ? 0.1620 0.1039 0.2243 0.0165  -0.0211 0.0100  6    TRP A O   
48  C CB  . TRP A 7  ? 0.1286 0.1461 0.1718 -0.0120 -0.0238 -0.0235 6    TRP A CB  
49  C CG  . TRP A 7  ? 0.0951 0.1264 0.1978 0.0231  -0.0115 -0.0128 6    TRP A CG  
50  C CD1 . TRP A 7  ? 0.1749 0.1294 0.1910 0.0136  -0.0138 -0.0337 6    TRP A CD1 
51  C CD2 . TRP A 7  ? 0.0968 0.1542 0.0960 0.0126  -0.0166 0.0085  6    TRP A CD2 
52  N NE1 . TRP A 7  ? 0.1511 0.1344 0.1578 0.0031  -0.0112 -0.0183 6    TRP A NE1 
53  C CE2 . TRP A 7  ? 0.1142 0.1205 0.1477 0.0035  -0.0078 -0.0132 6    TRP A CE2 
54  C CE3 . TRP A 7  ? 0.1202 0.1173 0.1296 0.0233  0.0148  0.0099  6    TRP A CE3 
55  C CZ2 . TRP A 7  ? 0.1317 0.1351 0.1338 -0.0063 -0.0107 0.0136  6    TRP A CZ2 
56  C CZ3 . TRP A 7  ? 0.1147 0.1228 0.1459 -0.0237 -0.0135 0.0048  6    TRP A CZ3 
57  C CH2 . TRP A 7  ? 0.1157 0.1426 0.1627 -0.0062 -0.0141 0.0273  6    TRP A CH2 
58  N N   . LEU A 8  ? 0.1285 0.0960 0.1721 -0.0050 -0.0089 0.0212  7    LEU A N   
59  C CA  . LEU A 8  ? 0.1117 0.1277 0.1464 -0.0001 -0.0102 -0.0102 7    LEU A CA  
60  C C   . LEU A 8  ? 0.1057 0.1404 0.1484 0.0041  0.0050  0.0165  7    LEU A C   
61  O O   . LEU A 8  ? 0.1347 0.1392 0.1780 0.0105  -0.0103 0.0200  7    LEU A O   
62  C CB  A LEU A 8  ? 0.1541 0.1544 0.1592 0.0103  -0.0254 0.0088  7    LEU A CB  
63  C CB  B LEU A 8  ? 0.1289 0.1389 0.1454 0.0009  -0.0271 0.0113  7    LEU A CB  
64  C CG  A LEU A 8  ? 0.1898 0.2475 0.2745 0.0255  -0.0752 -0.0520 7    LEU A CG  
65  C CG  B LEU A 8  ? 0.0904 0.1727 0.0788 0.0112  -0.0425 -0.0038 7    LEU A CG  
66  C CD1 A LEU A 8  ? 0.2187 0.1208 0.2001 0.0066  -0.0222 -0.0228 7    LEU A CD1 
67  C CD1 B LEU A 8  ? 0.0769 0.1190 0.2088 0.0081  0.0113  -0.0035 7    LEU A CD1 
68  C CD2 A LEU A 8  ? 0.0834 0.1966 0.1590 -0.0023 -0.0376 -0.0550 7    LEU A CD2 
69  C CD2 B LEU A 8  ? 0.0842 0.1526 0.1293 0.0166  -0.0181 0.0152  7    LEU A CD2 
70  N N   . ALA A 9  ? 0.1301 0.1270 0.1877 0.0116  -0.0084 0.0361  8    ALA A N   
71  C CA  . ALA A 9  ? 0.1582 0.1211 0.1737 -0.0012 0.0088  0.0218  8    ALA A CA  
72  C C   . ALA A 9  ? 0.1120 0.1495 0.1742 0.0055  0.0092  0.0240  8    ALA A C   
73  O O   . ALA A 9  ? 0.1838 0.1331 0.2231 0.0084  0.0111  0.0396  8    ALA A O   
74  C CB  . ALA A 9  ? 0.1110 0.1656 0.2272 0.0304  0.0252  0.0266  8    ALA A CB  
75  N N   . ASP A 10 ? 0.1716 0.1235 0.1938 0.0071  0.0218  0.0240  9    ASP A N   
76  C CA  . ASP A 10 ? 0.1348 0.1423 0.1864 0.0198  -0.0270 0.0406  9    ASP A CA  
77  C C   . ASP A 10 ? 0.1108 0.1282 0.1363 -0.0054 0.0009  0.0279  9    ASP A C   
78  O O   . ASP A 10 ? 0.1378 0.1257 0.2085 0.0067  0.0211  0.0177  9    ASP A O   
79  C CB  . ASP A 10 ? 0.1703 0.1427 0.1690 0.0149  -0.0174 0.0292  9    ASP A CB  
80  C CG  . ASP A 10 ? 0.2179 0.1641 0.2306 0.0226  0.0055  0.0346  9    ASP A CG  
81  O OD1 . ASP A 10 ? 0.1865 0.2582 0.2422 0.0303  -0.0906 -0.0292 9    ASP A OD1 
82  O OD2 . ASP A 10 ? 0.1621 0.1705 0.2427 0.0134  0.0063  0.0324  9    ASP A OD2 
83  N N   . GLY A 11 ? 0.1304 0.1060 0.2076 -0.0020 0.0182  0.0207  10   GLY A N   
84  C CA  . GLY A 11 ? 0.1170 0.1482 0.1742 -0.0100 0.0149  0.0068  10   GLY A CA  
85  C C   . GLY A 11 ? 0.1247 0.1201 0.1558 0.0222  0.0148  0.0156  10   GLY A C   
86  O O   . GLY A 11 ? 0.1117 0.1697 0.1561 0.0202  -0.0083 0.0280  10   GLY A O   
87  N N   . GLY A 12 ? 0.1495 0.1161 0.1567 0.0209  0.0059  0.0119  11   GLY A N   
88  C CA  . GLY A 12 ? 0.1604 0.0907 0.1305 -0.0019 -0.0077 0.0190  11   GLY A CA  
89  C C   . GLY A 12 ? 0.1376 0.1286 0.1116 -0.0068 -0.0123 0.0456  11   GLY A C   
90  O O   . GLY A 12 ? 0.2099 0.1263 0.1669 -0.0098 -0.0082 -0.0078 11   GLY A O   
91  N N   . PRO A 13 ? 0.1410 0.1445 0.1268 -0.0062 0.0042  0.0253  12   PRO A N   
92  C CA  . PRO A 13 ? 0.2148 0.1755 0.1271 0.0163  -0.0055 0.0254  12   PRO A CA  
93  C C   . PRO A 13 ? 0.2571 0.1636 0.1405 0.0240  0.0008  0.0245  12   PRO A C   
94  O O   . PRO A 13 ? 0.3379 0.1836 0.1667 0.0660  0.0297  0.0022  12   PRO A O   
95  C CB  . PRO A 13 ? 0.1889 0.1910 0.1692 0.0395  0.0344  0.0406  12   PRO A CB  
96  C CG  . PRO A 13 ? 0.1713 0.2033 0.1894 0.0090  0.0063  0.0588  12   PRO A CG  
97  C CD  . PRO A 13 ? 0.1262 0.1804 0.1558 -0.0247 0.0067  0.0254  12   PRO A CD  
98  N N   . SER A 14 ? 0.1934 0.1302 0.1370 -0.0106 0.0334  0.0072  13   SER A N   
99  C CA  . SER A 14 ? 0.1642 0.1569 0.1754 0.0247  -0.0031 0.0288  13   SER A CA  
100 C C   . SER A 14 ? 0.2664 0.1633 0.1742 -0.0110 -0.0281 -0.0185 13   SER A C   
101 O O   . SER A 14 ? 0.3653 0.1887 0.2054 -0.0491 -0.0430 0.0070  13   SER A O   
102 C CB  A SER A 14 ? 0.1486 0.1510 0.1454 0.0143  -0.0020 0.0303  13   SER A CB  
103 C CB  B SER A 14 ? 0.1557 0.1523 0.1385 0.0048  -0.0133 0.0320  13   SER A CB  
104 O OG  A SER A 14 ? 0.1463 0.1650 0.1648 -0.0086 0.0113  0.0277  13   SER A OG  
105 O OG  B SER A 14 ? 0.1494 0.1565 0.2069 -0.0212 -0.0049 0.0341  13   SER A OG  
106 N N   . SER A 15 ? 0.2228 0.1899 0.1848 -0.0392 -0.0404 -0.0012 14   SER A N   
107 C CA  . SER A 15 ? 0.2576 0.1960 0.2080 -0.0495 0.0116  -0.0039 14   SER A CA  
108 C C   . SER A 15 ? 0.3442 0.2572 0.2803 -0.0047 0.0053  -0.0057 14   SER A C   
109 O O   . SER A 15 ? 0.3900 0.3395 0.2701 -0.0732 -0.0357 -0.0279 14   SER A O   
110 C CB  . SER A 15 ? 0.2120 0.2828 0.2280 -0.0360 -0.0179 -0.0082 14   SER A CB  
111 O OG  . SER A 15 ? 0.2312 0.2128 0.1784 -0.0413 -0.0135 -0.0211 14   SER A OG  
112 N N   . GLY A 16 ? 0.3077 0.1822 0.2127 0.0313  -0.0256 -0.0144 15   GLY A N   
113 C CA  . GLY A 16 ? 0.3677 0.2419 0.2593 0.0558  -0.0039 -0.0438 15   GLY A CA  
114 C C   . GLY A 16 ? 0.3574 0.2430 0.2607 0.0555  -0.0212 -0.0309 15   GLY A C   
115 O O   . GLY A 16 ? 0.4942 0.2561 0.2415 0.0943  -0.0040 -0.0591 15   GLY A O   
116 N N   . ARG A 17 ? 0.3015 0.2078 0.2064 0.0398  -0.0275 -0.0213 16   ARG A N   
117 C CA  . ARG A 17 ? 0.2586 0.2348 0.1691 -0.0123 -0.0016 -0.0401 16   ARG A CA  
118 C C   . ARG A 17 ? 0.2000 0.1853 0.1401 0.0065  -0.0365 -0.0112 16   ARG A C   
119 O O   . ARG A 17 ? 0.2083 0.2040 0.1706 0.0248  -0.0350 -0.0517 16   ARG A O   
120 C CB  . ARG A 17 ? 0.3110 0.3215 0.1939 -0.0023 -0.0374 -0.0071 16   ARG A CB  
121 C CG  . ARG A 17 ? 0.3270 0.3724 0.2495 -0.0129 -0.0144 -0.0012 16   ARG A CG  
122 C CD  . ARG A 17 ? 0.3145 0.3741 0.2530 -0.0349 0.0014  0.0082  16   ARG A CD  
123 N NE  . ARG A 17 ? 0.3619 0.3702 0.2434 -0.0359 -0.0159 -0.0085 16   ARG A NE  
124 C CZ  . ARG A 17 ? 0.3172 0.3030 0.3298 -0.0049 0.0028  -0.0009 16   ARG A CZ  
125 N NH1 . ARG A 17 ? 0.3388 0.3190 0.2240 -0.0227 -0.0426 -0.0105 16   ARG A NH1 
126 N NH2 . ARG A 17 ? 0.4265 0.3087 0.3157 -0.0492 0.0345  0.0655  16   ARG A NH2 
127 N N   . PRO A 18 ? 0.2727 0.2286 0.1452 0.0116  -0.0338 -0.0388 17   PRO A N   
128 C CA  . PRO A 18 ? 0.2564 0.2224 0.1653 0.0100  -0.0363 -0.0027 17   PRO A CA  
129 C C   . PRO A 18 ? 0.1859 0.1602 0.1750 0.0200  -0.0028 -0.0169 17   PRO A C   
130 O O   . PRO A 18 ? 0.2022 0.2219 0.2214 0.0253  -0.0184 -0.0038 17   PRO A O   
131 C CB  . PRO A 18 ? 0.2936 0.2612 0.2268 0.0015  0.0107  0.0172  17   PRO A CB  
132 C CG  . PRO A 18 ? 0.3434 0.3317 0.1991 -0.0323 -0.0479 -0.0041 17   PRO A CG  
133 C CD  . PRO A 18 ? 0.3202 0.2488 0.1897 0.0189  -0.0537 -0.0436 17   PRO A CD  
134 N N   . PRO A 19 ? 0.2104 0.1694 0.1308 0.0042  -0.0158 0.0120  18   PRO A N   
135 C CA  . PRO A 19 ? 0.1962 0.2058 0.1395 0.0225  -0.0220 0.0063  18   PRO A CA  
136 C C   . PRO A 19 ? 0.2277 0.1955 0.1725 0.0172  -0.0250 -0.0221 18   PRO A C   
137 O O   . PRO A 19 ? 0.2666 0.2165 0.1604 0.0170  -0.0202 0.0068  18   PRO A O   
138 C CB  . PRO A 19 ? 0.2186 0.2076 0.1464 0.0157  -0.0385 0.0092  18   PRO A CB  
139 C CG  . PRO A 19 ? 0.1728 0.1752 0.1949 -0.0096 -0.0503 -0.0063 18   PRO A CG  
140 C CD  . PRO A 19 ? 0.2026 0.2358 0.1654 0.0087  -0.0276 -0.0184 18   PRO A CD  
141 N N   . PRO A 20 ? 0.2080 0.1851 0.1642 0.0390  -0.0271 -0.0104 19   PRO A N   
142 C CA  . PRO A 20 ? 0.2493 0.2451 0.2005 0.0223  -0.0283 0.0185  19   PRO A CA  
143 C C   . PRO A 20 ? 0.2466 0.2129 0.1610 0.0452  -0.0410 0.0161  19   PRO A C   
144 O O   . PRO A 20 ? 0.3223 0.2264 0.1677 0.0078  -0.0677 0.0246  19   PRO A O   
145 C CB  . PRO A 20 ? 0.2380 0.3323 0.2703 0.0525  -0.0514 0.0262  19   PRO A CB  
146 C CG  . PRO A 20 ? 0.2084 0.3310 0.2289 0.0492  -0.0226 -0.0146 19   PRO A CG  
147 C CD  . PRO A 20 ? 0.2643 0.2186 0.1995 0.0490  -0.0366 -0.0052 19   PRO A CD  
148 N N   . SER A 21 ? 0.3159 0.2503 0.1716 0.0559  -0.0012 0.0125  20   SER A N   
149 C CA  . SER A 21 ? 0.3206 0.2112 0.2192 0.0341  0.0240  0.0218  20   SER A CA  
150 C C   . SER A 21 ? 0.2879 0.2624 0.2889 0.0003  0.0460  -0.0003 20   SER A C   
151 O O   . SER A 21 ? 0.3243 0.2907 0.3328 0.0174  0.0530  -0.0014 20   SER A O   
152 C CB  . SER A 21 ? 0.3339 0.2505 0.2218 0.0270  0.0148  0.0377  20   SER A CB  
153 O OG  . SER A 21 ? 0.3047 0.2509 0.1376 0.0285  -0.0373 0.0006  20   SER A OG  
154 N N   . GLY A 22 ? 0.2430 0.2562 0.2092 0.0538  0.0134  0.0295  21   GLY A N   
155 C CA  . GLY A 22 ? 0.2553 0.2499 0.1504 0.0411  -0.0103 0.0316  21   GLY A CA  
156 C C   . GLY A 22 ? 0.2293 0.1889 0.1321 -0.0075 -0.0085 0.0009  21   GLY A C   
157 O O   . GLY A 22 ? 0.2082 0.1699 0.1795 0.0234  -0.0209 0.0329  21   GLY A O   
158 N N   . GLY B 1  ? 0.1221 0.1302 0.1200 -0.0095 0.0008  0.0036  -1   GLY B N   
159 C CA  . GLY B 1  ? 0.1101 0.1317 0.1141 -0.0165 -0.0035 -0.0156 -1   GLY B CA  
160 C C   . GLY B 1  ? 0.0938 0.1246 0.1123 -0.0024 0.0024  -0.0033 -1   GLY B C   
161 O O   . GLY B 1  ? 0.1089 0.1162 0.1403 0.0001  0.0310  0.0068  -1   GLY B O   
162 N N   . ASP B 2  ? 0.1390 0.1467 0.1043 -0.0106 0.0213  -0.0125 1    ASP B N   
163 C CA  . ASP B 2  ? 0.1270 0.1109 0.1027 0.0003  0.0048  -0.0193 1    ASP B CA  
164 C C   . ASP B 2  ? 0.1289 0.0975 0.0986 0.0285  0.0214  0.0035  1    ASP B C   
165 O O   . ASP B 2  ? 0.1158 0.1085 0.0998 0.0068  -0.0045 0.0067  1    ASP B O   
166 C CB  . ASP B 2  ? 0.1410 0.1309 0.1219 -0.0118 0.0265  0.0076  1    ASP B CB  
167 C CG  . ASP B 2  ? 0.1690 0.1608 0.1696 -0.0313 0.0074  -0.0291 1    ASP B CG  
168 O OD1 . ASP B 2  ? 0.2094 0.2789 0.1949 -0.1118 0.0644  -0.0493 1    ASP B OD1 
169 O OD2 . ASP B 2  ? 0.2268 0.2545 0.2236 -0.0269 0.0450  -0.0605 1    ASP B OD2 
170 N N   . ALA B 3  ? 0.1196 0.1313 0.0971 -0.0111 0.0138  0.0033  2    ALA B N   
171 C CA  . ALA B 3  ? 0.1179 0.1039 0.1024 0.0035  0.0030  -0.0101 2    ALA B CA  
172 C C   . ALA B 3  ? 0.1019 0.0821 0.1060 -0.0190 -0.0104 -0.0015 2    ALA B C   
173 O O   . ALA B 3  ? 0.1139 0.1216 0.1089 0.0099  -0.0002 -0.0048 2    ALA B O   
174 C CB  . ALA B 3  ? 0.1426 0.1195 0.1596 -0.0262 0.0453  -0.0294 2    ALA B CB  
175 N N   . TYR B 4  ? 0.0951 0.1001 0.0801 0.0094  -0.0163 -0.0132 3    TYR B N   
176 C CA  . TYR B 4  ? 0.1164 0.0684 0.1194 -0.0055 -0.0038 0.0025  3    TYR B CA  
177 C C   . TYR B 4  ? 0.0967 0.0858 0.0960 -0.0034 0.0027  -0.0126 3    TYR B C   
178 O O   . TYR B 4  ? 0.1102 0.1215 0.1045 -0.0023 0.0130  -0.0090 3    TYR B O   
179 C CB  . TYR B 4  ? 0.1346 0.0886 0.1262 0.0043  0.0124  0.0059  3    TYR B CB  
180 C CG  . TYR B 4  ? 0.0894 0.0771 0.1494 0.0035  -0.0236 0.0040  3    TYR B CG  
181 C CD1 . TYR B 4  ? 0.1070 0.0798 0.1292 0.0082  -0.0010 -0.0069 3    TYR B CD1 
182 C CD2 . TYR B 4  ? 0.0892 0.0894 0.1482 0.0051  -0.0088 0.0021  3    TYR B CD2 
183 C CE1 . TYR B 4  ? 0.1296 0.0728 0.1036 -0.0165 -0.0082 0.0058  3    TYR B CE1 
184 C CE2 . TYR B 4  ? 0.1001 0.0871 0.1350 0.0050  -0.0006 0.0108  3    TYR B CE2 
185 C CZ  . TYR B 4  ? 0.1080 0.0963 0.1270 0.0034  -0.0061 -0.0115 3    TYR B CZ  
186 O OH  . TYR B 4  ? 0.1038 0.1144 0.1147 0.0136  0.0057  -0.0047 3    TYR B OH  
187 N N   . ALA B 5  ? 0.1049 0.0910 0.1130 -0.0026 0.0013  -0.0167 4    ALA B N   
188 C CA  . ALA B 5  ? 0.1030 0.0969 0.1394 -0.0104 0.0138  0.0191  4    ALA B CA  
189 C C   . ALA B 5  ? 0.1169 0.1220 0.1209 -0.0071 0.0326  0.0027  4    ALA B C   
190 O O   . ALA B 5  ? 0.1368 0.1171 0.1229 -0.0031 0.0203  0.0076  4    ALA B O   
191 C CB  . ALA B 5  ? 0.1240 0.1203 0.1191 -0.0185 0.0180  -0.0061 4    ALA B CB  
192 N N   . GLN B 6  ? 0.1054 0.1285 0.1546 -0.0077 -0.0008 0.0042  5    GLN B N   
193 C CA  . GLN B 6  ? 0.1444 0.1252 0.1625 0.0131  -0.0198 0.0342  5    GLN B CA  
194 C C   . GLN B 6  ? 0.1180 0.1154 0.1147 0.0067  0.0133  0.0223  5    GLN B C   
195 O O   . GLN B 6  ? 0.1523 0.1201 0.1224 -0.0016 -0.0174 0.0087  5    GLN B O   
196 C CB  . GLN B 6  ? 0.1748 0.1230 0.1816 0.0147  -0.0170 -0.0015 5    GLN B CB  
197 C CG  . GLN B 6  ? 0.2538 0.2445 0.2466 0.0304  -0.0384 0.0212  5    GLN B CG  
198 C CD  . GLN B 6  ? 0.3654 0.4335 0.3754 0.0292  -0.0128 -0.0151 5    GLN B CD  
199 O OE1 . GLN B 6  ? 0.6715 0.6441 0.6610 -0.0522 0.0007  0.0612  5    GLN B OE1 
200 N NE2 . GLN B 6  ? 0.4179 0.3046 0.1812 0.0382  0.0295  -0.0009 5    GLN B NE2 
201 N N   . TRP B 7  ? 0.1186 0.0776 0.1066 -0.0011 0.0022  0.0117  6    TRP B N   
202 C CA  . TRP B 7  ? 0.0825 0.1226 0.1261 -0.0067 0.0000  0.0021  6    TRP B CA  
203 C C   . TRP B 7  ? 0.0981 0.1277 0.1166 -0.0221 0.0068  0.0115  6    TRP B C   
204 O O   . TRP B 7  ? 0.1357 0.1294 0.0992 -0.0056 -0.0264 0.0127  6    TRP B O   
205 C CB  . TRP B 7  ? 0.0960 0.1193 0.1230 0.0029  0.0051  -0.0002 6    TRP B CB  
206 C CG  . TRP B 7  ? 0.1690 0.1440 0.0952 -0.0083 -0.0002 0.0003  6    TRP B CG  
207 C CD1 . TRP B 7  ? 0.1225 0.1104 0.0922 -0.0031 -0.0127 0.0039  6    TRP B CD1 
208 C CD2 . TRP B 7  ? 0.1325 0.0646 0.0986 0.0088  0.0021  0.0174  6    TRP B CD2 
209 N NE1 . TRP B 7  ? 0.1212 0.0924 0.1330 -0.0109 0.0001  -0.0187 6    TRP B NE1 
210 C CE2 . TRP B 7  ? 0.1178 0.0856 0.0759 -0.0175 0.0147  0.0236  6    TRP B CE2 
211 C CE3 . TRP B 7  ? 0.1454 0.0646 0.1115 0.0059  -0.0023 -0.0007 6    TRP B CE3 
212 C CZ2 . TRP B 7  ? 0.1261 0.0966 0.0940 0.0095  -0.0119 0.0024  6    TRP B CZ2 
213 C CZ3 . TRP B 7  ? 0.1164 0.1353 0.0928 0.0088  0.0082  -0.0024 6    TRP B CZ3 
214 C CH2 . TRP B 7  ? 0.1373 0.0863 0.0992 0.0296  0.0242  0.0128  6    TRP B CH2 
215 N N   . LEU B 8  ? 0.0992 0.1401 0.1070 -0.0174 0.0051  0.0211  7    LEU B N   
216 C CA  . LEU B 8  ? 0.1056 0.1138 0.1259 0.0208  -0.0114 -0.0125 7    LEU B CA  
217 C C   . LEU B 8  ? 0.1013 0.1200 0.1211 0.0131  -0.0030 0.0100  7    LEU B C   
218 O O   . LEU B 8  ? 0.1272 0.1265 0.1081 0.0109  0.0184  0.0110  7    LEU B O   
219 C CB  . LEU B 8  ? 0.0972 0.1214 0.1279 0.0259  -0.0025 -0.0093 7    LEU B CB  
220 C CG  . LEU B 8  ? 0.1269 0.1637 0.1239 -0.0062 -0.0132 0.0105  7    LEU B CG  
221 C CD1 . LEU B 8  ? 0.0960 0.1584 0.1517 -0.0166 -0.0025 -0.0012 7    LEU B CD1 
222 C CD2 . LEU B 8  ? 0.1324 0.0908 0.1648 0.0177  0.0125  -0.0077 7    LEU B CD2 
223 N N   . ALA B 9  ? 0.1265 0.1098 0.1145 0.0080  -0.0013 0.0052  8    ALA B N   
224 C CA  . ALA B 9  ? 0.1346 0.1540 0.1180 -0.0050 0.0189  0.0293  8    ALA B CA  
225 C C   . ALA B 9  ? 0.1452 0.1541 0.1278 0.0103  -0.0129 0.0485  8    ALA B C   
226 O O   . ALA B 9  ? 0.1880 0.2468 0.1366 -0.0114 -0.0188 0.0570  8    ALA B O   
227 C CB  . ALA B 9  ? 0.1916 0.1223 0.1640 0.0143  0.0186  0.0220  8    ALA B CB  
228 N N   . ASP B 10 ? 0.1604 0.1805 0.1116 -0.0030 -0.0123 0.0244  9    ASP B N   
229 C CA  . ASP B 10 ? 0.1249 0.2004 0.0978 -0.0026 -0.0239 0.0281  9    ASP B CA  
230 C C   . ASP B 10 ? 0.1736 0.2038 0.1337 -0.0351 -0.0289 0.0234  9    ASP B C   
231 O O   . ASP B 10 ? 0.2137 0.3022 0.1866 -0.0899 -0.0268 -0.0287 9    ASP B O   
232 C CB  . ASP B 10 ? 0.1638 0.2727 0.1659 -0.0355 -0.0080 0.0266  9    ASP B CB  
233 C CG  . ASP B 10 ? 0.2156 0.3677 0.2661 0.0287  0.0055  0.0011  9    ASP B CG  
234 O OD1 . ASP B 10 ? 0.2496 0.5183 0.2912 0.0438  0.0174  0.0113  9    ASP B OD1 
235 O OD2 . ASP B 10 ? 0.2190 0.3188 0.3515 0.0907  0.0051  0.0567  9    ASP B OD2 
236 N N   . GLY B 11 ? 0.1927 0.1389 0.1297 -0.0209 -0.0267 0.0286  10   GLY B N   
237 C CA  . GLY B 11 ? 0.1822 0.1583 0.1295 -0.0222 -0.0207 0.0069  10   GLY B CA  
238 C C   . GLY B 11 ? 0.1905 0.1186 0.1119 0.0001  -0.0115 -0.0096 10   GLY B C   
239 O O   . GLY B 11 ? 0.2592 0.1411 0.1308 0.0026  0.0071  -0.0323 10   GLY B O   
240 N N   . GLY B 12 ? 0.2069 0.1336 0.0957 0.0021  0.0147  -0.0002 11   GLY B N   
241 C CA  . GLY B 12 ? 0.1920 0.1373 0.0807 -0.0109 -0.0088 -0.0102 11   GLY B CA  
242 C C   . GLY B 12 ? 0.1610 0.1150 0.1001 0.0075  0.0169  0.0234  11   GLY B C   
243 O O   . GLY B 12 ? 0.1704 0.1301 0.1196 0.0052  0.0057  -0.0004 11   GLY B O   
244 N N   . PRO B 13 ? 0.1546 0.1369 0.1048 0.0037  -0.0104 -0.0031 12   PRO B N   
245 C CA  . PRO B 13 ? 0.1550 0.1220 0.1292 0.0073  0.0095  0.0021  12   PRO B CA  
246 C C   . PRO B 13 ? 0.1510 0.1150 0.1336 0.0161  -0.0040 -0.0101 12   PRO B C   
247 O O   . PRO B 13 ? 0.1934 0.1424 0.1441 -0.0167 -0.0270 0.0091  12   PRO B O   
248 C CB  . PRO B 13 ? 0.2063 0.1530 0.1269 0.0081  -0.0038 0.0056  12   PRO B CB  
249 C CG  . PRO B 13 ? 0.1620 0.1742 0.1867 0.0158  0.0132  0.0126  12   PRO B CG  
250 C CD  . PRO B 13 ? 0.1706 0.1679 0.1201 0.0057  0.0041  -0.0015 12   PRO B CD  
251 N N   . SER B 14 ? 0.2004 0.1429 0.1341 0.0126  -0.0143 -0.0118 13   SER B N   
252 C CA  . SER B 14 ? 0.2039 0.1898 0.1345 0.0172  -0.0035 0.0069  13   SER B CA  
253 C C   . SER B 14 ? 0.1973 0.1985 0.1329 0.0002  -0.0308 0.0074  13   SER B C   
254 O O   . SER B 14 ? 0.1959 0.2609 0.1474 -0.0098 -0.0213 -0.0186 13   SER B O   
255 C CB  A SER B 14 ? 0.2081 0.2415 0.1129 0.0141  -0.0153 -0.0178 13   SER B CB  
256 C CB  B SER B 14 ? 0.1985 0.2135 0.1184 0.0227  -0.0124 -0.0166 13   SER B CB  
257 O OG  A SER B 14 ? 0.1872 0.2171 0.1384 0.0052  0.0069  -0.0034 13   SER B OG  
258 O OG  B SER B 14 ? 0.2093 0.2677 0.1491 0.0237  0.0548  -0.0190 13   SER B OG  
259 N N   . SER B 15 ? 0.1984 0.1901 0.1036 0.0156  0.0000  0.0024  14   SER B N   
260 C CA  . SER B 15 ? 0.1848 0.2199 0.0899 0.0020  0.0131  0.0265  14   SER B CA  
261 C C   . SER B 15 ? 0.2012 0.2029 0.1447 -0.0136 -0.0307 -0.0026 14   SER B C   
262 O O   . SER B 15 ? 0.1819 0.3215 0.1709 0.0168  -0.0089 0.0053  14   SER B O   
263 C CB  . SER B 15 ? 0.1368 0.1524 0.1694 0.0229  -0.0044 0.0256  14   SER B CB  
264 O OG  . SER B 15 ? 0.1596 0.1920 0.1316 -0.0084 -0.0179 -0.0041 14   SER B OG  
265 N N   . GLY B 16 ? 0.2208 0.2022 0.1390 -0.0274 -0.0208 -0.0081 15   GLY B N   
266 C CA  . GLY B 16 ? 0.2764 0.2369 0.1391 -0.0349 -0.0094 -0.0071 15   GLY B CA  
267 C C   . GLY B 16 ? 0.1914 0.2338 0.1449 -0.0469 -0.0037 -0.0149 15   GLY B C   
268 O O   . GLY B 16 ? 0.2153 0.2639 0.1920 -0.0559 0.0283  -0.0200 15   GLY B O   
269 N N   A ARG B 17 ? 0.1550 0.1971 0.1486 -0.0443 -0.0247 -0.0022 16   ARG B N   
270 N N   B ARG B 17 ? 0.1587 0.1942 0.1459 -0.0439 -0.0239 -0.0009 16   ARG B N   
271 C CA  A ARG B 17 ? 0.1615 0.1697 0.1065 -0.0188 -0.0019 -0.0023 16   ARG B CA  
272 C CA  B ARG B 17 ? 0.1754 0.1706 0.1159 -0.0098 -0.0013 -0.0089 16   ARG B CA  
273 C C   A ARG B 17 ? 0.1404 0.1067 0.0814 -0.0294 -0.0005 0.0067  16   ARG B C   
274 C C   B ARG B 17 ? 0.1346 0.1092 0.0808 -0.0301 0.0053  0.0031  16   ARG B C   
275 O O   A ARG B 17 ? 0.1635 0.1548 0.1118 -0.0225 0.0114  -0.0151 16   ARG B O   
276 O O   B ARG B 17 ? 0.1222 0.1429 0.0966 -0.0245 0.0071  -0.0162 16   ARG B O   
277 C CB  A ARG B 17 ? 0.1523 0.1487 0.1462 0.0177  -0.0192 0.0095  16   ARG B CB  
278 C CB  B ARG B 17 ? 0.1697 0.1788 0.1279 0.0038  -0.0257 -0.0063 16   ARG B CB  
279 C CG  A ARG B 17 ? 0.1750 0.1890 0.2230 -0.0314 -0.0174 0.0138  16   ARG B CG  
280 C CG  B ARG B 17 ? 0.2334 0.1992 0.2073 -0.0136 -0.0249 0.0230  16   ARG B CG  
281 C CD  A ARG B 17 ? 0.1713 0.2186 0.1903 0.0020  -0.0481 -0.0110 16   ARG B CD  
282 C CD  B ARG B 17 ? 0.2791 0.2131 0.1272 0.0269  -0.0238 0.0241  16   ARG B CD  
283 N NE  A ARG B 17 ? 0.2442 0.2142 0.1277 0.0110  -0.0345 -0.0103 16   ARG B NE  
284 N NE  B ARG B 17 ? 0.2768 0.2904 0.2717 -0.0014 -0.0161 -0.0214 16   ARG B NE  
285 C CZ  A ARG B 17 ? 0.2633 0.2389 0.1172 0.0109  -0.0273 0.0210  16   ARG B CZ  
286 C CZ  B ARG B 17 ? 0.1997 0.2513 0.2999 0.0122  0.0093  0.0118  16   ARG B CZ  
287 N NH1 A ARG B 17 ? 0.1471 0.1512 0.1234 -0.0219 -0.0530 0.0139  16   ARG B NH1 
288 N NH1 B ARG B 17 ? 0.2267 0.3603 0.3183 -0.0334 0.0351  0.0659  16   ARG B NH1 
289 N NH2 A ARG B 17 ? 0.2464 0.2032 0.1742 0.0173  -0.0481 0.0191  16   ARG B NH2 
290 N NH2 B ARG B 17 ? 0.1100 0.2049 0.2136 0.0018  -0.0206 0.0104  16   ARG B NH2 
291 N N   . PRO B 18 ? 0.1328 0.1467 0.0968 -0.0096 0.0210  0.0059  17   PRO B N   
292 C CA  . PRO B 18 ? 0.1487 0.1085 0.1029 -0.0107 0.0018  0.0013  17   PRO B CA  
293 C C   . PRO B 18 ? 0.1282 0.0955 0.0996 0.0048  0.0027  0.0192  17   PRO B C   
294 O O   . PRO B 18 ? 0.1251 0.1158 0.1216 0.0067  -0.0049 0.0050  17   PRO B O   
295 C CB  . PRO B 18 ? 0.1205 0.1657 0.0971 -0.0169 -0.0009 0.0052  17   PRO B CB  
296 C CG  . PRO B 18 ? 0.1312 0.1581 0.0914 -0.0403 0.0302  0.0153  17   PRO B CG  
297 C CD  . PRO B 18 ? 0.1371 0.1325 0.1434 -0.0061 0.0036  0.0053  17   PRO B CD  
298 N N   . PRO B 19 ? 0.1033 0.1343 0.0956 -0.0010 -0.0045 0.0071  18   PRO B N   
299 C CA  . PRO B 19 ? 0.1106 0.1008 0.1246 0.0093  0.0205  -0.0062 18   PRO B CA  
300 C C   . PRO B 19 ? 0.0955 0.0884 0.0934 0.0111  0.0037  0.0068  18   PRO B C   
301 O O   . PRO B 19 ? 0.1408 0.1114 0.0973 -0.0070 -0.0018 0.0152  18   PRO B O   
302 C CB  . PRO B 19 ? 0.1165 0.1269 0.1021 -0.0117 0.0136  0.0091  18   PRO B CB  
303 C CG  . PRO B 19 ? 0.1328 0.1252 0.0963 0.0272  0.0101  0.0008  18   PRO B CG  
304 C CD  . PRO B 19 ? 0.1419 0.1146 0.0878 -0.0024 0.0153  0.0221  18   PRO B CD  
305 N N   . PRO B 20 ? 0.1057 0.0971 0.1086 -0.0119 0.0047  -0.0028 19   PRO B N   
306 C CA  . PRO B 20 ? 0.1197 0.1130 0.1303 -0.0121 0.0304  0.0046  19   PRO B CA  
307 C C   . PRO B 20 ? 0.1260 0.0947 0.0939 -0.0039 0.0169  0.0097  19   PRO B C   
308 O O   . PRO B 20 ? 0.1174 0.1353 0.0999 -0.0059 0.0073  0.0064  19   PRO B O   
309 C CB  . PRO B 20 ? 0.1689 0.1307 0.1388 0.0149  -0.0118 -0.0044 19   PRO B CB  
310 C CG  . PRO B 20 ? 0.2075 0.1085 0.1564 -0.0164 0.0334  0.0625  19   PRO B CG  
311 C CD  . PRO B 20 ? 0.1444 0.0805 0.1436 -0.0043 -0.0001 0.0129  19   PRO B CD  
312 N N   . SER B 21 ? 0.0830 0.1251 0.1040 0.0001  0.0120  0.0200  20   SER B N   
313 C CA  . SER B 21 ? 0.1159 0.1062 0.0988 0.0144  0.0061  -0.0089 20   SER B CA  
314 C C   . SER B 21 ? 0.1162 0.1340 0.1165 0.0045  0.0089  -0.0089 20   SER B C   
315 O O   . SER B 21 ? 0.1374 0.1407 0.1715 -0.0035 -0.0287 -0.0172 20   SER B O   
316 C CB  . SER B 21 ? 0.1382 0.1144 0.1016 -0.0099 -0.0031 -0.0078 20   SER B CB  
317 O OG  . SER B 21 ? 0.1045 0.1457 0.1241 -0.0003 0.0078  -0.0050 20   SER B OG  
318 N N   . GLY B 22 ? 0.1134 0.1213 0.1288 -0.0035 0.0204  0.0028  21   GLY B N   
319 C CA  . GLY B 22 ? 0.1256 0.0949 0.1240 -0.0096 -0.0037 0.0033  21   GLY B CA  
320 C C   . GLY B 22 ? 0.1012 0.1044 0.1159 0.0032  -0.0034 -0.0018 21   GLY B C   
321 O O   . GLY B 22 ? 0.1417 0.1176 0.1028 0.0019  0.0036  -0.0051 21   GLY B O   
322 N N   . GLY C 1  ? 0.1163 0.1647 0.1196 0.0143  -0.0038 -0.0093 -1   GLY C N   
323 C CA  . GLY C 1  ? 0.1177 0.1246 0.1179 0.0061  0.0066  0.0090  -1   GLY C CA  
324 C C   . GLY C 1  ? 0.0784 0.1225 0.1190 -0.0055 0.0223  0.0065  -1   GLY C C   
325 O O   . GLY C 1  ? 0.1024 0.1276 0.1282 -0.0023 0.0193  0.0055  -1   GLY C O   
326 N N   . ASP C 2  ? 0.1087 0.1142 0.1140 -0.0187 -0.0245 0.0042  1    ASP C N   
327 C CA  . ASP C 2  ? 0.1242 0.0870 0.1219 -0.0060 -0.0048 -0.0021 1    ASP C CA  
328 C C   . ASP C 2  ? 0.1017 0.1033 0.1076 -0.0124 -0.0068 -0.0008 1    ASP C C   
329 O O   . ASP C 2  ? 0.1031 0.1339 0.1147 0.0092  0.0112  0.0150  1    ASP C O   
330 C CB  . ASP C 2  ? 0.0940 0.0959 0.1285 0.0078  -0.0063 0.0230  1    ASP C CB  
331 C CG  . ASP C 2  ? 0.1308 0.1119 0.1476 -0.0112 -0.0011 0.0297  1    ASP C CG  
332 O OD1 . ASP C 2  ? 0.1154 0.1303 0.1947 0.0099  -0.0033 0.0198  1    ASP C OD1 
333 O OD2 . ASP C 2  ? 0.1268 0.1672 0.2785 -0.0439 -0.0351 0.0325  1    ASP C OD2 
334 N N   . ALA C 3  ? 0.1035 0.1298 0.1217 -0.0075 -0.0020 0.0210  2    ALA C N   
335 C CA  . ALA C 3  ? 0.0997 0.0925 0.1111 0.0102  -0.0119 -0.0120 2    ALA C CA  
336 C C   . ALA C 3  ? 0.1104 0.1044 0.1359 0.0058  -0.0134 -0.0004 2    ALA C C   
337 O O   . ALA C 3  ? 0.1201 0.1097 0.1418 0.0105  0.0226  0.0019  2    ALA C O   
338 C CB  . ALA C 3  ? 0.1126 0.1125 0.1464 0.0274  -0.0170 0.0261  2    ALA C CB  
339 N N   . TYR C 4  ? 0.1018 0.1016 0.1308 -0.0026 0.0170  -0.0129 3    TYR C N   
340 C CA  . TYR C 4  ? 0.1142 0.1144 0.1254 -0.0012 -0.0258 -0.0001 3    TYR C CA  
341 C C   . TYR C 4  ? 0.0739 0.1157 0.1148 0.0139  -0.0032 -0.0011 3    TYR C C   
342 O O   . TYR C 4  ? 0.1052 0.1240 0.1621 -0.0131 -0.0047 -0.0022 3    TYR C O   
343 C CB  . TYR C 4  ? 0.1200 0.1045 0.1442 0.0010  -0.0075 -0.0139 3    TYR C CB  
344 C CG  . TYR C 4  ? 0.1478 0.1074 0.1224 0.0111  0.0109  0.0038  3    TYR C CG  
345 C CD1 . TYR C 4  ? 0.1637 0.1042 0.1313 -0.0176 -0.0192 0.0066  3    TYR C CD1 
346 C CD2 . TYR C 4  ? 0.1000 0.1306 0.1707 -0.0051 -0.0229 -0.0175 3    TYR C CD2 
347 C CE1 . TYR C 4  ? 0.1120 0.1200 0.1747 0.0096  -0.0301 0.0152  3    TYR C CE1 
348 C CE2 . TYR C 4  ? 0.0999 0.0962 0.1517 0.0206  -0.0033 0.0164  3    TYR C CE2 
349 C CZ  . TYR C 4  ? 0.0880 0.1222 0.1705 0.0131  -0.0125 -0.0087 3    TYR C CZ  
350 O OH  . TYR C 4  ? 0.1232 0.1218 0.1902 0.0007  -0.0190 0.0018  3    TYR C OH  
351 N N   . ALA C 5  ? 0.0762 0.1216 0.1153 0.0082  -0.0175 0.0111  4    ALA C N   
352 C CA  . ALA C 5  ? 0.0957 0.1072 0.1346 0.0250  0.0017  -0.0020 4    ALA C CA  
353 C C   . ALA C 5  ? 0.1132 0.0955 0.1083 0.0090  -0.0050 0.0163  4    ALA C C   
354 O O   . ALA C 5  ? 0.1230 0.1113 0.1251 0.0133  -0.0010 0.0285  4    ALA C O   
355 C CB  . ALA C 5  ? 0.0805 0.1383 0.1208 0.0072  -0.0097 0.0159  4    ALA C CB  
356 N N   . GLN C 6  ? 0.1034 0.0927 0.1446 0.0050  0.0187  0.0061  5    GLN C N   
357 C CA  . GLN C 6  ? 0.1082 0.1095 0.1331 0.0100  -0.0003 0.0305  5    GLN C CA  
358 C C   . GLN C 6  ? 0.0987 0.1170 0.1006 0.0083  0.0024  0.0029  5    GLN C C   
359 O O   . GLN C 6  ? 0.1402 0.1275 0.1438 0.0123  0.0195  -0.0053 5    GLN C O   
360 C CB  . GLN C 6  ? 0.1240 0.1320 0.1470 0.0036  0.0192  -0.0054 5    GLN C CB  
361 C CG  . GLN C 6  ? 0.1639 0.1339 0.1641 0.0014  0.0205  -0.0394 5    GLN C CG  
362 C CD  . GLN C 6  ? 0.1948 0.1333 0.1844 0.0164  0.0079  -0.0305 5    GLN C CD  
363 O OE1 . GLN C 6  ? 0.1983 0.2108 0.2040 -0.0095 0.0034  -0.0269 5    GLN C OE1 
364 N NE2 . GLN C 6  ? 0.2253 0.1877 0.1748 -0.0157 0.0582  -0.0010 5    GLN C NE2 
365 N N   . TRP C 7  ? 0.0963 0.1110 0.1267 -0.0067 0.0055  0.0169  6    TRP C N   
366 C CA  . TRP C 7  ? 0.0785 0.1123 0.1388 0.0231  0.0217  -0.0065 6    TRP C CA  
367 C C   . TRP C 7  ? 0.0816 0.0979 0.1375 -0.0091 0.0161  0.0072  6    TRP C C   
368 O O   . TRP C 7  ? 0.1026 0.1519 0.1534 -0.0021 0.0262  0.0369  6    TRP C O   
369 C CB  . TRP C 7  ? 0.0923 0.1508 0.1504 0.0053  -0.0054 0.0177  6    TRP C CB  
370 C CG  . TRP C 7  ? 0.1209 0.1041 0.1492 0.0058  -0.0062 -0.0078 6    TRP C CG  
371 C CD1 . TRP C 7  ? 0.1370 0.1588 0.1623 0.0223  -0.0160 0.0102  6    TRP C CD1 
372 C CD2 . TRP C 7  ? 0.1155 0.1185 0.1370 -0.0026 0.0109  0.0292  6    TRP C CD2 
373 N NE1 . TRP C 7  ? 0.1130 0.1454 0.1501 0.0198  -0.0150 0.0127  6    TRP C NE1 
374 C CE2 . TRP C 7  ? 0.0954 0.1196 0.1496 -0.0092 -0.0003 0.0085  6    TRP C CE2 
375 C CE3 . TRP C 7  ? 0.1367 0.1252 0.1588 0.0121  0.0075  -0.0053 6    TRP C CE3 
376 C CZ2 . TRP C 7  ? 0.1427 0.1396 0.1803 -0.0140 -0.0053 -0.0078 6    TRP C CZ2 
377 C CZ3 . TRP C 7  ? 0.1377 0.1347 0.1742 0.0055  0.0105  -0.0025 6    TRP C CZ3 
378 C CH2 . TRP C 7  ? 0.1608 0.1313 0.1595 -0.0310 -0.0076 -0.0210 6    TRP C CH2 
379 N N   . LEU C 8  ? 0.1102 0.1104 0.1390 0.0089  0.0086  0.0276  7    LEU C N   
380 C CA  . LEU C 8  ? 0.1237 0.1146 0.1398 -0.0128 0.0002  0.0029  7    LEU C CA  
381 C C   . LEU C 8  ? 0.1110 0.1188 0.1320 0.0166  0.0103  0.0211  7    LEU C C   
382 O O   . LEU C 8  ? 0.1177 0.1324 0.1603 -0.0046 0.0178  0.0380  7    LEU C O   
383 C CB  . LEU C 8  ? 0.1211 0.1125 0.1298 0.0213  0.0005  0.0156  7    LEU C CB  
384 C CG  . LEU C 8  ? 0.1233 0.1389 0.1597 -0.0008 -0.0128 0.0072  7    LEU C CG  
385 C CD1 . LEU C 8  ? 0.1062 0.1451 0.1911 0.0331  -0.0083 0.0125  7    LEU C CD1 
386 C CD2 . LEU C 8  ? 0.1156 0.1077 0.1565 -0.0140 0.0015  -0.0095 7    LEU C CD2 
387 N N   . ALA C 9  ? 0.1353 0.1166 0.1241 -0.0125 0.0160  0.0042  8    ALA C N   
388 C CA  . ALA C 9  ? 0.1386 0.1478 0.1338 0.0140  0.0236  0.0121  8    ALA C CA  
389 C C   . ALA C 9  ? 0.1276 0.1707 0.1423 0.0013  0.0156  0.0106  8    ALA C C   
390 O O   . ALA C 9  ? 0.1769 0.2177 0.1661 0.0056  0.0385  0.0322  8    ALA C O   
391 C CB  . ALA C 9  ? 0.1454 0.1350 0.1355 -0.0060 -0.0125 -0.0021 8    ALA C CB  
392 N N   . ASP C 10 ? 0.1183 0.1746 0.1447 0.0257  0.0336  0.0085  9    ASP C N   
393 C CA  . ASP C 10 ? 0.1425 0.1589 0.1511 0.0286  0.0100  0.0195  9    ASP C CA  
394 C C   . ASP C 10 ? 0.1433 0.1738 0.1603 0.0135  0.0280  0.0017  9    ASP C C   
395 O O   . ASP C 10 ? 0.1320 0.2034 0.2337 0.0139  0.0359  0.0029  9    ASP C O   
396 C CB  . ASP C 10 ? 0.1589 0.1900 0.1663 0.0446  0.0083  0.0070  9    ASP C CB  
397 C CG  . ASP C 10 ? 0.1721 0.1428 0.2330 0.0392  0.0157  0.0220  9    ASP C CG  
398 O OD1 . ASP C 10 ? 0.2241 0.2211 0.3490 0.0133  0.0615  0.0568  9    ASP C OD1 
399 O OD2 . ASP C 10 ? 0.2734 0.2120 0.2803 -0.0268 -0.0467 0.0134  9    ASP C OD2 
400 N N   . GLY C 11 ? 0.1469 0.1755 0.1635 -0.0132 0.0198  -0.0040 10   GLY C N   
401 C CA  . GLY C 11 ? 0.1647 0.1774 0.1921 -0.0225 -0.0019 0.0189  10   GLY C CA  
402 C C   . GLY C 11 ? 0.1603 0.1716 0.1782 -0.0179 0.0052  0.0218  10   GLY C C   
403 O O   . GLY C 11 ? 0.1598 0.1534 0.1831 -0.0114 0.0132  0.0329  10   GLY C O   
404 N N   . GLY C 12 ? 0.1325 0.1708 0.1485 0.0050  0.0018  0.0040  11   GLY C N   
405 C CA  . GLY C 12 ? 0.1277 0.1676 0.1555 -0.0293 0.0097  0.0254  11   GLY C CA  
406 C C   . GLY C 12 ? 0.1257 0.1558 0.1679 -0.0177 0.0171  0.0146  11   GLY C C   
407 O O   . GLY C 12 ? 0.1254 0.1752 0.1875 -0.0021 -0.0018 0.0166  11   GLY C O   
408 N N   . PRO C 13 ? 0.1375 0.1422 0.1447 -0.0001 -0.0066 0.0052  12   PRO C N   
409 C CA  . PRO C 13 ? 0.1488 0.1746 0.1859 -0.0079 0.0144  0.0399  12   PRO C CA  
410 C C   . PRO C 13 ? 0.1630 0.1845 0.1823 -0.0193 -0.0125 0.0013  12   PRO C C   
411 O O   . PRO C 13 ? 0.1820 0.2469 0.1753 0.0034  -0.0136 0.0323  12   PRO C O   
412 C CB  . PRO C 13 ? 0.1643 0.2021 0.1693 -0.0204 0.0050  -0.0072 12   PRO C CB  
413 C CG  . PRO C 13 ? 0.2013 0.1577 0.2165 -0.0286 -0.0195 0.0029  12   PRO C CG  
414 C CD  . PRO C 13 ? 0.1581 0.1519 0.1912 -0.0028 0.0056  0.0022  12   PRO C CD  
415 N N   . SER C 14 ? 0.1594 0.1937 0.1539 -0.0072 0.0131  0.0467  13   SER C N   
416 C CA  . SER C 14 ? 0.1267 0.2061 0.1971 -0.0136 0.0188  0.0363  13   SER C CA  
417 C C   . SER C 14 ? 0.1670 0.2198 0.1725 0.0090  0.0326  0.0332  13   SER C C   
418 O O   . SER C 14 ? 0.2150 0.2506 0.2228 0.0047  0.0542  0.0170  13   SER C O   
419 C CB  . SER C 14 ? 0.1648 0.2693 0.1852 -0.0217 0.0606  0.0152  13   SER C CB  
420 O OG  . SER C 14 ? 0.2093 0.3331 0.2102 0.0053  0.0385  0.0639  13   SER C OG  
421 N N   . SER C 15 ? 0.1586 0.1927 0.1777 -0.0017 0.0251  0.0242  14   SER C N   
422 C CA  . SER C 15 ? 0.2036 0.1994 0.1473 0.0109  -0.0113 0.0276  14   SER C CA  
423 C C   . SER C 15 ? 0.1783 0.1784 0.1558 0.0232  0.0152  0.0240  14   SER C C   
424 O O   . SER C 15 ? 0.2148 0.2003 0.2147 0.0137  0.0322  0.0281  14   SER C O   
425 C CB  . SER C 15 ? 0.1784 0.1855 0.1922 -0.0102 -0.0129 -0.0057 14   SER C CB  
426 O OG  . SER C 15 ? 0.1414 0.1889 0.2002 0.0019  0.0112  0.0265  14   SER C OG  
427 N N   . GLY C 16 ? 0.1973 0.1861 0.1566 0.0177  0.0101  0.0570  15   GLY C N   
428 C CA  . GLY C 16 ? 0.1606 0.2247 0.1911 0.0130  0.0205  0.0346  15   GLY C CA  
429 C C   . GLY C 16 ? 0.1540 0.1968 0.2060 0.0184  -0.0179 0.0573  15   GLY C C   
430 O O   . GLY C 16 ? 0.1694 0.2808 0.2080 0.0447  -0.0018 0.0769  15   GLY C O   
431 N N   . ARG C 17 ? 0.1332 0.1818 0.1798 0.0146  0.0088  0.0330  16   ARG C N   
432 C CA  . ARG C 17 ? 0.1325 0.1862 0.1638 0.0012  -0.0148 0.0130  16   ARG C CA  
433 C C   . ARG C 17 ? 0.0989 0.1495 0.1517 0.0159  -0.0090 0.0284  16   ARG C C   
434 O O   . ARG C 17 ? 0.1124 0.1230 0.1870 0.0161  -0.0152 0.0210  16   ARG C O   
435 C CB  A ARG C 17 ? 0.1868 0.1674 0.2222 -0.0019 0.0035  0.0132  16   ARG C CB  
436 C CB  B ARG C 17 ? 0.1491 0.1356 0.1645 -0.0041 0.0030  0.0042  16   ARG C CB  
437 C CG  A ARG C 17 ? 0.2034 0.2279 0.2181 0.0267  0.0028  0.0011  16   ARG C CG  
438 C CG  B ARG C 17 ? 0.1024 0.1341 0.1590 -0.0046 -0.0052 -0.0044 16   ARG C CG  
439 C CD  A ARG C 17 ? 0.2260 0.2049 0.2426 0.0212  0.0252  0.0017  16   ARG C CD  
440 C CD  B ARG C 17 ? 0.1319 0.0411 0.1014 0.0008  -0.0047 -0.0043 16   ARG C CD  
441 N NE  A ARG C 17 ? 0.2768 0.3614 0.3065 0.0138  0.0165  -0.0095 16   ARG C NE  
442 N NE  B ARG C 17 ? 0.1194 0.0666 0.0937 -0.0183 -0.0414 -0.0047 16   ARG C NE  
443 C CZ  A ARG C 17 ? 0.2982 0.3265 0.3049 0.0322  -0.0136 -0.0028 16   ARG C CZ  
444 C CZ  B ARG C 17 ? 0.0862 0.0498 0.1230 -0.0083 -0.0142 -0.0090 16   ARG C CZ  
445 N NH1 A ARG C 17 ? 0.1227 0.3110 0.2651 -0.0417 -0.0194 0.0515  16   ARG C NH1 
446 N NH1 B ARG C 17 ? 0.0711 0.0372 0.1248 -0.0047 -0.0454 -0.0203 16   ARG C NH1 
447 N NH2 A ARG C 17 ? 0.2304 0.2368 0.2275 0.0135  -0.0185 0.0027  16   ARG C NH2 
448 N NH2 B ARG C 17 ? 0.0520 0.0640 0.1560 -0.0030 -0.0086 -0.0297 16   ARG C NH2 
449 N N   . PRO C 18 ? 0.1242 0.1711 0.1922 0.0199  -0.0070 0.0356  17   PRO C N   
450 C CA  . PRO C 18 ? 0.1272 0.2104 0.1657 -0.0163 -0.0246 0.0216  17   PRO C CA  
451 C C   . PRO C 18 ? 0.0976 0.1574 0.1531 0.0030  -0.0093 -0.0014 17   PRO C C   
452 O O   . PRO C 18 ? 0.1024 0.1861 0.1667 0.0073  -0.0304 0.0197  17   PRO C O   
453 C CB  . PRO C 18 ? 0.1030 0.2427 0.1472 0.0040  -0.0289 0.0365  17   PRO C CB  
454 C CG  . PRO C 18 ? 0.2623 0.1764 0.2401 -0.0439 -0.0339 -0.0028 17   PRO C CG  
455 C CD  . PRO C 18 ? 0.1381 0.2063 0.2054 0.0073  -0.0072 0.0396  17   PRO C CD  
456 N N   . PRO C 19 ? 0.1219 0.1589 0.1730 -0.0252 0.0013  -0.0027 18   PRO C N   
457 C CA  . PRO C 19 ? 0.1418 0.1505 0.1841 0.0037  0.0087  -0.0036 18   PRO C CA  
458 C C   . PRO C 19 ? 0.1242 0.1377 0.1384 -0.0011 -0.0073 0.0111  18   PRO C C   
459 O O   . PRO C 19 ? 0.1691 0.1865 0.1408 -0.0250 -0.0213 0.0017  18   PRO C O   
460 C CB  . PRO C 19 ? 0.1950 0.1959 0.2057 -0.0143 0.0395  -0.0066 18   PRO C CB  
461 C CG  . PRO C 19 ? 0.2914 0.2172 0.2252 -0.0117 -0.0413 -0.0324 18   PRO C CG  
462 C CD  . PRO C 19 ? 0.1809 0.2234 0.2118 -0.0508 0.0117  -0.0295 18   PRO C CD  
463 N N   . PRO C 20 ? 0.1080 0.1454 0.1532 -0.0023 -0.0019 0.0118  19   PRO C N   
464 C CA  . PRO C 20 ? 0.1302 0.1629 0.1559 -0.0099 -0.0131 0.0192  19   PRO C CA  
465 C C   . PRO C 20 ? 0.1367 0.1578 0.1727 -0.0089 0.0080  0.0039  19   PRO C C   
466 O O   . PRO C 20 ? 0.1523 0.1750 0.1852 0.0094  0.0238  0.0234  19   PRO C O   
467 C CB  . PRO C 20 ? 0.1823 0.2008 0.1483 -0.0190 -0.0125 -0.0231 19   PRO C CB  
468 C CG  . PRO C 20 ? 0.2409 0.2394 0.1921 -0.0162 -0.0061 -0.0048 19   PRO C CG  
469 C CD  . PRO C 20 ? 0.1465 0.1773 0.1210 0.0034  -0.0106 0.0146  19   PRO C CD  
470 N N   . SER C 21 ? 0.1202 0.1922 0.1602 -0.0091 0.0045  0.0195  20   SER C N   
471 C CA  . SER C 21 ? 0.1502 0.2357 0.1589 -0.0305 0.0004  -0.0060 20   SER C CA  
472 C C   . SER C 21 ? 0.1528 0.1819 0.1479 0.0157  0.0194  0.0251  20   SER C C   
473 O O   . SER C 21 ? 0.1779 0.1924 0.2475 0.0140  0.0105  -0.0171 20   SER C O   
474 C CB  . SER C 21 ? 0.2468 0.2493 0.2027 -0.0359 0.0587  0.0137  20   SER C CB  
475 O OG  . SER C 21 ? 0.3878 0.3633 0.3046 -0.0215 0.0000  0.0678  20   SER C OG  
476 N N   . GLY C 22 ? 0.1339 0.1574 0.1347 0.0008  -0.0234 0.0224  21   GLY C N   
477 C CA  . GLY C 22 ? 0.1582 0.1284 0.1597 -0.0127 0.0073  0.0036  21   GLY C CA  
478 C C   . GLY C 22 ? 0.1298 0.1457 0.1409 0.0050  -0.0101 0.0224  21   GLY C C   
479 O O   . GLY C 22 ? 0.1335 0.1659 0.1387 -0.0051 0.0125  0.0119  21   GLY C O   
480 C C   A TRS D .  ? 0.3219 0.3141 0.2996 0.0219  -0.0071 0.0047  22   TRS C C   
481 C C   B TRS D .  ? 0.3045 0.3113 0.3263 0.0152  -0.0069 0.0010  22   TRS C C   
482 C C1  A TRS D .  ? 0.2864 0.3222 0.2830 0.0281  -0.0187 0.0000  22   TRS C C1  
483 C C1  B TRS D .  ? 0.3165 0.3200 0.3539 -0.0078 -0.0001 0.0000  22   TRS C C1  
484 C C2  A TRS D .  ? 0.3080 0.3160 0.2593 -0.0143 -0.0047 0.0166  22   TRS C C2  
485 C C2  B TRS D .  ? 0.2613 0.2944 0.3082 0.0102  -0.0052 0.0117  22   TRS C C2  
486 C C3  A TRS D .  ? 0.3614 0.2646 0.2795 -0.0054 -0.0112 0.0291  22   TRS C C3  
487 C C3  B TRS D .  ? 0.2742 0.2878 0.2622 0.0079  -0.0043 0.0051  22   TRS C C3  
488 N N   A TRS D .  ? 0.2467 0.3060 0.2210 -0.0069 -0.0376 0.0002  22   TRS C N   
489 N N   B TRS D .  ? 0.2861 0.2534 0.3213 0.0199  0.0010  0.0311  22   TRS C N   
490 O O1  A TRS D .  ? 0.3796 0.3381 0.4117 0.0098  -0.0290 -0.0396 22   TRS C O1  
491 O O1  B TRS D .  ? 0.3449 0.3222 0.3112 0.0019  0.0019  0.0043  22   TRS C O1  
492 O O2  A TRS D .  ? 0.4341 0.4454 0.3728 0.0585  0.0502  -0.0152 22   TRS C O2  
493 O O2  B TRS D .  ? 0.3056 0.3047 0.3763 -0.0083 0.0208  -0.0005 22   TRS C O2  
494 O O3  A TRS D .  ? 0.3233 0.3535 0.3904 0.0429  0.0116  0.0009  22   TRS C O3  
495 O O3  B TRS D .  ? 0.2493 0.2324 0.2185 0.0235  -0.0069 -0.0062 22   TRS C O3  
496 O O   . HOH E .  ? 0.1435 0.1629 0.2015 0.0139  -0.0258 0.0177  1001 HOH A O   
497 O O   . HOH E .  ? 0.2024 0.2974 0.2546 0.0582  -0.0305 0.0179  1003 HOH A O   
498 O O   . HOH E .  ? 0.1495 0.2254 0.2478 0.0277  -0.0263 0.0113  1004 HOH A O   
499 O O   . HOH E .  ? 0.1587 0.2474 0.2500 0.0088  -0.0308 0.0009  1005 HOH A O   
500 O O   . HOH E .  ? 0.1868 0.1973 0.2233 0.0215  -0.0746 0.0339  1009 HOH A O   
501 O O   . HOH E .  ? 0.1729 0.1432 0.1256 -0.0940 -0.0084 -0.0164 1010 HOH A O   
502 O O   . HOH E .  ? 0.1356 0.1617 0.2379 0.0038  0.0143  0.0366  1011 HOH A O   
503 O O   . HOH E .  ? 0.1856 0.2462 0.1853 -0.0065 -0.0379 0.0367  1012 HOH A O   
504 O O   . HOH E .  ? 0.3276 0.3893 0.4200 0.0055  -0.0210 -0.0045 1030 HOH A O   
505 O O   . HOH E .  ? 0.3625 0.2505 0.4005 -0.0499 -0.0724 -0.0315 1031 HOH A O   
506 O O   . HOH E .  ? 0.3118 0.3080 0.3095 0.0228  0.0030  0.0282  1032 HOH A O   
507 O O   . HOH E .  ? 0.3097 0.2361 0.2451 0.0107  -0.0806 -0.0142 1033 HOH A O   
508 O O   . HOH E .  ? 0.4098 0.3743 0.2721 0.0323  0.0084  0.0430  1034 HOH A O   
509 O O   . HOH E .  ? 0.3569 0.2541 0.4057 0.0298  0.0220  -0.0023 1049 HOH A O   
510 O O   . HOH E .  ? 0.4686 0.3574 0.3477 -0.0649 -0.0170 -0.0424 1052 HOH A O   
511 O O   A HOH E .  ? 0.1307 0.2950 0.2673 0.0048  -0.0222 0.0238  1053 HOH A O   
512 O O   B HOH E .  ? 0.2150 0.2574 0.1909 0.0230  -0.0013 0.0092  1053 HOH A O   
513 O O   . HOH E .  ? 0.4117 0.3085 0.2492 0.0628  -0.0050 -0.0468 1054 HOH A O   
514 O O   . HOH E .  ? 0.3789 0.3000 0.3984 0.0319  -0.0481 -0.0324 1072 HOH A O   
515 O O   . HOH E .  ? 0.1741 0.3021 0.3105 -0.0632 -0.0353 -0.0125 1073 HOH A O   
516 O O   . HOH E .  ? 0.2097 0.3056 0.2955 -0.0025 -0.0340 -0.0454 1074 HOH A O   
517 O O   . HOH E .  ? 0.2369 0.2382 0.3369 0.0107  -0.0744 -0.0804 1075 HOH A O   
518 O O   . HOH E .  ? 0.5713 0.4130 0.3996 0.0814  -0.0100 0.0104  1089 HOH A O   
519 O O   . HOH E .  ? 0.4674 0.4617 0.4114 0.0654  -0.0111 0.0166  1090 HOH A O   
520 O O   . HOH E .  ? 0.3059 0.3531 0.3481 0.0152  -0.0301 0.0350  1094 HOH A O   
521 O O   . HOH E .  ? 0.5260 0.5061 0.3125 -0.0317 0.0670  -0.0017 1095 HOH A O   
522 O O   . HOH E .  ? 0.4085 0.4302 0.4687 0.0492  -0.0602 -0.0292 1104 HOH A O   
523 O O   . HOH E .  ? 0.3908 0.4215 0.4686 -0.0903 -0.0309 -0.0706 1105 HOH A O   
524 O O   . HOH F .  ? 0.1640 0.1352 0.3598 0.0306  0.0429  0.0758  1013 HOH B O   
525 O O   . HOH F .  ? 0.1264 0.1867 0.1955 0.0004  -0.0058 0.0237  1014 HOH B O   
526 O O   . HOH F .  ? 0.0808 0.0662 0.1373 0.0039  -0.0046 -0.0017 1015 HOH B O   
527 O O   . HOH F .  ? 0.1982 0.1814 0.1571 0.0434  0.0215  0.0357  1016 HOH B O   
528 O O   . HOH F .  ? 0.1401 0.1250 0.1174 -0.0074 0.0165  0.0030  1017 HOH B O   
529 O O   . HOH F .  ? 0.1480 0.1486 0.1319 0.0009  0.0236  0.0252  1021 HOH B O   
530 O O   . HOH F .  ? 0.4102 0.3824 0.3100 -0.0463 -0.0037 0.0050  1035 HOH B O   
531 O O   . HOH F .  ? 0.2045 0.2388 0.1992 0.0163  0.0301  -0.0281 1036 HOH B O   
532 O O   . HOH F .  ? 0.2222 0.0631 0.1267 0.0345  0.1231  0.0197  1037 HOH B O   
533 O O   . HOH F .  ? 0.2994 0.2062 0.2004 -0.0319 0.0545  -0.0110 1038 HOH B O   
534 O O   . HOH F .  ? 0.2733 0.4036 0.2572 0.0618  -0.0182 -0.0543 1039 HOH B O   
535 O O   . HOH F .  ? 0.1825 0.2126 0.2174 -0.0131 -0.0012 -0.0176 1040 HOH B O   
536 O O   . HOH F .  ? 0.3496 0.2894 0.3088 -0.0226 -0.0719 0.0012  1041 HOH B O   
537 O O   . HOH F .  ? 0.2780 0.1831 0.1747 0.0267  0.0032  -0.0240 1042 HOH B O   
538 O O   . HOH F .  ? 0.2974 0.4044 0.4242 0.0509  0.0386  -0.0193 1043 HOH B O   
539 O O   . HOH F .  ? 0.4276 0.5193 0.2341 0.0476  0.0159  -0.0084 1068 HOH B O   
540 O O   . HOH F .  ? 0.2647 0.5806 0.3248 -0.0721 -0.0264 -0.0759 1070 HOH B O   
541 O O   . HOH F .  ? 0.3938 0.5489 0.3460 -0.0544 -0.0556 0.0073  1071 HOH B O   
542 O O   . HOH F .  ? 0.4551 0.5113 0.3236 0.0332  -0.0223 0.0268  1077 HOH B O   
543 O O   A HOH F .  ? 0.2902 0.2561 0.2448 0.0048  0.0127  -0.0592 1091 HOH B O   
544 O O   B HOH F .  ? 0.2875 0.3057 0.2820 -0.0309 0.0245  0.0026  1091 HOH B O   
545 O O   . HOH G .  ? 0.2183 0.2402 0.2316 -0.0370 -0.0002 0.0394  1002 HOH C O   
546 O O   . HOH G .  ? 0.1616 0.1911 0.2790 0.0013  -0.0335 0.0681  1006 HOH C O   
547 O O   . HOH G .  ? 0.1879 0.1466 0.2356 0.0043  -0.0103 0.0168  1007 HOH C O   
548 O O   . HOH G .  ? 0.1653 0.1666 0.2146 0.0125  -0.0216 0.0183  1008 HOH C O   
549 O O   . HOH G .  ? 0.2334 0.0758 0.1112 -0.0072 0.0314  -0.0220 1018 HOH C O   
550 O O   . HOH G .  ? 0.1729 0.2389 0.2000 -0.0020 0.0023  -0.0421 1019 HOH C O   
551 O O   . HOH G .  ? 0.1451 0.1873 0.1887 -0.0266 0.0077  -0.0249 1020 HOH C O   
552 O O   . HOH G .  ? 0.1412 0.1722 0.1707 0.0007  0.0595  0.0031  1022 HOH C O   
553 O O   . HOH G .  ? 0.1437 0.1705 0.2396 0.0168  0.0073  -0.0050 1023 HOH C O   
554 O O   . HOH G .  ? 0.2589 0.2437 0.1691 0.0067  0.0077  -0.0105 1024 HOH C O   
555 O O   . HOH G .  ? 0.3405 0.3347 0.3269 -0.0466 -0.0787 0.0114  1025 HOH C O   
556 O O   . HOH G .  ? 0.2359 0.2689 0.2994 0.0635  0.0410  -0.0015 1026 HOH C O   
557 O O   . HOH G .  ? 0.2191 0.2679 0.2557 0.0027  0.0049  0.0461  1027 HOH C O   
558 O O   . HOH G .  ? 0.1821 0.2667 0.3221 -0.0179 -0.0153 0.0500  1028 HOH C O   
559 O O   . HOH G .  ? 0.1835 0.1703 0.2195 0.0025  0.0130  -0.0107 1029 HOH C O   
560 O O   . HOH G .  ? 0.2707 0.2770 0.2664 -0.0535 -0.0699 0.0503  1044 HOH C O   
561 O O   . HOH G .  ? 0.2910 0.2476 0.3415 -0.0019 -0.0241 0.0169  1045 HOH C O   
562 O O   . HOH G .  ? 0.2341 0.3277 0.3929 -0.0060 0.0054  0.0122  1046 HOH C O   
563 O O   . HOH G .  ? 0.4456 0.2592 0.2387 -0.1054 0.0287  -0.0452 1047 HOH C O   
564 O O   . HOH G .  ? 0.1564 0.1642 0.1160 -0.0341 0.0103  0.0278  1048 HOH C O   
565 O O   . HOH G .  ? 0.3549 0.3488 0.2793 -0.0628 0.0661  -0.0460 1050 HOH C O   
566 O O   . HOH G .  ? 0.4534 0.2918 0.2747 -0.0361 -0.0294 0.0143  1051 HOH C O   
567 O O   . HOH G .  ? 0.3298 0.2135 0.2243 0.0066  0.0296  -0.0234 1055 HOH C O   
568 O O   . HOH G .  ? 0.3025 0.2577 0.2909 -0.0331 0.0580  -0.0701 1056 HOH C O   
569 O O   . HOH G .  ? 0.3562 0.4136 0.2684 -0.0534 0.0422  -0.0259 1057 HOH C O   
570 O O   . HOH G .  ? 0.3255 0.4013 0.5457 -0.0464 0.0121  -0.0106 1058 HOH C O   
571 O O   . HOH G .  ? 0.2485 0.4380 0.4029 0.0382  -0.0854 0.0997  1059 HOH C O   
572 O O   . HOH G .  ? 0.3465 0.3230 0.1876 0.0190  0.0454  0.0161  1060 HOH C O   
573 O O   . HOH G .  ? 0.2468 0.3251 0.2471 -0.0275 -0.1222 -0.0514 1061 HOH C O   
574 O O   . HOH G .  ? 0.2377 0.3037 0.2358 -0.0236 0.0270  0.0076  1062 HOH C O   
575 O O   . HOH G .  ? 0.2512 0.4140 0.4737 0.0430  -0.0130 0.0033  1063 HOH C O   
576 O O   . HOH G .  ? 0.3889 0.4013 0.3380 0.0034  0.0997  -0.0301 1064 HOH C O   
577 O O   . HOH G .  ? 0.3449 0.2755 0.3762 0.0298  0.0274  -0.0012 1065 HOH C O   
578 O O   . HOH G .  ? 0.2678 0.4181 0.3037 0.0359  0.0467  0.1717  1066 HOH C O   
579 O O   . HOH G .  ? 0.3556 0.3623 0.2919 0.0255  -0.0092 -0.0074 1067 HOH C O   
580 O O   . HOH G .  ? 0.2055 0.4072 0.3504 0.0026  -0.0403 0.0225  1069 HOH C O   
581 O O   . HOH G .  ? 0.3128 0.5079 0.3821 -0.0435 -0.0044 -0.0384 1076 HOH C O   
582 O O   . HOH G .  ? 0.3796 0.3139 0.3467 -0.0285 0.0495  0.0237  1078 HOH C O   
583 O O   . HOH G .  ? 0.5431 0.3734 0.2958 0.0376  0.0669  0.0173  1079 HOH C O   
584 O O   . HOH G .  ? 0.4480 0.4375 0.3105 0.0937  0.0591  -0.0187 1080 HOH C O   
585 O O   . HOH G .  ? 0.3376 0.5368 0.3607 -0.0205 0.0307  -0.0094 1081 HOH C O   
586 O O   . HOH G .  ? 0.3928 0.3913 0.3256 0.0099  -0.0228 -0.0066 1082 HOH C O   
587 O O   . HOH G .  ? 0.4064 0.4469 0.3688 -0.1334 -0.0756 0.0417  1083 HOH C O   
588 O O   . HOH G .  ? 0.4602 0.3665 0.3256 -0.0085 0.0113  0.0714  1084 HOH C O   
589 O O   . HOH G .  ? 0.2278 0.2517 0.3070 0.0092  -0.0450 -0.0237 1085 HOH C O   
590 O O   . HOH G .  ? 0.3506 0.4974 0.5816 0.0639  0.0448  -0.0220 1086 HOH C O   
591 O O   . HOH G .  ? 0.2941 0.4180 0.3928 0.0077  0.0360  0.0263  1087 HOH C O   
592 O O   . HOH G .  ? 0.3765 0.3831 0.5269 0.0566  -0.0506 0.0375  1092 HOH C O   
593 O O   . HOH G .  ? 0.3738 0.4742 0.5415 0.0619  0.0228  -0.1039 1097 HOH C O   
594 O O   . HOH G .  ? 0.5256 0.6080 0.5088 0.0331  0.0140  0.0263  1098 HOH C O   
595 O O   . HOH G .  ? 0.3335 0.6066 0.5483 -0.0381 -0.1263 0.0705  1099 HOH C O   
596 O O   . HOH G .  ? 0.5918 0.6683 0.4710 -0.0145 0.0182  -0.0205 1100 HOH C O   
597 O O   . HOH G .  ? 0.4553 0.4005 0.4318 0.1257  0.0188  0.0333  1101 HOH C O   
598 O O   . HOH G .  ? 0.3722 0.5744 0.4743 0.0073  0.1150  0.0259  1102 HOH C O   
599 O O   . HOH G .  ? 0.4219 0.4837 0.4773 0.0440  0.1354  0.0678  1103 HOH C O   
# 
